data_9EXZ
#
_entry.id   9EXZ
#
_cell.length_a   163.249
_cell.length_b   67.825
_cell.length_c   173.693
_cell.angle_alpha   90.000
_cell.angle_beta   103.200
_cell.angle_gamma   90.000
#
_symmetry.space_group_name_H-M   'C 1 2 1'
#
_entity_poly.entity_id   1
_entity_poly.type   'polypeptide(L)'
_entity_poly.pdbx_seq_one_letter_code
;MSIADIAFIDAAFTRTPEARANYLAVTRAALEGRLALFAARLARHSEAEVAATIDPGFLLDILDLLYSLPAALREALPAE
VQARIALFEAFLARYADHPNLALVGRVFREIQAIRAKYSGKLPDEYINTLALIRVDRARLVRDMRLVEETAVIVAAYALA
FDPPERHPEAEARMRATIERANALRRAAGFPPSLAPEEGLARARRLAARLRALRAAVRARRLPTGVPLTPEQAAAILATL
ERLYEVALEIGRAIDAYLAAAEAYAATAAELEANGASLDPAARAALMEATLRARGAVIRERAALLRLLRRFYALVLELDF
LLLRAYAEAGHDPDDPALLALLRELDPFNGMTTSELHRRRRRLRDLYIDLVAAMLRGVKNGELTWEEVVAIMDGLLARLA
DPEVSEEEALVGLLEEIVKDKKPIAEKALKIAVDFVEANPEFLRDGRAGLALIRVVLEYALDDPDAHKELVAFAAAHLPR
ALDAAVDEIRDLLNDVRILFHSKPSPFLSAEEQKALAKKKLKQVKEILDLMKEIAELAKKIKAKSKDPEVKALMDAMLAD
IQAAAKEIAKHLEELLKDKELAAAFPELKTLLKLAKEIVKMLEHHHHHH
;
_entity_poly.pdbx_strand_id   A,B,C
#
# COMPACT_ATOMS: atom_id res chain seq x y z
N SER A 2 -9.45 -8.02 31.21
CA SER A 2 -10.21 -9.27 31.43
C SER A 2 -9.39 -10.26 32.27
N ILE A 3 -10.00 -11.41 32.57
CA ILE A 3 -9.35 -12.45 33.42
C ILE A 3 -8.27 -13.13 32.58
N ALA A 4 -8.50 -13.23 31.27
CA ALA A 4 -7.54 -13.89 30.36
C ALA A 4 -6.23 -13.08 30.35
N ASP A 5 -6.31 -11.76 30.51
CA ASP A 5 -5.10 -10.91 30.54
C ASP A 5 -4.33 -11.17 31.83
N ILE A 6 -5.00 -11.28 32.98
CA ILE A 6 -4.26 -11.51 34.25
C ILE A 6 -3.61 -12.88 34.17
N ALA A 7 -4.31 -13.87 33.62
CA ALA A 7 -3.76 -15.24 33.53
C ALA A 7 -2.57 -15.22 32.56
N PHE A 8 -2.65 -14.47 31.46
CA PHE A 8 -1.54 -14.38 30.48
C PHE A 8 -0.32 -13.75 31.12
N ILE A 9 -0.49 -12.61 31.79
CA ILE A 9 0.60 -11.94 32.55
C ILE A 9 1.25 -12.99 33.46
N ASP A 10 0.43 -13.65 34.26
CA ASP A 10 0.88 -14.69 35.21
C ASP A 10 1.78 -15.68 34.48
N ALA A 11 1.30 -16.24 33.37
CA ALA A 11 2.03 -17.33 32.68
C ALA A 11 3.33 -16.80 32.09
N ALA A 12 3.30 -15.62 31.47
CA ALA A 12 4.47 -15.08 30.74
C ALA A 12 5.53 -14.61 31.74
N PHE A 13 5.20 -14.44 33.01
CA PHE A 13 6.20 -13.96 34.00
C PHE A 13 6.59 -15.05 35.00
N THR A 14 5.69 -15.92 35.43
CA THR A 14 6.02 -16.90 36.49
C THR A 14 6.75 -18.11 35.88
N ARG A 15 6.41 -18.46 34.64
CA ARG A 15 7.09 -19.52 33.85
C ARG A 15 6.98 -20.90 34.51
N THR A 16 5.84 -21.21 35.06
CA THR A 16 5.64 -22.52 35.68
C THR A 16 4.74 -23.33 34.77
N PRO A 17 4.76 -24.67 34.86
CA PRO A 17 3.87 -25.50 34.08
C PRO A 17 2.45 -25.24 34.59
N GLU A 18 2.28 -24.97 35.88
CA GLU A 18 0.94 -24.74 36.50
C GLU A 18 0.35 -23.41 36.04
N ALA A 19 1.22 -22.46 35.63
CA ALA A 19 0.76 -21.13 35.16
C ALA A 19 0.31 -21.24 33.70
N ARG A 20 1.09 -21.91 32.86
CA ARG A 20 0.71 -22.07 31.44
C ARG A 20 -0.56 -22.90 31.41
N ALA A 21 -0.62 -23.91 32.26
CA ALA A 21 -1.79 -24.78 32.36
C ALA A 21 -3.01 -23.90 32.63
N ASN A 22 -2.94 -23.03 33.64
CA ASN A 22 -4.08 -22.19 34.06
C ASN A 22 -4.46 -21.28 32.90
N TYR A 23 -3.46 -20.65 32.28
CA TYR A 23 -3.66 -19.70 31.17
C TYR A 23 -4.35 -20.42 30.02
N LEU A 24 -3.91 -21.62 29.69
CA LEU A 24 -4.44 -22.32 28.49
C LEU A 24 -5.90 -22.70 28.72
N ALA A 25 -6.24 -23.10 29.94
CA ALA A 25 -7.63 -23.43 30.31
C ALA A 25 -8.49 -22.16 30.29
N VAL A 26 -8.01 -21.07 30.91
CA VAL A 26 -8.73 -19.77 30.94
C VAL A 26 -8.93 -19.28 29.51
N THR A 27 -7.88 -19.28 28.70
CA THR A 27 -7.92 -18.75 27.32
C THR A 27 -8.93 -19.60 26.54
N ARG A 28 -8.88 -20.92 26.72
CA ARG A 28 -9.86 -21.78 26.03
C ARG A 28 -11.29 -21.42 26.47
N ALA A 29 -11.55 -21.25 27.76
CA ALA A 29 -12.93 -21.01 28.25
C ALA A 29 -13.41 -19.64 27.78
N ALA A 30 -12.58 -18.62 27.90
CA ALA A 30 -12.90 -17.25 27.44
C ALA A 30 -13.29 -17.32 25.95
N LEU A 31 -12.50 -18.06 25.16
CA LEU A 31 -12.75 -18.17 23.71
C LEU A 31 -14.10 -18.82 23.48
N GLU A 32 -14.40 -19.92 24.18
CA GLU A 32 -15.66 -20.66 23.95
C GLU A 32 -16.83 -19.69 24.20
N GLY A 33 -16.78 -18.93 25.29
CA GLY A 33 -17.78 -17.90 25.61
C GLY A 33 -17.90 -16.85 24.50
N ARG A 34 -16.78 -16.27 24.08
CA ARG A 34 -16.75 -15.26 23.02
C ARG A 34 -17.41 -15.81 21.75
N LEU A 35 -17.13 -17.05 21.40
CA LEU A 35 -17.65 -17.60 20.12
C LEU A 35 -19.15 -17.83 20.29
N ALA A 36 -19.61 -18.17 21.49
CA ALA A 36 -21.06 -18.38 21.70
C ALA A 36 -21.81 -17.06 21.49
N LEU A 37 -21.25 -15.95 21.96
CA LEU A 37 -21.91 -14.63 21.86
C LEU A 37 -21.96 -14.23 20.38
N PHE A 38 -20.87 -14.49 19.65
CA PHE A 38 -20.80 -14.12 18.21
C PHE A 38 -21.92 -14.85 17.45
N ALA A 39 -22.09 -16.14 17.71
CA ALA A 39 -23.05 -16.98 16.98
C ALA A 39 -24.46 -16.49 17.30
N ALA A 40 -24.70 -16.07 18.54
CA ALA A 40 -26.01 -15.51 18.96
C ALA A 40 -26.28 -14.20 18.20
N ARG A 41 -25.24 -13.38 18.04
CA ARG A 41 -25.40 -12.07 17.39
C ARG A 41 -25.61 -12.28 15.88
N LEU A 42 -24.90 -13.24 15.29
CA LEU A 42 -25.05 -13.58 13.86
C LEU A 42 -26.45 -14.13 13.60
N ALA A 43 -27.10 -14.69 14.62
CA ALA A 43 -28.40 -15.38 14.42
C ALA A 43 -29.57 -14.40 14.52
N ARG A 44 -29.41 -13.31 15.28
CA ARG A 44 -30.52 -12.40 15.63
C ARG A 44 -30.86 -11.47 14.45
N HIS A 45 -29.98 -11.31 13.46
CA HIS A 45 -30.20 -10.32 12.37
C HIS A 45 -29.59 -10.82 11.06
N SER A 46 -29.55 -9.96 10.05
CA SER A 46 -28.90 -10.23 8.74
C SER A 46 -27.41 -9.96 8.87
N GLU A 47 -26.60 -10.67 8.11
CA GLU A 47 -25.13 -10.50 8.14
C GLU A 47 -24.76 -9.03 7.88
N ALA A 48 -25.53 -8.35 7.03
CA ALA A 48 -25.29 -6.92 6.70
C ALA A 48 -25.52 -6.03 7.92
N GLU A 49 -26.60 -6.29 8.67
CA GLU A 49 -26.94 -5.50 9.88
C GLU A 49 -25.86 -5.76 10.93
N VAL A 50 -25.49 -7.02 11.13
CA VAL A 50 -24.44 -7.43 12.11
C VAL A 50 -23.15 -6.69 11.75
N ALA A 51 -22.81 -6.68 10.47
CA ALA A 51 -21.53 -6.14 9.98
C ALA A 51 -21.45 -4.64 10.27
N ALA A 52 -22.60 -3.96 10.28
CA ALA A 52 -22.65 -2.49 10.44
C ALA A 52 -22.79 -2.10 11.92
N THR A 53 -23.22 -3.02 12.79
CA THR A 53 -23.55 -2.66 14.19
C THR A 53 -22.62 -3.36 15.20
N ILE A 54 -21.97 -4.46 14.85
CA ILE A 54 -21.21 -5.26 15.84
C ILE A 54 -19.94 -4.50 16.20
N ASP A 55 -19.60 -4.49 17.49
CA ASP A 55 -18.37 -3.85 17.99
C ASP A 55 -17.14 -4.50 17.35
N PRO A 56 -16.31 -3.77 16.59
CA PRO A 56 -15.07 -4.33 16.05
C PRO A 56 -14.16 -4.95 17.12
N GLY A 57 -14.13 -4.36 18.31
CA GLY A 57 -13.21 -4.82 19.36
C GLY A 57 -13.60 -6.20 19.83
N PHE A 58 -14.87 -6.54 19.74
CA PHE A 58 -15.35 -7.89 20.08
C PHE A 58 -14.70 -8.90 19.15
N LEU A 59 -14.59 -8.56 17.87
CA LEU A 59 -13.99 -9.46 16.85
C LEU A 59 -12.48 -9.51 17.06
N LEU A 60 -11.84 -8.38 17.37
CA LEU A 60 -10.40 -8.39 17.72
C LEU A 60 -10.16 -9.31 18.92
N ASP A 61 -11.03 -9.26 19.93
CA ASP A 61 -10.88 -10.09 21.14
C ASP A 61 -10.94 -11.57 20.75
N ILE A 62 -11.82 -11.92 19.80
CA ILE A 62 -11.92 -13.34 19.35
C ILE A 62 -10.62 -13.70 18.64
N LEU A 63 -10.07 -12.85 17.78
CA LEU A 63 -8.80 -13.21 17.09
C LEU A 63 -7.69 -13.37 18.12
N ASP A 64 -7.64 -12.46 19.07
CA ASP A 64 -6.60 -12.50 20.13
C ASP A 64 -6.66 -13.86 20.86
N LEU A 65 -7.83 -14.23 21.36
CA LEU A 65 -7.98 -15.52 22.10
C LEU A 65 -7.67 -16.68 21.15
N LEU A 66 -8.18 -16.64 19.93
CA LEU A 66 -7.98 -17.74 18.95
C LEU A 66 -6.49 -18.01 18.81
N TYR A 67 -5.66 -16.99 18.60
CA TYR A 67 -4.21 -17.22 18.34
C TYR A 67 -3.39 -17.09 19.61
N SER A 68 -4.04 -16.97 20.76
CA SER A 68 -3.40 -17.20 22.07
C SER A 68 -3.40 -18.69 22.40
N LEU A 69 -4.30 -19.47 21.81
CA LEU A 69 -4.15 -20.93 21.93
C LEU A 69 -2.99 -21.35 21.05
N PRO A 70 -2.29 -22.44 21.44
CA PRO A 70 -1.45 -23.17 20.49
C PRO A 70 -2.38 -23.76 19.42
N ALA A 71 -1.91 -23.85 18.18
CA ALA A 71 -2.73 -24.32 17.05
C ALA A 71 -3.28 -25.71 17.41
N ALA A 72 -2.46 -26.53 18.06
CA ALA A 72 -2.81 -27.91 18.43
C ALA A 72 -4.08 -27.92 19.27
N LEU A 73 -4.16 -27.06 20.28
CA LEU A 73 -5.32 -26.97 21.20
C LEU A 73 -6.56 -26.51 20.40
N ARG A 74 -6.36 -25.58 19.48
CA ARG A 74 -7.49 -25.04 18.67
C ARG A 74 -8.04 -26.15 17.79
N GLU A 75 -7.21 -26.82 17.04
CA GLU A 75 -7.69 -27.85 16.07
C GLU A 75 -8.26 -29.03 16.85
N ALA A 76 -8.15 -28.97 18.16
CA ALA A 76 -8.63 -30.08 19.00
C ALA A 76 -9.93 -29.70 19.69
N LEU A 77 -10.41 -28.47 19.46
CA LEU A 77 -11.62 -28.01 20.18
C LEU A 77 -12.82 -28.83 19.70
N PRO A 78 -13.86 -29.00 20.52
CA PRO A 78 -15.06 -29.73 20.10
C PRO A 78 -15.65 -29.20 18.78
N ALA A 79 -16.64 -29.89 18.23
CA ALA A 79 -17.15 -29.63 16.86
C ALA A 79 -17.94 -28.33 16.82
N GLU A 80 -18.78 -28.05 17.86
CA GLU A 80 -19.61 -26.81 17.83
C GLU A 80 -18.70 -25.61 17.95
N VAL A 81 -17.59 -25.70 18.70
CA VAL A 81 -16.60 -24.59 18.77
C VAL A 81 -15.95 -24.47 17.39
N GLN A 82 -15.63 -25.59 16.76
CA GLN A 82 -15.03 -25.59 15.40
C GLN A 82 -16.03 -25.02 14.41
N ALA A 83 -17.32 -25.32 14.59
CA ALA A 83 -18.39 -24.83 13.72
C ALA A 83 -18.47 -23.32 13.86
N ARG A 84 -18.38 -22.84 15.11
CA ARG A 84 -18.44 -21.39 15.40
C ARG A 84 -17.19 -20.70 14.80
N ILE A 85 -16.02 -21.33 14.88
CA ILE A 85 -14.78 -20.68 14.37
C ILE A 85 -14.93 -20.54 12.86
N ALA A 86 -15.51 -21.53 12.20
CA ALA A 86 -15.70 -21.49 10.73
C ALA A 86 -16.71 -20.38 10.37
N LEU A 87 -17.80 -20.28 11.13
CA LEU A 87 -18.83 -19.22 10.95
C LEU A 87 -18.18 -17.84 11.09
N PHE A 88 -17.43 -17.67 12.17
CA PHE A 88 -16.66 -16.42 12.46
C PHE A 88 -15.75 -16.09 11.27
N GLU A 89 -14.93 -17.04 10.84
CA GLU A 89 -13.93 -16.77 9.79
C GLU A 89 -14.65 -16.44 8.48
N ALA A 90 -15.76 -17.13 8.16
CA ALA A 90 -16.49 -16.88 6.90
C ALA A 90 -17.03 -15.44 6.93
N PHE A 91 -17.60 -15.06 8.06
CA PHE A 91 -18.18 -13.71 8.23
C PHE A 91 -17.08 -12.66 8.01
N LEU A 92 -15.94 -12.80 8.68
CA LEU A 92 -14.85 -11.81 8.52
C LEU A 92 -14.36 -11.77 7.08
N ALA A 93 -14.26 -12.92 6.43
CA ALA A 93 -13.78 -12.95 5.03
C ALA A 93 -14.75 -12.12 4.18
N ARG A 94 -16.06 -12.30 4.41
CA ARG A 94 -17.10 -11.65 3.57
C ARG A 94 -17.10 -10.14 3.78
N TYR A 95 -16.93 -9.66 5.00
CA TYR A 95 -17.17 -8.23 5.31
C TYR A 95 -15.87 -7.54 5.68
N ALA A 96 -14.74 -8.06 5.20
CA ALA A 96 -13.40 -7.51 5.51
C ALA A 96 -13.32 -6.06 5.03
N ASP A 97 -14.08 -5.68 3.99
CA ASP A 97 -14.00 -4.31 3.44
C ASP A 97 -15.03 -3.38 4.09
N HIS A 98 -15.97 -3.90 4.87
CA HIS A 98 -17.01 -3.06 5.53
C HIS A 98 -16.34 -1.96 6.35
N PRO A 99 -16.77 -0.69 6.20
CA PRO A 99 -16.15 0.41 6.93
C PRO A 99 -16.05 0.13 8.45
N ASN A 100 -17.06 -0.51 9.02
CA ASN A 100 -17.09 -0.83 10.47
C ASN A 100 -16.00 -1.82 10.84
N LEU A 101 -15.70 -2.79 9.97
CA LEU A 101 -14.82 -3.95 10.29
C LEU A 101 -13.45 -3.82 9.63
N ALA A 102 -13.10 -2.68 9.02
CA ALA A 102 -11.91 -2.62 8.13
C ALA A 102 -10.65 -3.10 8.86
N LEU A 103 -10.41 -2.59 10.06
CA LEU A 103 -9.19 -2.92 10.85
C LEU A 103 -9.15 -4.43 11.14
N VAL A 104 -10.27 -5.01 11.57
CA VAL A 104 -10.31 -6.47 11.84
C VAL A 104 -10.08 -7.21 10.52
N GLY A 105 -10.64 -6.69 9.43
CA GLY A 105 -10.53 -7.32 8.10
C GLY A 105 -9.09 -7.42 7.67
N ARG A 106 -8.35 -6.33 7.82
CA ARG A 106 -6.91 -6.32 7.49
C ARG A 106 -6.21 -7.39 8.32
N VAL A 107 -6.49 -7.44 9.61
CA VAL A 107 -5.84 -8.45 10.49
C VAL A 107 -6.15 -9.85 9.96
N PHE A 108 -7.42 -10.12 9.65
CA PHE A 108 -7.84 -11.45 9.19
C PHE A 108 -7.09 -11.82 7.89
N ARG A 109 -6.89 -10.84 7.01
CA ARG A 109 -6.26 -11.12 5.69
C ARG A 109 -4.78 -11.40 5.88
N GLU A 110 -4.14 -10.66 6.78
CA GLU A 110 -2.72 -10.87 7.12
C GLU A 110 -2.54 -12.29 7.70
N ILE A 111 -3.45 -12.76 8.55
CA ILE A 111 -3.27 -14.11 9.16
C ILE A 111 -3.49 -15.17 8.07
N GLN A 112 -4.50 -15.00 7.24
CA GLN A 112 -4.77 -15.90 6.07
C GLN A 112 -3.50 -15.99 5.20
N ALA A 113 -2.85 -14.83 4.92
CA ALA A 113 -1.65 -14.75 4.06
C ALA A 113 -0.49 -15.50 4.74
N ILE A 114 -0.25 -15.24 6.02
CA ILE A 114 0.81 -15.95 6.78
C ILE A 114 0.57 -17.44 6.63
N ARG A 115 -0.66 -17.91 6.80
CA ARG A 115 -0.88 -19.37 6.75
C ARG A 115 -0.57 -19.87 5.33
N ALA A 116 -1.04 -19.14 4.32
CA ALA A 116 -0.78 -19.57 2.92
C ALA A 116 0.74 -19.68 2.70
N LYS A 117 1.48 -18.64 3.09
CA LYS A 117 2.95 -18.59 2.86
C LYS A 117 3.63 -19.73 3.63
N TYR A 118 3.46 -19.81 4.95
CA TYR A 118 4.39 -20.56 5.83
C TYR A 118 3.80 -21.86 6.35
N SER A 119 2.56 -22.22 6.08
CA SER A 119 1.98 -23.41 6.75
C SER A 119 2.80 -24.65 6.38
N GLY A 120 3.05 -25.52 7.35
CA GLY A 120 3.68 -26.84 7.12
C GLY A 120 5.20 -26.73 7.08
N LYS A 121 5.73 -25.75 6.36
CA LYS A 121 7.19 -25.45 6.35
C LYS A 121 7.68 -25.15 7.77
N LEU A 122 7.24 -24.03 8.35
CA LEU A 122 7.72 -23.62 9.70
C LEU A 122 6.81 -24.23 10.75
N PRO A 123 7.28 -24.28 12.02
CA PRO A 123 6.45 -24.79 13.11
C PRO A 123 5.18 -23.97 13.34
N ASP A 124 4.08 -24.69 13.65
CA ASP A 124 2.72 -24.09 13.74
C ASP A 124 2.68 -23.08 14.88
N GLU A 125 3.41 -23.28 15.97
CA GLU A 125 3.31 -22.28 17.06
C GLU A 125 4.26 -21.11 16.79
N TYR A 126 5.19 -21.22 15.82
CA TYR A 126 5.90 -20.03 15.28
C TYR A 126 4.91 -19.21 14.44
N ILE A 127 4.11 -19.89 13.63
CA ILE A 127 3.06 -19.25 12.80
C ILE A 127 2.04 -18.59 13.72
N ASN A 128 1.62 -19.28 14.79
CA ASN A 128 0.67 -18.68 15.77
C ASN A 128 1.27 -17.39 16.34
N THR A 129 2.57 -17.37 16.54
CA THR A 129 3.20 -16.18 17.12
C THR A 129 3.12 -15.04 16.11
N LEU A 130 3.42 -15.30 14.84
CA LEU A 130 3.22 -14.27 13.80
C LEU A 130 1.75 -13.81 13.77
N ALA A 131 0.81 -14.74 13.89
CA ALA A 131 -0.64 -14.42 13.88
C ALA A 131 -0.99 -13.48 15.04
N LEU A 132 -0.55 -13.80 16.27
CA LEU A 132 -0.80 -12.92 17.43
C LEU A 132 -0.18 -11.54 17.15
N ILE A 133 1.00 -11.50 16.52
CA ILE A 133 1.66 -10.20 16.29
C ILE A 133 0.77 -9.35 15.39
N ARG A 134 0.19 -9.93 14.34
CA ARG A 134 -0.74 -9.17 13.45
C ARG A 134 -1.93 -8.63 14.29
N VAL A 135 -2.52 -9.45 15.14
CA VAL A 135 -3.67 -9.00 15.98
C VAL A 135 -3.21 -7.83 16.86
N ASP A 136 -2.06 -7.95 17.50
CA ASP A 136 -1.61 -6.94 18.49
C ASP A 136 -1.28 -5.64 17.74
N ARG A 137 -0.91 -5.72 16.49
CA ARG A 137 -0.60 -4.46 15.78
C ARG A 137 -1.90 -3.74 15.42
N ALA A 138 -2.99 -4.46 15.26
CA ALA A 138 -4.32 -3.82 15.14
C ALA A 138 -4.69 -3.18 16.49
N ARG A 139 -4.27 -3.74 17.60
CA ARG A 139 -4.54 -3.07 18.89
C ARG A 139 -3.64 -1.84 19.04
N LEU A 140 -2.44 -1.85 18.48
CA LEU A 140 -1.53 -0.69 18.68
C LEU A 140 -2.06 0.47 17.88
N VAL A 141 -2.70 0.26 16.73
CA VAL A 141 -3.31 1.41 15.99
C VAL A 141 -4.37 2.09 16.88
N ARG A 142 -5.23 1.30 17.53
CA ARG A 142 -6.34 1.88 18.33
C ARG A 142 -5.76 2.59 19.56
N ASP A 143 -4.76 1.96 20.18
CA ASP A 143 -4.10 2.51 21.38
C ASP A 143 -3.37 3.79 21.00
N MET A 144 -2.81 3.86 19.80
CA MET A 144 -2.08 5.07 19.39
C MET A 144 -3.08 6.21 19.21
N ARG A 145 -4.31 5.91 18.86
CA ARG A 145 -5.36 6.95 18.78
C ARG A 145 -5.61 7.49 20.19
N LEU A 146 -5.86 6.60 21.13
CA LEU A 146 -6.12 7.00 22.54
C LEU A 146 -4.91 7.79 23.05
N VAL A 147 -3.69 7.36 22.74
CA VAL A 147 -2.48 8.07 23.26
C VAL A 147 -2.33 9.45 22.60
N GLU A 148 -2.55 9.57 21.30
CA GLU A 148 -2.48 10.90 20.63
C GLU A 148 -3.46 11.85 21.32
N GLU A 149 -4.67 11.38 21.63
CA GLU A 149 -5.71 12.25 22.24
C GLU A 149 -5.26 12.62 23.66
N THR A 150 -4.80 11.64 24.41
CA THR A 150 -4.47 11.85 25.84
C THR A 150 -3.28 12.79 25.99
N ALA A 151 -2.36 12.80 25.02
CA ALA A 151 -1.17 13.68 25.06
C ALA A 151 -1.63 15.15 25.00
N VAL A 152 -2.74 15.42 24.32
CA VAL A 152 -3.30 16.79 24.22
C VAL A 152 -3.80 17.22 25.60
N ILE A 153 -4.44 16.33 26.35
CA ILE A 153 -4.91 16.66 27.72
C ILE A 153 -3.71 16.90 28.63
N VAL A 154 -2.69 16.07 28.53
CA VAL A 154 -1.49 16.18 29.41
C VAL A 154 -0.84 17.53 29.15
N ALA A 155 -0.68 17.90 27.88
CA ALA A 155 0.01 19.15 27.49
C ALA A 155 -0.86 20.34 27.88
N ALA A 156 -2.17 20.25 27.71
CA ALA A 156 -3.11 21.35 28.05
C ALA A 156 -3.00 21.64 29.55
N TYR A 157 -3.16 20.65 30.41
CA TYR A 157 -3.11 20.92 31.87
C TYR A 157 -1.71 21.40 32.24
N ALA A 158 -0.67 20.96 31.53
CA ALA A 158 0.70 21.46 31.82
C ALA A 158 0.80 22.95 31.45
N LEU A 159 0.58 23.28 30.20
CA LEU A 159 0.71 24.69 29.71
C LEU A 159 -0.16 25.60 30.58
N ALA A 160 -1.36 25.18 30.96
CA ALA A 160 -2.32 26.08 31.62
C ALA A 160 -1.87 26.40 33.06
N PHE A 161 -1.46 25.43 33.85
CA PHE A 161 -1.28 25.64 35.31
C PHE A 161 0.19 25.64 35.70
N ASP A 162 1.09 25.27 34.79
CA ASP A 162 2.55 25.25 35.11
C ASP A 162 3.11 26.64 34.86
N PRO A 163 4.18 27.04 35.59
CA PRO A 163 4.88 28.29 35.34
C PRO A 163 5.38 28.36 33.89
N PRO A 164 5.36 29.56 33.25
CA PRO A 164 5.71 29.69 31.83
C PRO A 164 7.10 29.21 31.45
N GLU A 165 8.00 29.04 32.41
CA GLU A 165 9.40 28.64 32.18
C GLU A 165 9.44 27.16 31.76
N ARG A 166 8.46 26.37 32.21
CA ARG A 166 8.44 24.91 31.97
C ARG A 166 7.58 24.60 30.75
N HIS A 167 7.21 25.59 29.94
CA HIS A 167 6.26 25.38 28.81
C HIS A 167 6.95 24.69 27.63
N PRO A 168 8.17 25.09 27.23
CA PRO A 168 8.87 24.41 26.15
C PRO A 168 8.99 22.90 26.42
N GLU A 169 9.37 22.54 27.64
CA GLU A 169 9.53 21.13 28.08
C GLU A 169 8.24 20.35 27.79
N ALA A 170 7.10 20.91 28.22
CA ALA A 170 5.78 20.28 28.05
C ALA A 170 5.49 20.10 26.57
N GLU A 171 5.93 21.04 25.73
CA GLU A 171 5.74 20.97 24.26
C GLU A 171 6.64 19.87 23.70
N ALA A 172 7.91 19.85 24.09
CA ALA A 172 8.86 18.80 23.66
C ALA A 172 8.23 17.43 23.93
N ARG A 173 7.79 17.20 25.17
CA ARG A 173 7.16 15.91 25.57
C ARG A 173 6.03 15.60 24.58
N MET A 174 5.16 16.58 24.34
CA MET A 174 3.94 16.39 23.51
C MET A 174 4.39 15.93 22.12
N ARG A 175 5.30 16.69 21.53
CA ARG A 175 5.89 16.35 20.21
C ARG A 175 6.49 14.95 20.27
N ALA A 176 7.38 14.70 21.22
CA ALA A 176 8.07 13.39 21.36
C ALA A 176 6.99 12.28 21.34
N THR A 177 5.95 12.43 22.15
CA THR A 177 4.91 11.40 22.30
C THR A 177 4.31 11.11 20.93
N ILE A 178 3.86 12.15 20.24
CA ILE A 178 3.14 11.95 18.95
C ILE A 178 4.10 11.30 17.97
N GLU A 179 5.34 11.76 18.01
CA GLU A 179 6.38 11.24 17.11
C GLU A 179 6.62 9.77 17.41
N ARG A 180 6.78 9.43 18.68
CA ARG A 180 6.90 8.02 19.14
C ARG A 180 5.68 7.21 18.64
N ALA A 181 4.51 7.81 18.65
CA ALA A 181 3.29 7.10 18.23
C ALA A 181 3.33 6.85 16.73
N ASN A 182 3.71 7.87 15.95
CA ASN A 182 3.71 7.71 14.48
C ASN A 182 4.79 6.70 14.08
N ALA A 183 5.91 6.68 14.81
CA ALA A 183 6.98 5.67 14.57
C ALA A 183 6.39 4.27 14.77
N LEU A 184 5.68 4.06 15.87
CA LEU A 184 5.07 2.74 16.18
C LEU A 184 4.10 2.40 15.06
N ARG A 185 3.32 3.36 14.62
CA ARG A 185 2.30 3.11 13.56
C ARG A 185 3.00 2.63 12.30
N ARG A 186 4.13 3.21 11.98
CA ARG A 186 4.86 2.85 10.74
C ARG A 186 5.43 1.44 10.90
N ALA A 187 5.93 1.07 12.06
CA ALA A 187 6.47 -0.29 12.28
C ALA A 187 5.38 -1.33 11.95
N ALA A 188 4.18 -1.17 12.50
CA ALA A 188 3.05 -2.08 12.27
C ALA A 188 2.53 -1.97 10.83
N GLY A 189 2.98 -0.95 10.08
CA GLY A 189 2.69 -0.81 8.64
C GLY A 189 1.54 0.12 8.32
N PHE A 190 1.31 1.18 9.11
CA PHE A 190 0.22 2.17 8.93
C PHE A 190 0.83 3.56 8.69
N PRO A 191 0.09 4.48 8.03
CA PRO A 191 0.51 5.88 7.93
C PRO A 191 0.24 6.70 9.20
N PRO A 192 0.89 7.85 9.40
CA PRO A 192 0.69 8.65 10.61
C PRO A 192 -0.67 9.35 10.68
N SER A 193 -1.28 9.40 11.85
CA SER A 193 -2.68 9.85 12.04
C SER A 193 -2.71 11.29 12.53
N LEU A 194 -2.01 11.60 13.63
CA LEU A 194 -1.99 12.98 14.17
C LEU A 194 -0.71 13.68 13.74
N ALA A 195 -0.82 14.98 13.45
CA ALA A 195 0.32 15.85 13.10
C ALA A 195 0.73 16.63 14.36
N PRO A 196 2.02 16.61 14.73
CA PRO A 196 2.47 17.26 15.97
C PRO A 196 2.03 18.73 16.13
N GLU A 197 1.54 19.39 15.07
CA GLU A 197 1.06 20.79 15.16
C GLU A 197 -0.46 20.83 15.38
N GLU A 198 -1.22 20.08 14.60
CA GLU A 198 -2.68 19.88 14.80
C GLU A 198 -2.97 19.73 16.31
N GLY A 199 -2.19 18.86 16.97
CA GLY A 199 -2.37 18.52 18.39
C GLY A 199 -1.93 19.62 19.34
N LEU A 200 -0.77 20.22 19.10
CA LEU A 200 -0.28 21.31 19.97
C LEU A 200 -1.26 22.47 19.91
N ALA A 201 -1.84 22.71 18.73
CA ALA A 201 -2.88 23.74 18.54
C ALA A 201 -4.07 23.44 19.45
N ARG A 202 -4.61 22.22 19.40
CA ARG A 202 -5.78 21.85 20.24
C ARG A 202 -5.43 22.04 21.71
N ALA A 203 -4.18 21.72 22.09
CA ALA A 203 -3.76 21.77 23.51
C ALA A 203 -3.67 23.24 23.95
N ARG A 204 -3.16 24.12 23.09
CA ARG A 204 -3.00 25.54 23.45
C ARG A 204 -4.38 26.17 23.61
N ARG A 205 -5.31 25.88 22.72
CA ARG A 205 -6.71 26.40 22.88
C ARG A 205 -7.24 26.01 24.27
N LEU A 206 -7.22 24.72 24.59
CA LEU A 206 -7.79 24.20 25.85
C LEU A 206 -7.05 24.83 27.04
N ALA A 207 -5.74 25.02 26.95
CA ALA A 207 -4.94 25.60 28.05
C ALA A 207 -5.41 27.05 28.26
N ALA A 208 -5.65 27.78 27.19
CA ALA A 208 -6.19 29.16 27.28
C ALA A 208 -7.49 29.13 28.09
N ARG A 209 -8.38 28.21 27.76
CA ARG A 209 -9.70 28.15 28.42
C ARG A 209 -9.53 27.80 29.91
N LEU A 210 -8.67 26.86 30.25
CA LEU A 210 -8.49 26.40 31.66
C LEU A 210 -7.85 27.53 32.47
N ARG A 211 -6.88 28.22 31.88
CA ARG A 211 -6.21 29.38 32.50
C ARG A 211 -7.27 30.44 32.79
N ALA A 212 -8.10 30.76 31.79
CA ALA A 212 -9.18 31.77 31.91
C ALA A 212 -10.09 31.39 33.09
N LEU A 213 -10.54 30.15 33.12
CA LEU A 213 -11.51 29.70 34.15
C LEU A 213 -10.86 29.89 35.50
N ARG A 214 -9.59 29.55 35.64
CA ARG A 214 -8.93 29.65 36.96
C ARG A 214 -8.78 31.14 37.33
N ALA A 215 -8.34 31.98 36.41
CA ALA A 215 -8.16 33.44 36.67
C ALA A 215 -9.50 34.03 37.13
N ALA A 216 -10.59 33.70 36.45
CA ALA A 216 -11.93 34.22 36.77
C ALA A 216 -12.38 33.67 38.12
N VAL A 217 -12.23 32.38 38.35
CA VAL A 217 -12.74 31.80 39.62
C VAL A 217 -11.94 32.39 40.77
N ARG A 218 -10.64 32.61 40.58
CA ARG A 218 -9.79 33.33 41.56
C ARG A 218 -10.45 34.67 41.96
N ALA A 219 -11.11 35.31 40.98
CA ALA A 219 -11.80 36.60 41.09
C ALA A 219 -13.29 36.45 41.42
N ARG A 220 -13.73 35.30 41.97
CA ARG A 220 -15.12 35.06 42.44
C ARG A 220 -16.13 35.05 41.28
N ARG A 221 -15.71 34.84 40.02
CA ARG A 221 -16.68 34.78 38.89
C ARG A 221 -16.32 33.62 37.93
N LEU A 222 -17.19 33.32 36.98
CA LEU A 222 -16.87 32.48 35.79
C LEU A 222 -16.50 33.41 34.64
N PRO A 223 -15.81 32.92 33.60
CA PRO A 223 -15.51 33.73 32.42
C PRO A 223 -16.75 34.33 31.77
N THR A 224 -17.93 33.75 31.93
CA THR A 224 -19.15 34.37 31.36
C THR A 224 -19.49 35.64 32.14
N GLY A 225 -18.92 35.84 33.33
CA GLY A 225 -19.26 36.98 34.21
C GLY A 225 -20.15 36.58 35.37
N VAL A 226 -20.74 35.38 35.31
CA VAL A 226 -21.61 34.86 36.40
C VAL A 226 -20.81 34.90 37.71
N PRO A 227 -21.37 35.53 38.76
CA PRO A 227 -20.71 35.57 40.06
C PRO A 227 -20.75 34.21 40.76
N LEU A 228 -19.75 33.93 41.60
CA LEU A 228 -19.67 32.66 42.36
C LEU A 228 -19.68 32.98 43.86
N THR A 229 -20.22 32.06 44.67
CA THR A 229 -20.10 32.12 46.14
C THR A 229 -18.66 31.76 46.49
N PRO A 230 -18.15 32.20 47.66
CA PRO A 230 -16.81 31.80 48.09
C PRO A 230 -16.61 30.28 48.14
N GLU A 231 -17.60 29.54 48.66
CA GLU A 231 -17.53 28.06 48.85
C GLU A 231 -17.40 27.38 47.48
N GLN A 232 -18.22 27.76 46.52
CA GLN A 232 -18.30 27.12 45.19
C GLN A 232 -17.01 27.41 44.42
N ALA A 233 -16.47 28.61 44.53
CA ALA A 233 -15.18 28.97 43.90
C ALA A 233 -14.10 28.03 44.45
N ALA A 234 -14.12 27.79 45.75
CA ALA A 234 -13.15 26.92 46.43
C ALA A 234 -13.25 25.49 45.87
N ALA A 235 -14.47 25.03 45.64
CA ALA A 235 -14.75 23.67 45.14
C ALA A 235 -14.25 23.54 43.69
N ILE A 236 -14.50 24.57 42.88
CA ILE A 236 -14.06 24.57 41.46
C ILE A 236 -12.53 24.52 41.45
N LEU A 237 -11.88 25.30 42.30
CA LEU A 237 -10.41 25.37 42.30
C LEU A 237 -9.85 24.05 42.84
N ALA A 238 -10.53 23.43 43.79
CA ALA A 238 -10.10 22.08 44.27
C ALA A 238 -10.20 21.08 43.11
N THR A 239 -11.33 21.06 42.42
CA THR A 239 -11.55 20.13 41.29
C THR A 239 -10.48 20.36 40.21
N LEU A 240 -10.13 21.61 39.95
CA LEU A 240 -9.10 21.89 38.91
C LEU A 240 -7.75 21.31 39.34
N GLU A 241 -7.44 21.35 40.64
CA GLU A 241 -6.11 20.87 41.10
C GLU A 241 -6.11 19.33 41.03
N ARG A 242 -7.24 18.72 41.36
CA ARG A 242 -7.42 17.27 41.17
C ARG A 242 -7.18 16.91 39.69
N LEU A 243 -7.76 17.67 38.76
CA LEU A 243 -7.64 17.35 37.32
C LEU A 243 -6.17 17.46 36.93
N TYR A 244 -5.48 18.49 37.42
CA TYR A 244 -4.06 18.72 37.11
C TYR A 244 -3.24 17.51 37.59
N GLU A 245 -3.55 17.02 38.80
CA GLU A 245 -2.83 15.86 39.40
C GLU A 245 -3.03 14.61 38.54
N VAL A 246 -4.27 14.27 38.22
CA VAL A 246 -4.57 13.07 37.40
C VAL A 246 -3.88 13.23 36.03
N ALA A 247 -3.79 14.46 35.52
CA ALA A 247 -3.15 14.69 34.20
C ALA A 247 -1.65 14.40 34.30
N LEU A 248 -1.00 14.70 35.43
CA LEU A 248 0.40 14.28 35.62
C LEU A 248 0.51 12.75 35.66
N GLU A 249 -0.32 12.08 36.45
CA GLU A 249 -0.26 10.60 36.56
C GLU A 249 -0.41 10.02 35.15
N ILE A 250 -1.28 10.62 34.35
CA ILE A 250 -1.60 10.09 33.01
C ILE A 250 -0.42 10.32 32.08
N GLY A 251 0.22 11.49 32.15
CA GLY A 251 1.48 11.71 31.42
C GLY A 251 2.49 10.59 31.70
N ARG A 252 2.58 10.17 32.96
CA ARG A 252 3.58 9.14 33.36
C ARG A 252 3.12 7.79 32.79
N ALA A 253 1.85 7.48 32.92
CA ALA A 253 1.27 6.21 32.41
C ALA A 253 1.47 6.15 30.90
N ILE A 254 1.36 7.26 30.19
CA ILE A 254 1.56 7.28 28.71
C ILE A 254 3.01 6.92 28.44
N ASP A 255 3.93 7.46 29.22
CA ASP A 255 5.37 7.15 29.01
C ASP A 255 5.64 5.66 29.28
N ALA A 256 5.04 5.12 30.34
CA ALA A 256 5.15 3.68 30.66
C ALA A 256 4.61 2.85 29.48
N TYR A 257 3.47 3.25 28.92
CA TYR A 257 2.82 2.46 27.85
C TYR A 257 3.71 2.49 26.60
N LEU A 258 4.20 3.68 26.24
CA LEU A 258 5.06 3.80 25.02
C LEU A 258 6.34 3.00 25.23
N ALA A 259 6.87 2.93 26.46
CA ALA A 259 8.11 2.16 26.69
C ALA A 259 7.82 0.68 26.45
N ALA A 260 6.78 0.14 27.09
CA ALA A 260 6.40 -1.28 26.91
C ALA A 260 6.17 -1.54 25.42
N ALA A 261 5.39 -0.69 24.77
CA ALA A 261 5.02 -0.86 23.35
C ALA A 261 6.28 -0.96 22.49
N GLU A 262 7.27 -0.10 22.76
CA GLU A 262 8.48 -0.08 21.91
C GLU A 262 9.27 -1.36 22.14
N ALA A 263 9.32 -1.84 23.38
CA ALA A 263 9.97 -3.15 23.69
C ALA A 263 9.28 -4.26 22.88
N TYR A 264 7.96 -4.32 22.92
CA TYR A 264 7.21 -5.39 22.22
C TYR A 264 7.48 -5.28 20.72
N ALA A 265 7.48 -4.07 20.16
CA ALA A 265 7.62 -3.89 18.70
C ALA A 265 9.02 -4.33 18.28
N ALA A 266 10.04 -4.01 19.09
CA ALA A 266 11.42 -4.41 18.81
C ALA A 266 11.52 -5.94 18.81
N THR A 267 11.14 -6.60 19.90
CA THR A 267 11.31 -8.07 20.01
C THR A 267 10.51 -8.77 18.90
N ALA A 268 9.32 -8.27 18.57
CA ALA A 268 8.47 -8.86 17.51
C ALA A 268 9.16 -8.68 16.15
N ALA A 269 9.68 -7.51 15.84
CA ALA A 269 10.39 -7.24 14.57
C ALA A 269 11.57 -8.22 14.47
N GLU A 270 12.25 -8.48 15.59
CA GLU A 270 13.37 -9.44 15.59
C GLU A 270 12.84 -10.84 15.27
N LEU A 271 11.75 -11.25 15.92
CA LEU A 271 11.17 -12.59 15.67
C LEU A 271 10.83 -12.72 14.17
N GLU A 272 10.19 -11.73 13.58
CA GLU A 272 9.86 -11.77 12.13
C GLU A 272 11.14 -11.75 11.29
N ALA A 273 12.17 -11.03 11.69
CA ALA A 273 13.37 -10.85 10.85
C ALA A 273 14.20 -12.13 10.84
N ASN A 274 14.35 -12.78 11.99
CA ASN A 274 15.40 -13.81 12.21
C ASN A 274 14.80 -15.18 12.52
N GLY A 275 13.62 -15.24 13.15
CA GLY A 275 13.05 -16.47 13.74
C GLY A 275 13.14 -17.69 12.83
N ALA A 276 12.86 -17.53 11.54
CA ALA A 276 12.81 -18.64 10.56
C ALA A 276 14.16 -19.37 10.50
N SER A 277 15.27 -18.65 10.67
CA SER A 277 16.64 -19.17 10.45
C SER A 277 17.29 -19.61 11.77
N LEU A 278 16.78 -19.17 12.93
CA LEU A 278 17.40 -19.54 14.24
C LEU A 278 17.33 -21.06 14.46
N ASP A 279 18.00 -21.55 15.50
CA ASP A 279 17.80 -22.94 15.96
C ASP A 279 16.62 -22.98 16.93
N PRO A 280 15.97 -24.14 17.12
CA PRO A 280 14.80 -24.22 17.99
C PRO A 280 14.93 -23.58 19.39
N ALA A 281 16.10 -23.69 20.04
CA ALA A 281 16.28 -23.17 21.41
C ALA A 281 16.30 -21.64 21.35
N ALA A 282 17.05 -21.05 20.40
CA ALA A 282 17.20 -19.58 20.30
C ALA A 282 15.86 -18.97 19.83
N ARG A 283 15.13 -19.69 18.98
CA ARG A 283 13.80 -19.24 18.51
C ARG A 283 12.79 -19.29 19.68
N ALA A 284 12.84 -20.34 20.50
CA ALA A 284 11.97 -20.47 21.69
C ALA A 284 12.31 -19.33 22.66
N ALA A 285 13.58 -18.97 22.80
CA ALA A 285 13.98 -17.86 23.70
C ALA A 285 13.39 -16.55 23.16
N LEU A 286 13.37 -16.35 21.85
CA LEU A 286 12.94 -15.04 21.31
C LEU A 286 11.41 -14.91 21.40
N MET A 287 10.68 -16.02 21.24
CA MET A 287 9.21 -16.06 21.47
C MET A 287 8.92 -15.82 22.96
N GLU A 288 9.68 -16.41 23.88
CA GLU A 288 9.48 -16.12 25.31
C GLU A 288 9.66 -14.63 25.55
N ALA A 289 10.76 -14.05 25.02
CA ALA A 289 11.04 -12.61 25.22
C ALA A 289 9.85 -11.81 24.73
N THR A 290 9.30 -12.20 23.58
CA THR A 290 8.23 -11.44 22.90
C THR A 290 6.97 -11.50 23.77
N LEU A 291 6.62 -12.67 24.30
CA LEU A 291 5.43 -12.81 25.16
C LEU A 291 5.62 -12.02 26.46
N ARG A 292 6.83 -11.90 26.99
CA ARG A 292 7.01 -11.13 28.24
C ARG A 292 6.80 -9.63 27.97
N ALA A 293 7.36 -9.12 26.86
CA ALA A 293 7.11 -7.72 26.48
C ALA A 293 5.60 -7.50 26.31
N ARG A 294 4.92 -8.43 25.63
CA ARG A 294 3.46 -8.36 25.40
C ARG A 294 2.70 -8.19 26.73
N GLY A 295 3.10 -8.94 27.76
CA GLY A 295 2.47 -8.87 29.09
C GLY A 295 2.65 -7.49 29.71
N ALA A 296 3.81 -6.89 29.49
CA ALA A 296 4.11 -5.54 30.00
C ALA A 296 3.15 -4.55 29.33
N VAL A 297 2.92 -4.70 28.04
CA VAL A 297 2.01 -3.78 27.32
C VAL A 297 0.60 -3.91 27.93
N ILE A 298 0.16 -5.13 28.20
CA ILE A 298 -1.21 -5.33 28.74
C ILE A 298 -1.31 -4.65 30.12
N ARG A 299 -0.29 -4.78 30.94
CA ARG A 299 -0.32 -4.23 32.32
C ARG A 299 -0.36 -2.70 32.26
N GLU A 300 0.49 -2.10 31.41
CA GLU A 300 0.64 -0.62 31.36
C GLU A 300 -0.60 -0.01 30.71
N ARG A 301 -1.19 -0.66 29.71
CA ARG A 301 -2.48 -0.20 29.14
C ARG A 301 -3.54 -0.19 30.24
N ALA A 302 -3.67 -1.25 31.02
CA ALA A 302 -4.74 -1.33 32.05
C ALA A 302 -4.57 -0.17 33.05
N ALA A 303 -3.34 0.16 33.40
CA ALA A 303 -3.04 1.29 34.32
C ALA A 303 -3.60 2.59 33.72
N LEU A 304 -3.28 2.90 32.47
CA LEU A 304 -3.66 4.18 31.82
C LEU A 304 -5.19 4.33 31.78
N LEU A 305 -5.91 3.24 31.53
CA LEU A 305 -7.38 3.28 31.36
C LEU A 305 -8.08 3.53 32.71
N ARG A 306 -7.56 3.02 33.82
CA ARG A 306 -8.17 3.30 35.15
C ARG A 306 -8.02 4.79 35.47
N LEU A 307 -6.84 5.37 35.14
CA LEU A 307 -6.57 6.80 35.38
C LEU A 307 -7.48 7.62 34.46
N LEU A 308 -7.76 7.14 33.26
CA LEU A 308 -8.62 7.87 32.31
C LEU A 308 -10.07 7.88 32.81
N ARG A 309 -10.49 6.82 33.49
CA ARG A 309 -11.85 6.73 34.07
C ARG A 309 -11.95 7.73 35.22
N ARG A 310 -10.87 7.92 35.98
CA ARG A 310 -10.85 8.90 37.08
C ARG A 310 -10.92 10.30 36.49
N PHE A 311 -10.11 10.57 35.46
CA PHE A 311 -10.09 11.90 34.80
C PHE A 311 -11.52 12.24 34.34
N TYR A 312 -12.21 11.27 33.74
CA TYR A 312 -13.57 11.49 33.20
C TYR A 312 -14.51 11.89 34.35
N ALA A 313 -14.44 11.17 35.46
CA ALA A 313 -15.34 11.42 36.60
C ALA A 313 -15.10 12.84 37.11
N LEU A 314 -13.85 13.29 37.12
CA LEU A 314 -13.52 14.65 37.62
C LEU A 314 -14.00 15.70 36.60
N VAL A 315 -13.85 15.39 35.33
CA VAL A 315 -14.42 16.25 34.24
C VAL A 315 -15.91 16.42 34.49
N LEU A 316 -16.64 15.33 34.74
CA LEU A 316 -18.10 15.47 34.99
C LEU A 316 -18.33 16.23 36.30
N GLU A 317 -17.49 16.09 37.32
CA GLU A 317 -17.73 16.83 38.58
C GLU A 317 -17.56 18.34 38.33
N LEU A 318 -16.52 18.73 37.61
CA LEU A 318 -16.31 20.15 37.25
C LEU A 318 -17.54 20.66 36.49
N ASP A 319 -18.04 19.88 35.55
CA ASP A 319 -19.22 20.27 34.73
C ASP A 319 -20.40 20.53 35.69
N PHE A 320 -20.62 19.64 36.65
CA PHE A 320 -21.71 19.83 37.64
C PHE A 320 -21.52 21.16 38.35
N LEU A 321 -20.30 21.45 38.83
CA LEU A 321 -20.06 22.67 39.62
C LEU A 321 -20.43 23.90 38.77
N LEU A 322 -20.03 23.93 37.51
CA LEU A 322 -20.37 25.10 36.65
C LEU A 322 -21.89 25.20 36.46
N LEU A 323 -22.58 24.10 36.17
CA LEU A 323 -24.05 24.14 35.96
C LEU A 323 -24.72 24.62 37.24
N ARG A 324 -24.25 24.20 38.40
CA ARG A 324 -24.91 24.59 39.67
C ARG A 324 -24.76 26.09 39.88
N ALA A 325 -23.60 26.64 39.55
CA ALA A 325 -23.34 28.07 39.80
C ALA A 325 -24.28 28.93 38.97
N TYR A 326 -24.52 28.53 37.73
CA TYR A 326 -25.41 29.29 36.83
C TYR A 326 -26.82 29.28 37.40
N ALA A 327 -27.19 28.24 38.12
CA ALA A 327 -28.55 28.10 38.68
C ALA A 327 -28.69 28.91 39.96
N GLU A 328 -27.64 28.97 40.77
CA GLU A 328 -27.67 29.77 42.01
C GLU A 328 -27.69 31.27 41.66
N ALA A 329 -27.22 31.64 40.48
CA ALA A 329 -27.16 33.05 40.05
C ALA A 329 -28.46 33.43 39.35
N GLY A 330 -29.42 32.52 39.30
CA GLY A 330 -30.74 32.86 38.75
C GLY A 330 -30.90 32.47 37.30
N HIS A 331 -29.82 32.08 36.65
CA HIS A 331 -29.88 31.74 35.21
C HIS A 331 -30.45 30.34 35.08
N ASP A 332 -30.65 29.91 33.84
CA ASP A 332 -31.12 28.53 33.61
C ASP A 332 -29.87 27.70 33.32
N PRO A 333 -29.69 26.52 33.93
CA PRO A 333 -28.45 25.77 33.73
C PRO A 333 -28.26 25.36 32.27
N ASP A 334 -29.30 25.46 31.44
CA ASP A 334 -29.22 25.13 29.99
C ASP A 334 -28.86 26.36 29.15
N ASP A 335 -28.37 27.42 29.77
CA ASP A 335 -28.06 28.68 29.05
C ASP A 335 -27.05 28.41 27.94
N PRO A 336 -27.27 28.84 26.69
CA PRO A 336 -26.29 28.69 25.62
C PRO A 336 -24.86 29.11 26.00
N ALA A 337 -24.69 30.04 26.94
CA ALA A 337 -23.36 30.57 27.33
C ALA A 337 -22.61 29.52 28.16
N LEU A 338 -23.28 28.93 29.15
CA LEU A 338 -22.70 27.82 29.95
C LEU A 338 -22.36 26.66 29.02
N LEU A 339 -23.27 26.29 28.12
CA LEU A 339 -23.06 25.16 27.20
C LEU A 339 -21.85 25.47 26.31
N ALA A 340 -21.71 26.72 25.90
CA ALA A 340 -20.57 27.15 25.07
C ALA A 340 -19.27 26.95 25.87
N LEU A 341 -19.28 27.39 27.13
CA LEU A 341 -18.12 27.25 28.05
C LEU A 341 -17.77 25.77 28.19
N LEU A 342 -18.76 24.93 28.45
CA LEU A 342 -18.55 23.49 28.73
C LEU A 342 -18.01 22.81 27.48
N ARG A 343 -18.37 23.28 26.28
CA ARG A 343 -17.83 22.74 25.01
C ARG A 343 -16.39 23.21 24.80
N GLU A 344 -16.06 24.43 25.21
CA GLU A 344 -14.69 24.96 25.09
C GLU A 344 -13.81 24.16 26.05
N LEU A 345 -14.39 23.62 27.13
CA LEU A 345 -13.64 22.88 28.17
C LEU A 345 -13.77 21.39 27.94
N ASP A 346 -14.24 21.00 26.75
CA ASP A 346 -14.37 19.56 26.39
C ASP A 346 -12.96 19.05 26.12
N PRO A 347 -12.47 18.08 26.93
CA PRO A 347 -11.14 17.53 26.75
C PRO A 347 -11.08 16.52 25.59
N PHE A 348 -12.23 16.10 25.08
CA PHE A 348 -12.32 15.06 24.03
C PHE A 348 -12.93 15.63 22.75
N ASN A 349 -12.43 16.76 22.25
CA ASN A 349 -13.05 17.46 21.10
C ASN A 349 -12.08 17.53 19.92
N GLY A 350 -12.56 17.26 18.71
CA GLY A 350 -11.77 17.39 17.46
C GLY A 350 -10.89 16.18 17.23
N MET A 351 -10.55 15.42 18.28
CA MET A 351 -9.86 14.12 18.14
C MET A 351 -10.94 13.04 18.10
N THR A 352 -11.54 12.87 16.93
CA THR A 352 -12.62 11.88 16.74
C THR A 352 -12.01 10.62 16.12
N THR A 353 -11.02 10.04 16.78
CA THR A 353 -10.33 8.84 16.23
C THR A 353 -10.53 7.66 17.16
N SER A 354 -11.06 7.86 18.35
CA SER A 354 -11.02 6.84 19.42
C SER A 354 -12.43 6.46 19.90
N GLU A 355 -12.71 5.17 19.92
CA GLU A 355 -14.01 4.62 20.35
C GLU A 355 -14.30 5.08 21.78
N LEU A 356 -13.36 4.93 22.71
CA LEU A 356 -13.61 5.21 24.15
C LEU A 356 -14.05 6.67 24.32
N HIS A 357 -13.34 7.60 23.68
CA HIS A 357 -13.57 9.05 23.90
C HIS A 357 -14.77 9.53 23.12
N ARG A 358 -15.01 9.03 21.90
CA ARG A 358 -16.26 9.39 21.17
C ARG A 358 -17.46 9.00 22.04
N ARG A 359 -17.43 7.81 22.63
CA ARG A 359 -18.55 7.31 23.47
C ARG A 359 -18.69 8.22 24.69
N ARG A 360 -17.58 8.59 25.32
CA ARG A 360 -17.64 9.37 26.58
C ARG A 360 -18.05 10.82 26.30
N ARG A 361 -17.58 11.41 25.21
CA ARG A 361 -18.01 12.76 24.80
C ARG A 361 -19.54 12.78 24.67
N ARG A 362 -20.13 11.78 24.01
CA ARG A 362 -21.59 11.76 23.80
C ARG A 362 -22.29 11.64 25.15
N LEU A 363 -21.83 10.72 26.00
CA LEU A 363 -22.49 10.50 27.32
C LEU A 363 -22.35 11.75 28.19
N ARG A 364 -21.26 12.52 28.01
CA ARG A 364 -21.08 13.78 28.76
C ARG A 364 -22.23 14.73 28.40
N ASP A 365 -22.53 14.88 27.12
CA ASP A 365 -23.68 15.70 26.64
C ASP A 365 -24.96 15.21 27.32
N LEU A 366 -25.21 13.90 27.36
CA LEU A 366 -26.45 13.40 28.01
C LEU A 366 -26.45 13.82 29.49
N TYR A 367 -25.31 13.67 30.16
CA TYR A 367 -25.17 13.96 31.61
C TYR A 367 -25.46 15.44 31.85
N ILE A 368 -24.83 16.33 31.10
CA ILE A 368 -25.09 17.79 31.21
C ILE A 368 -26.59 18.04 31.05
N ASP A 369 -27.23 17.44 30.05
CA ASP A 369 -28.67 17.68 29.79
C ASP A 369 -29.49 17.19 30.99
N LEU A 370 -29.18 16.04 31.56
CA LEU A 370 -29.96 15.48 32.71
C LEU A 370 -29.73 16.31 33.97
N VAL A 371 -28.50 16.72 34.26
CA VAL A 371 -28.20 17.55 35.45
C VAL A 371 -28.93 18.88 35.31
N ALA A 372 -28.83 19.53 34.15
CA ALA A 372 -29.61 20.75 33.83
C ALA A 372 -31.08 20.51 34.21
N ALA A 373 -31.67 19.42 33.75
CA ALA A 373 -33.10 19.11 34.02
C ALA A 373 -33.33 19.10 35.53
N MET A 374 -32.51 18.39 36.27
CA MET A 374 -32.65 18.25 37.75
C MET A 374 -32.52 19.63 38.42
N LEU A 375 -31.62 20.49 37.93
CA LEU A 375 -31.41 21.84 38.54
C LEU A 375 -32.62 22.72 38.25
N ARG A 376 -33.01 22.85 36.97
CA ARG A 376 -34.22 23.63 36.58
C ARG A 376 -35.38 23.12 37.44
N GLY A 377 -35.32 21.85 37.86
CA GLY A 377 -36.31 21.24 38.77
C GLY A 377 -36.17 21.76 40.18
N VAL A 378 -34.97 22.12 40.64
CA VAL A 378 -34.83 22.67 42.01
C VAL A 378 -35.50 24.04 42.07
N LYS A 379 -35.19 24.89 41.09
CA LYS A 379 -35.74 26.26 41.02
C LYS A 379 -37.28 26.20 41.12
N ASN A 380 -37.90 25.20 40.50
CA ASN A 380 -39.38 25.11 40.41
C ASN A 380 -39.92 24.51 41.71
N GLY A 381 -39.08 24.32 42.72
CA GLY A 381 -39.51 23.75 44.02
C GLY A 381 -39.84 22.28 43.92
N GLU A 382 -39.76 21.69 42.72
CA GLU A 382 -40.04 20.25 42.49
C GLU A 382 -38.98 19.42 43.24
N LEU A 383 -37.77 19.94 43.36
CA LEU A 383 -36.67 19.27 44.10
C LEU A 383 -36.01 20.23 45.09
N THR A 384 -35.38 19.68 46.11
CA THR A 384 -34.59 20.42 47.11
C THR A 384 -33.11 20.30 46.75
N TRP A 385 -32.31 21.29 47.13
CA TRP A 385 -30.84 21.23 46.94
C TRP A 385 -30.28 20.02 47.69
N GLU A 386 -30.84 19.76 48.87
CA GLU A 386 -30.46 18.62 49.72
C GLU A 386 -30.74 17.32 48.97
N GLU A 387 -31.73 17.31 48.08
CA GLU A 387 -32.01 16.09 47.27
C GLU A 387 -30.91 15.96 46.23
N VAL A 388 -30.68 17.02 45.46
CA VAL A 388 -29.71 17.06 44.34
C VAL A 388 -28.33 16.66 44.87
N VAL A 389 -27.95 17.16 46.03
CA VAL A 389 -26.58 16.96 46.57
C VAL A 389 -26.44 15.52 47.09
N ALA A 390 -27.56 14.85 47.35
CA ALA A 390 -27.56 13.43 47.74
C ALA A 390 -27.48 12.57 46.47
N ILE A 391 -28.18 12.93 45.39
CA ILE A 391 -28.11 12.16 44.12
C ILE A 391 -26.68 12.29 43.56
N MET A 392 -26.14 13.51 43.52
CA MET A 392 -24.89 13.78 42.75
C MET A 392 -23.72 13.09 43.44
N ASP A 393 -23.76 12.97 44.76
CA ASP A 393 -22.69 12.28 45.53
C ASP A 393 -22.76 10.79 45.20
N GLY A 394 -23.97 10.25 45.04
CA GLY A 394 -24.15 8.87 44.55
C GLY A 394 -23.53 8.71 43.19
N LEU A 395 -23.94 9.55 42.24
CA LEU A 395 -23.62 9.34 40.80
C LEU A 395 -22.11 9.45 40.62
N LEU A 396 -21.48 10.46 41.22
CA LEU A 396 -20.05 10.74 40.96
C LEU A 396 -19.18 9.62 41.52
N ALA A 397 -19.60 8.97 42.60
CA ALA A 397 -18.90 7.78 43.12
C ALA A 397 -19.16 6.59 42.20
N ARG A 398 -20.41 6.36 41.80
CA ARG A 398 -20.75 5.25 40.87
C ARG A 398 -19.94 5.43 39.57
N LEU A 399 -19.60 6.68 39.21
CA LEU A 399 -18.85 7.01 37.97
C LEU A 399 -17.36 6.81 38.17
N ALA A 400 -16.83 7.12 39.35
CA ALA A 400 -15.38 6.97 39.64
C ALA A 400 -15.03 5.48 39.62
N ASP A 401 -15.92 4.65 40.18
CA ASP A 401 -15.74 3.17 40.14
C ASP A 401 -15.69 2.69 38.69
N PRO A 402 -14.63 1.97 38.27
CA PRO A 402 -14.54 1.43 36.92
C PRO A 402 -15.27 0.08 36.75
N GLU A 403 -16.00 -0.35 37.79
CA GLU A 403 -16.77 -1.61 37.71
C GLU A 403 -18.22 -1.30 37.32
N VAL A 404 -18.61 -0.03 37.39
CA VAL A 404 -19.97 0.37 36.93
C VAL A 404 -19.83 0.99 35.55
N SER A 405 -20.70 0.62 34.62
CA SER A 405 -20.65 1.25 33.29
C SER A 405 -21.14 2.69 33.37
N GLU A 406 -20.51 3.58 32.62
CA GLU A 406 -20.92 5.01 32.60
C GLU A 406 -22.41 5.07 32.21
N GLU A 407 -22.88 4.20 31.31
CA GLU A 407 -24.30 4.20 30.86
C GLU A 407 -25.22 3.85 32.03
N GLU A 408 -24.91 2.81 32.79
CA GLU A 408 -25.75 2.44 33.95
C GLU A 408 -25.71 3.55 35.00
N ALA A 409 -24.59 4.27 35.14
CA ALA A 409 -24.51 5.39 36.10
C ALA A 409 -25.54 6.46 35.71
N LEU A 410 -25.55 6.82 34.42
CA LEU A 410 -26.43 7.93 33.94
C LEU A 410 -27.89 7.49 34.02
N VAL A 411 -28.16 6.23 33.74
CA VAL A 411 -29.54 5.71 33.84
C VAL A 411 -30.00 5.82 35.30
N GLY A 412 -29.11 5.54 36.25
CA GLY A 412 -29.40 5.80 37.67
C GLY A 412 -29.80 7.24 37.93
N LEU A 413 -29.11 8.20 37.33
CA LEU A 413 -29.50 9.62 37.47
C LEU A 413 -30.97 9.79 37.04
N LEU A 414 -31.37 9.26 35.87
CA LEU A 414 -32.80 9.29 35.42
C LEU A 414 -33.69 8.67 36.51
N GLU A 415 -33.33 7.47 36.97
CA GLU A 415 -34.14 6.76 37.98
C GLU A 415 -34.43 7.72 39.13
N GLU A 416 -33.40 8.41 39.63
CA GLU A 416 -33.55 9.28 40.83
C GLU A 416 -34.52 10.42 40.47
N ILE A 417 -34.39 11.01 39.28
CA ILE A 417 -35.20 12.21 38.92
C ILE A 417 -36.65 11.82 38.68
N VAL A 418 -36.93 10.60 38.22
CA VAL A 418 -38.33 10.26 37.82
C VAL A 418 -39.06 9.61 38.99
N LYS A 419 -38.32 9.06 39.93
CA LYS A 419 -38.92 8.31 41.06
C LYS A 419 -40.19 8.99 41.56
N ASP A 420 -40.11 10.20 42.10
CA ASP A 420 -41.29 10.85 42.74
C ASP A 420 -42.33 11.25 41.71
N LYS A 421 -42.16 10.85 40.45
CA LYS A 421 -43.11 11.25 39.38
C LYS A 421 -43.25 12.77 39.47
N LYS A 422 -42.09 13.45 39.63
CA LYS A 422 -42.08 14.93 39.70
C LYS A 422 -42.24 15.50 38.29
N PRO A 423 -42.82 16.69 38.13
CA PRO A 423 -43.08 17.23 36.80
C PRO A 423 -41.85 17.31 35.89
N ILE A 424 -40.65 17.37 36.47
CA ILE A 424 -39.39 17.47 35.68
C ILE A 424 -39.16 16.11 35.01
N ALA A 425 -39.68 15.07 35.63
CA ALA A 425 -39.57 13.70 35.06
C ALA A 425 -39.85 13.77 33.55
N GLU A 426 -40.91 14.45 33.14
CA GLU A 426 -41.34 14.44 31.72
C GLU A 426 -40.17 14.87 30.83
N LYS A 427 -39.46 15.92 31.21
CA LYS A 427 -38.40 16.50 30.35
C LYS A 427 -37.18 15.58 30.36
N ALA A 428 -36.91 14.99 31.52
CA ALA A 428 -35.78 14.05 31.69
C ALA A 428 -35.97 12.90 30.69
N LEU A 429 -37.13 12.24 30.75
CA LEU A 429 -37.43 11.10 29.87
C LEU A 429 -37.24 11.53 28.43
N LYS A 430 -37.70 12.73 28.09
CA LYS A 430 -37.62 13.22 26.69
C LYS A 430 -36.16 13.26 26.27
N ILE A 431 -35.28 13.76 27.14
CA ILE A 431 -33.83 13.86 26.83
C ILE A 431 -33.30 12.46 26.56
N ALA A 432 -33.63 11.52 27.46
CA ALA A 432 -33.12 10.14 27.42
C ALA A 432 -33.66 9.44 26.17
N VAL A 433 -34.97 9.46 25.97
CA VAL A 433 -35.61 8.77 24.81
C VAL A 433 -34.98 9.32 23.52
N ASP A 434 -34.73 10.62 23.47
CA ASP A 434 -34.14 11.27 22.27
C ASP A 434 -32.73 10.75 22.05
N PHE A 435 -31.92 10.71 23.10
CA PHE A 435 -30.49 10.28 23.03
C PHE A 435 -30.40 8.86 22.44
N VAL A 436 -31.22 7.95 22.95
CA VAL A 436 -31.19 6.51 22.56
C VAL A 436 -31.54 6.37 21.08
N GLU A 437 -32.51 7.15 20.60
CA GLU A 437 -32.91 7.15 19.17
C GLU A 437 -31.73 7.66 18.34
N ALA A 438 -31.08 8.72 18.80
CA ALA A 438 -29.95 9.33 18.05
C ALA A 438 -28.70 8.47 18.18
N ASN A 439 -28.57 7.74 19.28
CA ASN A 439 -27.34 6.97 19.59
C ASN A 439 -27.78 5.56 19.97
N PRO A 440 -28.08 4.70 18.97
CA PRO A 440 -28.60 3.37 19.26
C PRO A 440 -27.61 2.39 19.91
N GLU A 441 -26.33 2.69 19.88
CA GLU A 441 -25.26 1.88 20.50
C GLU A 441 -25.48 1.83 22.02
N PHE A 442 -26.27 2.71 22.59
CA PHE A 442 -26.47 2.78 24.05
C PHE A 442 -27.00 1.44 24.51
N LEU A 443 -27.75 0.77 23.64
CA LEU A 443 -28.47 -0.47 23.99
C LEU A 443 -27.55 -1.69 23.86
N ARG A 444 -26.25 -1.45 23.73
CA ARG A 444 -25.27 -2.57 23.75
C ARG A 444 -25.10 -2.92 25.23
N ASP A 445 -25.39 -1.97 26.11
CA ASP A 445 -25.39 -2.19 27.57
C ASP A 445 -26.81 -2.61 27.98
N GLY A 446 -27.01 -3.88 28.27
CA GLY A 446 -28.35 -4.41 28.55
C GLY A 446 -28.92 -3.93 29.85
N ARG A 447 -28.17 -3.99 30.93
CA ARG A 447 -28.68 -3.59 32.27
C ARG A 447 -29.15 -2.12 32.19
N ALA A 448 -28.38 -1.28 31.50
CA ALA A 448 -28.75 0.14 31.29
C ALA A 448 -30.07 0.22 30.52
N GLY A 449 -30.13 -0.40 29.35
CA GLY A 449 -31.31 -0.31 28.47
C GLY A 449 -32.57 -0.78 29.18
N LEU A 450 -32.49 -1.93 29.83
CA LEU A 450 -33.65 -2.53 30.55
C LEU A 450 -34.14 -1.53 31.61
N ALA A 451 -33.22 -0.91 32.32
CA ALA A 451 -33.53 0.03 33.39
C ALA A 451 -34.26 1.25 32.81
N LEU A 452 -33.87 1.69 31.63
CA LEU A 452 -34.56 2.80 30.93
C LEU A 452 -36.00 2.37 30.58
N ILE A 453 -36.20 1.14 30.12
CA ILE A 453 -37.54 0.64 29.71
C ILE A 453 -38.43 0.61 30.95
N ARG A 454 -37.89 0.18 32.09
CA ARG A 454 -38.67 0.11 33.34
C ARG A 454 -39.10 1.53 33.72
N VAL A 455 -38.20 2.50 33.55
CA VAL A 455 -38.49 3.91 33.87
C VAL A 455 -39.68 4.36 33.01
N VAL A 456 -39.59 4.13 31.70
CA VAL A 456 -40.62 4.57 30.73
C VAL A 456 -41.95 3.92 31.10
N LEU A 457 -41.97 2.64 31.45
CA LEU A 457 -43.24 1.93 31.72
C LEU A 457 -43.82 2.38 33.06
N GLU A 458 -42.98 2.50 34.09
CA GLU A 458 -43.44 2.99 35.42
C GLU A 458 -43.99 4.41 35.25
N TYR A 459 -43.35 5.23 34.41
CA TYR A 459 -43.88 6.58 34.10
C TYR A 459 -45.26 6.46 33.44
N ALA A 460 -45.39 5.63 32.41
CA ALA A 460 -46.64 5.50 31.63
C ALA A 460 -47.67 4.66 32.39
N LEU A 461 -47.31 4.00 33.50
CA LEU A 461 -48.30 3.15 34.22
C LEU A 461 -49.48 4.02 34.65
N ASP A 462 -49.20 5.21 35.20
CA ASP A 462 -50.23 6.15 35.70
C ASP A 462 -51.37 6.31 34.69
N ASP A 463 -51.06 6.57 33.42
CA ASP A 463 -52.09 6.76 32.37
C ASP A 463 -51.58 6.21 31.04
N PRO A 464 -51.65 4.87 30.83
CA PRO A 464 -50.98 4.25 29.69
C PRO A 464 -51.28 4.92 28.33
N ASP A 465 -52.50 5.38 28.15
CA ASP A 465 -53.00 5.77 26.81
C ASP A 465 -52.53 7.19 26.48
N ALA A 466 -52.37 8.06 27.47
CA ALA A 466 -51.82 9.43 27.27
C ALA A 466 -50.44 9.32 26.62
N HIS A 467 -49.54 8.55 27.24
CA HIS A 467 -48.09 8.51 26.92
C HIS A 467 -47.81 7.33 25.98
N LYS A 468 -48.57 7.26 24.90
CA LYS A 468 -48.54 6.11 23.98
C LYS A 468 -47.26 6.09 23.15
N GLU A 469 -46.65 7.23 22.90
CA GLU A 469 -45.31 7.31 22.24
C GLU A 469 -44.25 6.64 23.14
N LEU A 470 -44.29 6.90 24.44
CA LEU A 470 -43.30 6.29 25.35
C LEU A 470 -43.50 4.78 25.33
N VAL A 471 -44.75 4.33 25.34
CA VAL A 471 -45.04 2.87 25.39
C VAL A 471 -44.56 2.25 24.08
N ALA A 472 -44.63 2.99 22.98
CA ALA A 472 -44.18 2.48 21.65
C ALA A 472 -42.65 2.41 21.65
N PHE A 473 -41.98 3.44 22.16
CA PHE A 473 -40.50 3.47 22.28
C PHE A 473 -40.05 2.24 23.06
N ALA A 474 -40.68 1.99 24.20
CA ALA A 474 -40.37 0.85 25.08
C ALA A 474 -40.49 -0.45 24.27
N ALA A 475 -41.60 -0.64 23.56
CA ALA A 475 -41.82 -1.90 22.80
C ALA A 475 -40.78 -2.02 21.70
N ALA A 476 -40.49 -0.92 20.99
CA ALA A 476 -39.55 -0.96 19.84
C ALA A 476 -38.15 -1.37 20.31
N HIS A 477 -37.76 -0.96 21.51
CA HIS A 477 -36.33 -1.04 21.93
C HIS A 477 -36.12 -2.23 22.88
N LEU A 478 -37.19 -2.85 23.37
CA LEU A 478 -37.03 -3.93 24.38
C LEU A 478 -36.26 -5.12 23.78
N PRO A 479 -36.54 -5.59 22.55
CA PRO A 479 -35.81 -6.75 22.02
C PRO A 479 -34.29 -6.57 22.01
N ARG A 480 -33.81 -5.42 21.58
CA ARG A 480 -32.34 -5.17 21.57
C ARG A 480 -31.82 -5.17 23.01
N ALA A 481 -32.49 -4.50 23.93
CA ALA A 481 -32.09 -4.44 25.35
C ALA A 481 -32.03 -5.87 25.93
N LEU A 482 -33.03 -6.71 25.65
CA LEU A 482 -33.04 -8.11 26.16
C LEU A 482 -31.88 -8.89 25.56
N ASP A 483 -31.63 -8.76 24.26
CA ASP A 483 -30.49 -9.43 23.59
C ASP A 483 -29.22 -9.06 24.36
N ALA A 484 -28.97 -7.78 24.60
CA ALA A 484 -27.74 -7.31 25.29
C ALA A 484 -27.72 -7.87 26.72
N ALA A 485 -28.89 -8.01 27.37
CA ALA A 485 -29.00 -8.51 28.76
C ALA A 485 -28.64 -10.00 28.81
N VAL A 486 -29.25 -10.80 27.94
CA VAL A 486 -28.93 -12.25 27.85
C VAL A 486 -27.43 -12.40 27.59
N ASP A 487 -26.89 -11.62 26.66
CA ASP A 487 -25.42 -11.57 26.42
C ASP A 487 -24.67 -11.29 27.74
N GLU A 488 -25.06 -10.27 28.49
CA GLU A 488 -24.32 -9.93 29.73
C GLU A 488 -24.41 -11.10 30.71
N ILE A 489 -25.55 -11.76 30.78
CA ILE A 489 -25.69 -12.85 31.77
C ILE A 489 -24.79 -14.02 31.34
N ARG A 490 -24.67 -14.29 30.03
CA ARG A 490 -23.72 -15.34 29.60
C ARG A 490 -22.29 -14.96 29.95
N ASP A 491 -21.86 -13.73 29.62
CA ASP A 491 -20.50 -13.26 30.00
C ASP A 491 -20.31 -13.48 31.50
N LEU A 492 -21.23 -12.97 32.31
CA LEU A 492 -21.05 -12.97 33.80
C LEU A 492 -20.97 -14.41 34.31
N LEU A 493 -21.85 -15.30 33.85
CA LEU A 493 -21.88 -16.68 34.37
C LEU A 493 -20.64 -17.44 33.89
N ASN A 494 -20.24 -17.25 32.64
CA ASN A 494 -19.04 -17.94 32.10
C ASN A 494 -17.82 -17.47 32.89
N ASP A 495 -17.74 -16.17 33.16
CA ASP A 495 -16.63 -15.63 33.97
C ASP A 495 -16.67 -16.27 35.36
N VAL A 496 -17.84 -16.49 35.95
CA VAL A 496 -17.95 -17.11 37.30
C VAL A 496 -17.34 -18.51 37.26
N ARG A 497 -17.75 -19.33 36.29
CA ARG A 497 -17.20 -20.70 36.14
C ARG A 497 -15.68 -20.60 35.97
N ILE A 498 -15.20 -19.65 35.17
CA ILE A 498 -13.74 -19.48 34.91
C ILE A 498 -13.05 -19.15 36.24
N LEU A 499 -13.60 -18.23 37.02
CA LEU A 499 -12.97 -17.81 38.29
C LEU A 499 -12.98 -18.96 39.28
N PHE A 500 -13.81 -19.97 39.07
CA PHE A 500 -13.87 -21.07 40.07
C PHE A 500 -12.78 -22.08 39.76
N HIS A 501 -12.66 -22.43 38.48
CA HIS A 501 -11.65 -23.44 38.07
C HIS A 501 -10.30 -22.76 37.93
N SER A 502 -10.28 -21.43 37.93
CA SER A 502 -9.00 -20.69 37.79
C SER A 502 -8.19 -20.92 39.05
N LYS A 503 -6.89 -20.63 38.98
CA LYS A 503 -6.00 -20.88 40.13
C LYS A 503 -5.60 -19.57 40.78
N PRO A 504 -5.60 -19.49 42.12
CA PRO A 504 -5.15 -18.31 42.80
C PRO A 504 -3.84 -17.87 42.18
N SER A 505 -3.71 -16.58 41.86
CA SER A 505 -2.50 -16.02 41.24
C SER A 505 -2.06 -14.87 42.11
N PRO A 506 -0.77 -14.48 42.09
CA PRO A 506 -0.32 -13.28 42.79
C PRO A 506 -1.06 -12.01 42.34
N PHE A 507 -1.93 -12.08 41.34
CA PHE A 507 -2.62 -10.87 40.82
C PHE A 507 -4.12 -11.03 41.10
N LEU A 508 -4.58 -12.24 41.39
CA LEU A 508 -5.98 -12.56 41.77
C LEU A 508 -5.91 -13.41 43.04
N SER A 509 -6.12 -12.86 44.23
CA SER A 509 -6.19 -13.74 45.42
C SER A 509 -7.43 -14.62 45.32
N ALA A 510 -7.46 -15.75 46.02
CA ALA A 510 -8.70 -16.55 46.02
C ALA A 510 -9.83 -15.70 46.58
N GLU A 511 -9.54 -14.89 47.59
CA GLU A 511 -10.57 -14.03 48.23
C GLU A 511 -11.09 -13.04 47.20
N GLU A 512 -10.22 -12.59 46.30
CA GLU A 512 -10.62 -11.64 45.24
C GLU A 512 -11.43 -12.39 44.17
N GLN A 513 -11.04 -13.62 43.88
CA GLN A 513 -11.76 -14.43 42.88
C GLN A 513 -13.14 -14.75 43.43
N LYS A 514 -13.24 -15.22 44.68
CA LYS A 514 -14.58 -15.61 45.21
C LYS A 514 -15.44 -14.35 45.35
N ALA A 515 -14.81 -13.22 45.74
CA ALA A 515 -15.55 -11.96 45.91
C ALA A 515 -16.06 -11.48 44.54
N LEU A 516 -15.20 -11.48 43.53
CA LEU A 516 -15.59 -11.06 42.15
C LEU A 516 -16.70 -11.99 41.66
N ALA A 517 -16.64 -13.28 41.97
CA ALA A 517 -17.67 -14.23 41.52
C ALA A 517 -19.00 -13.84 42.14
N LYS A 518 -19.01 -13.52 43.44
CA LYS A 518 -20.28 -13.18 44.14
C LYS A 518 -20.86 -11.90 43.54
N LYS A 519 -19.99 -10.95 43.22
CA LYS A 519 -20.41 -9.66 42.60
C LYS A 519 -21.10 -9.96 41.25
N LYS A 520 -20.49 -10.81 40.42
CA LYS A 520 -21.07 -11.11 39.08
C LYS A 520 -22.42 -11.80 39.28
N LEU A 521 -22.53 -12.71 40.25
CA LEU A 521 -23.81 -13.45 40.44
C LEU A 521 -24.89 -12.47 40.93
N LYS A 522 -24.47 -11.46 41.68
CA LYS A 522 -25.40 -10.39 42.10
C LYS A 522 -25.89 -9.62 40.87
N GLN A 523 -24.98 -9.21 39.99
CA GLN A 523 -25.37 -8.47 38.76
C GLN A 523 -26.37 -9.34 37.99
N VAL A 524 -26.14 -10.66 37.90
CA VAL A 524 -27.08 -11.55 37.17
C VAL A 524 -28.46 -11.47 37.83
N LYS A 525 -28.53 -11.51 39.17
CA LYS A 525 -29.82 -11.41 39.89
C LYS A 525 -30.48 -10.06 39.60
N GLU A 526 -29.71 -8.96 39.67
CA GLU A 526 -30.29 -7.62 39.38
C GLU A 526 -30.91 -7.61 37.98
N ILE A 527 -30.27 -8.22 36.98
CA ILE A 527 -30.81 -8.19 35.59
C ILE A 527 -32.09 -9.04 35.52
N LEU A 528 -32.08 -10.23 36.10
CA LEU A 528 -33.31 -11.07 36.13
C LEU A 528 -34.43 -10.30 36.85
N ASP A 529 -34.10 -9.52 37.87
CA ASP A 529 -35.10 -8.73 38.64
C ASP A 529 -35.70 -7.63 37.77
N LEU A 530 -34.86 -6.88 37.07
CA LEU A 530 -35.33 -5.91 36.05
C LEU A 530 -36.31 -6.62 35.10
N MET A 531 -35.95 -7.79 34.59
CA MET A 531 -36.76 -8.48 33.55
C MET A 531 -38.14 -8.76 34.15
N LYS A 532 -38.16 -9.30 35.36
CA LYS A 532 -39.44 -9.57 36.05
C LYS A 532 -40.24 -8.26 36.18
N GLU A 533 -39.65 -7.23 36.79
CA GLU A 533 -40.31 -5.93 37.04
C GLU A 533 -40.96 -5.44 35.74
N ILE A 534 -40.21 -5.51 34.63
CA ILE A 534 -40.73 -5.01 33.33
C ILE A 534 -41.98 -5.80 32.97
N ALA A 535 -41.99 -7.11 33.19
CA ALA A 535 -43.17 -7.94 32.87
C ALA A 535 -44.34 -7.53 33.76
N GLU A 536 -44.11 -7.37 35.07
CA GLU A 536 -45.16 -6.93 36.02
C GLU A 536 -45.80 -5.65 35.47
N LEU A 537 -44.97 -4.71 35.04
CA LEU A 537 -45.43 -3.40 34.53
C LEU A 537 -46.20 -3.59 33.21
N ALA A 538 -45.72 -4.42 32.29
CA ALA A 538 -46.38 -4.57 30.98
C ALA A 538 -47.74 -5.23 31.17
N LYS A 539 -47.87 -6.12 32.16
CA LYS A 539 -49.15 -6.78 32.53
C LYS A 539 -50.12 -5.72 33.06
N LYS A 540 -49.70 -4.97 34.08
CA LYS A 540 -50.55 -3.89 34.64
C LYS A 540 -50.96 -2.95 33.51
N ILE A 541 -50.01 -2.52 32.66
CA ILE A 541 -50.30 -1.57 31.56
C ILE A 541 -51.38 -2.19 30.67
N LYS A 542 -51.27 -3.48 30.40
CA LYS A 542 -52.21 -4.15 29.46
C LYS A 542 -53.61 -4.21 30.09
N ALA A 543 -53.69 -4.50 31.39
CA ALA A 543 -54.99 -4.50 32.11
C ALA A 543 -55.60 -3.09 32.04
N LYS A 544 -55.00 -2.12 32.74
CA LYS A 544 -55.50 -0.74 32.86
C LYS A 544 -55.90 -0.17 31.49
N SER A 545 -55.08 -0.41 30.46
CA SER A 545 -55.31 0.21 29.14
C SER A 545 -56.63 -0.32 28.56
N LYS A 546 -57.27 0.54 27.74
CA LYS A 546 -58.49 0.22 26.97
C LYS A 546 -58.16 0.11 25.49
N ASP A 547 -57.09 0.74 25.02
CA ASP A 547 -56.64 0.66 23.61
C ASP A 547 -56.24 -0.77 23.26
N PRO A 548 -56.63 -1.30 22.08
CA PRO A 548 -56.23 -2.64 21.67
C PRO A 548 -54.80 -2.82 21.12
N GLU A 549 -54.25 -1.91 20.31
CA GLU A 549 -52.85 -2.11 19.83
C GLU A 549 -51.86 -1.88 20.99
N VAL A 550 -52.12 -1.00 21.95
CA VAL A 550 -51.30 -0.98 23.19
C VAL A 550 -51.21 -2.43 23.72
N LYS A 551 -52.35 -3.11 23.84
CA LYS A 551 -52.40 -4.48 24.41
C LYS A 551 -51.57 -5.43 23.52
N ALA A 552 -51.65 -5.25 22.21
CA ALA A 552 -50.83 -6.04 21.26
C ALA A 552 -49.36 -5.89 21.64
N LEU A 553 -48.87 -4.65 21.72
CA LEU A 553 -47.44 -4.38 22.08
C LEU A 553 -47.10 -5.04 23.41
N MET A 554 -47.97 -4.94 24.41
CA MET A 554 -47.66 -5.51 25.74
C MET A 554 -47.48 -7.03 25.61
N ASP A 555 -48.29 -7.70 24.79
CA ASP A 555 -48.15 -9.17 24.60
C ASP A 555 -46.86 -9.47 23.85
N ALA A 556 -46.53 -8.67 22.83
CA ALA A 556 -45.24 -8.75 22.11
C ALA A 556 -44.09 -8.71 23.14
N MET A 557 -44.11 -7.72 24.01
CA MET A 557 -43.03 -7.54 25.02
C MET A 557 -43.01 -8.75 25.97
N LEU A 558 -44.18 -9.20 26.43
CA LEU A 558 -44.23 -10.36 27.38
C LEU A 558 -43.67 -11.60 26.66
N ALA A 559 -43.87 -11.71 25.36
CA ALA A 559 -43.38 -12.87 24.60
C ALA A 559 -41.85 -12.82 24.50
N ASP A 560 -41.30 -11.66 24.12
CA ASP A 560 -39.82 -11.47 24.04
C ASP A 560 -39.21 -11.76 25.42
N ILE A 561 -39.91 -11.43 26.48
CA ILE A 561 -39.37 -11.62 27.85
C ILE A 561 -39.42 -13.11 28.20
N GLN A 562 -40.46 -13.82 27.81
CA GLN A 562 -40.50 -15.28 28.06
C GLN A 562 -39.32 -15.94 27.33
N ALA A 563 -39.10 -15.56 26.07
CA ALA A 563 -37.99 -16.10 25.26
C ALA A 563 -36.67 -15.87 26.00
N ALA A 564 -36.38 -14.62 26.36
CA ALA A 564 -35.15 -14.23 27.08
C ALA A 564 -34.98 -15.12 28.31
N ALA A 565 -36.00 -15.24 29.16
CA ALA A 565 -35.82 -15.94 30.44
C ALA A 565 -35.58 -17.45 30.20
N LYS A 566 -36.25 -18.04 29.21
CA LYS A 566 -36.03 -19.48 28.87
C LYS A 566 -34.58 -19.69 28.43
N GLU A 567 -34.16 -18.85 27.49
CA GLU A 567 -32.80 -18.87 26.94
C GLU A 567 -31.79 -18.68 28.08
N ILE A 568 -32.12 -17.97 29.16
CA ILE A 568 -31.19 -17.75 30.30
C ILE A 568 -31.18 -18.99 31.20
N ALA A 569 -32.33 -19.61 31.43
CA ALA A 569 -32.43 -20.84 32.26
C ALA A 569 -31.68 -21.98 31.58
N LYS A 570 -31.69 -22.06 30.25
CA LYS A 570 -30.95 -23.12 29.52
C LYS A 570 -29.48 -23.05 29.95
N HIS A 571 -28.92 -21.85 29.90
CA HIS A 571 -27.48 -21.63 30.19
C HIS A 571 -27.21 -21.90 31.67
N LEU A 572 -28.08 -21.47 32.54
CA LEU A 572 -27.93 -21.75 33.99
C LEU A 572 -27.92 -23.27 34.18
N GLU A 573 -28.80 -24.00 33.50
CA GLU A 573 -28.88 -25.48 33.65
C GLU A 573 -27.58 -26.10 33.16
N GLU A 574 -27.06 -25.66 32.03
CA GLU A 574 -25.80 -26.23 31.47
C GLU A 574 -24.66 -26.03 32.48
N LEU A 575 -24.63 -24.89 33.17
CA LEU A 575 -23.65 -24.62 34.26
C LEU A 575 -23.91 -25.48 35.49
N LEU A 576 -25.15 -25.89 35.72
CA LEU A 576 -25.48 -26.70 36.92
C LEU A 576 -25.09 -28.16 36.68
N LYS A 577 -24.82 -28.55 35.42
CA LYS A 577 -24.29 -29.90 35.09
C LYS A 577 -22.92 -30.10 35.75
N ASP A 578 -22.18 -29.03 35.96
CA ASP A 578 -20.89 -29.05 36.68
C ASP A 578 -21.18 -28.93 38.17
N LYS A 579 -21.31 -30.06 38.86
CA LYS A 579 -21.86 -30.09 40.24
C LYS A 579 -20.86 -29.54 41.26
N GLU A 580 -19.57 -29.59 40.96
CA GLU A 580 -18.53 -28.95 41.83
C GLU A 580 -18.82 -27.45 41.86
N LEU A 581 -19.01 -26.84 40.69
CA LEU A 581 -19.34 -25.39 40.58
C LEU A 581 -20.60 -25.10 41.38
N ALA A 582 -21.68 -25.74 40.97
CA ALA A 582 -23.02 -25.64 41.58
C ALA A 582 -22.87 -25.71 43.10
N ALA A 583 -22.04 -26.63 43.60
CA ALA A 583 -21.75 -26.74 45.04
C ALA A 583 -21.21 -25.39 45.56
N ALA A 584 -20.15 -24.86 44.91
CA ALA A 584 -19.38 -23.71 45.45
C ALA A 584 -20.26 -22.46 45.52
N PHE A 585 -21.22 -22.30 44.60
CA PHE A 585 -22.05 -21.07 44.52
C PHE A 585 -23.52 -21.46 44.49
N PRO A 586 -24.20 -21.60 45.65
CA PRO A 586 -25.62 -21.97 45.64
C PRO A 586 -26.55 -20.88 45.09
N GLU A 587 -26.06 -19.65 44.92
CA GLU A 587 -26.82 -18.55 44.28
C GLU A 587 -27.30 -19.06 42.90
N LEU A 588 -26.46 -19.83 42.21
CA LEU A 588 -26.79 -20.35 40.85
C LEU A 588 -28.18 -21.01 40.87
N LYS A 589 -28.53 -21.67 41.95
CA LYS A 589 -29.85 -22.36 42.02
C LYS A 589 -30.95 -21.31 42.19
N THR A 590 -30.76 -20.37 43.12
CA THR A 590 -31.76 -19.29 43.31
C THR A 590 -31.97 -18.60 41.97
N LEU A 591 -30.92 -18.44 41.18
CA LEU A 591 -31.02 -17.71 39.89
C LEU A 591 -31.91 -18.48 38.93
N LEU A 592 -31.77 -19.80 38.86
CA LEU A 592 -32.56 -20.64 37.93
C LEU A 592 -34.03 -20.63 38.36
N LYS A 593 -34.27 -20.64 39.67
CA LYS A 593 -35.66 -20.56 40.18
C LYS A 593 -36.29 -19.28 39.68
N LEU A 594 -35.60 -18.15 39.86
CA LEU A 594 -36.16 -16.83 39.47
C LEU A 594 -36.40 -16.81 37.96
N ALA A 595 -35.51 -17.41 37.19
CA ALA A 595 -35.64 -17.43 35.73
C ALA A 595 -36.85 -18.25 35.30
N LYS A 596 -37.16 -19.33 36.03
CA LYS A 596 -38.27 -20.22 35.65
C LYS A 596 -39.59 -19.63 36.17
N GLU A 597 -39.52 -18.89 37.26
CA GLU A 597 -40.74 -18.21 37.77
C GLU A 597 -41.19 -17.22 36.71
N ILE A 598 -40.26 -16.71 35.92
CA ILE A 598 -40.55 -15.73 34.86
C ILE A 598 -41.12 -16.49 33.67
N VAL A 599 -40.78 -17.76 33.52
CA VAL A 599 -41.29 -18.54 32.35
C VAL A 599 -42.74 -18.97 32.65
N LYS A 600 -43.14 -19.03 33.93
CA LYS A 600 -44.50 -19.44 34.34
C LYS A 600 -45.42 -18.21 34.35
N MET A 601 -44.95 -17.12 34.99
CA MET A 601 -45.75 -15.87 35.07
C MET A 601 -46.28 -15.60 33.66
N LEU A 602 -45.60 -16.11 32.65
CA LEU A 602 -45.97 -15.78 31.26
C LEU A 602 -46.69 -16.96 30.60
N GLU A 603 -46.46 -18.18 31.06
CA GLU A 603 -47.22 -19.33 30.54
C GLU A 603 -48.65 -19.09 30.96
N PHE B 13 34.15 -9.51 11.73
CA PHE B 13 33.45 -8.68 10.71
C PHE B 13 32.25 -7.99 11.39
N THR B 14 31.06 -8.57 11.28
CA THR B 14 29.83 -7.98 11.88
C THR B 14 28.94 -9.12 12.40
N ARG B 15 29.50 -9.99 13.24
CA ARG B 15 28.77 -11.17 13.75
C ARG B 15 27.85 -10.78 14.91
N THR B 16 28.28 -9.86 15.79
CA THR B 16 27.49 -9.46 16.98
C THR B 16 26.17 -8.86 16.52
N PRO B 17 25.13 -8.85 17.37
CA PRO B 17 23.80 -8.43 16.95
C PRO B 17 23.76 -6.95 16.58
N GLU B 18 24.36 -6.08 17.41
CA GLU B 18 24.41 -4.62 17.11
C GLU B 18 25.21 -4.40 15.82
N ALA B 19 26.12 -5.32 15.52
CA ALA B 19 26.94 -5.27 14.29
C ALA B 19 26.08 -5.57 13.07
N ARG B 20 25.43 -6.72 13.03
CA ARG B 20 24.65 -7.15 11.84
C ARG B 20 23.48 -6.19 11.65
N ALA B 21 22.90 -5.68 12.73
CA ALA B 21 21.86 -4.63 12.63
C ALA B 21 22.40 -3.49 11.76
N ASN B 22 23.62 -3.04 12.08
CA ASN B 22 24.30 -1.97 11.30
C ASN B 22 24.51 -2.43 9.87
N TYR B 23 25.30 -3.48 9.68
CA TYR B 23 25.75 -3.93 8.34
C TYR B 23 24.54 -4.12 7.42
N LEU B 24 23.51 -4.79 7.92
CA LEU B 24 22.31 -5.07 7.10
C LEU B 24 21.56 -3.79 6.81
N ALA B 25 21.49 -2.84 7.73
CA ALA B 25 20.79 -1.55 7.49
C ALA B 25 21.56 -0.76 6.42
N VAL B 26 22.88 -0.66 6.58
CA VAL B 26 23.79 0.02 5.62
C VAL B 26 23.64 -0.63 4.25
N THR B 27 23.78 -1.96 4.20
CA THR B 27 23.70 -2.73 2.94
C THR B 27 22.34 -2.49 2.29
N ARG B 28 21.27 -2.56 3.06
CA ARG B 28 19.91 -2.39 2.49
C ARG B 28 19.80 -0.97 1.92
N ALA B 29 20.24 0.06 2.63
CA ALA B 29 20.10 1.45 2.12
C ALA B 29 20.95 1.63 0.85
N ALA B 30 22.14 1.04 0.83
CA ALA B 30 23.03 1.06 -0.35
C ALA B 30 22.32 0.40 -1.54
N LEU B 31 21.73 -0.78 -1.35
CA LEU B 31 21.03 -1.50 -2.45
C LEU B 31 19.83 -0.66 -2.92
N GLU B 32 19.07 -0.08 -2.00
CA GLU B 32 17.88 0.74 -2.34
C GLU B 32 18.35 1.89 -3.24
N GLY B 33 19.43 2.58 -2.87
CA GLY B 33 20.00 3.69 -3.67
C GLY B 33 20.42 3.21 -5.04
N ARG B 34 21.17 2.12 -5.10
CA ARG B 34 21.72 1.59 -6.38
C ARG B 34 20.54 1.21 -7.29
N LEU B 35 19.51 0.58 -6.75
CA LEU B 35 18.37 0.12 -7.56
C LEU B 35 17.58 1.34 -8.02
N ALA B 36 17.54 2.38 -7.21
CA ALA B 36 16.79 3.60 -7.59
C ALA B 36 17.49 4.24 -8.79
N LEU B 37 18.82 4.31 -8.78
CA LEU B 37 19.57 4.93 -9.89
C LEU B 37 19.34 4.07 -11.15
N PHE B 38 19.42 2.76 -11.02
CA PHE B 38 19.29 1.83 -12.17
C PHE B 38 17.90 2.00 -12.80
N ALA B 39 16.85 2.05 -11.96
CA ALA B 39 15.47 2.24 -12.40
C ALA B 39 15.35 3.61 -13.08
N ALA B 40 16.08 4.60 -12.56
CA ALA B 40 16.12 5.96 -13.15
C ALA B 40 16.73 5.91 -14.55
N ARG B 41 17.74 5.08 -14.78
CA ARG B 41 18.36 5.03 -16.12
C ARG B 41 17.37 4.40 -17.10
N LEU B 42 16.70 3.32 -16.69
CA LEU B 42 15.71 2.63 -17.54
C LEU B 42 14.50 3.54 -17.79
N ALA B 43 14.24 4.51 -16.91
CA ALA B 43 13.11 5.44 -17.11
C ALA B 43 13.46 6.48 -18.17
N ARG B 44 14.74 6.84 -18.32
CA ARG B 44 15.13 8.04 -19.11
C ARG B 44 15.46 7.65 -20.54
N HIS B 45 15.83 6.40 -20.79
CA HIS B 45 16.19 5.95 -22.16
C HIS B 45 15.63 4.56 -22.41
N SER B 46 15.96 4.00 -23.58
CA SER B 46 15.53 2.65 -24.00
C SER B 46 16.49 1.61 -23.41
N GLU B 47 15.95 0.42 -23.17
CA GLU B 47 16.72 -0.73 -22.64
C GLU B 47 17.94 -0.96 -23.53
N ALA B 48 17.85 -0.76 -24.84
CA ALA B 48 18.97 -1.01 -25.79
C ALA B 48 20.10 -0.02 -25.51
N GLU B 49 19.74 1.26 -25.35
CA GLU B 49 20.75 2.32 -25.09
C GLU B 49 21.44 2.00 -23.76
N VAL B 50 20.66 1.72 -22.71
CA VAL B 50 21.22 1.44 -21.36
C VAL B 50 22.11 0.21 -21.44
N ALA B 51 21.65 -0.83 -22.13
CA ALA B 51 22.42 -2.09 -22.25
C ALA B 51 23.76 -1.80 -22.95
N ALA B 52 23.78 -0.86 -23.88
CA ALA B 52 25.01 -0.57 -24.66
C ALA B 52 25.95 0.35 -23.87
N THR B 53 25.48 1.14 -22.90
CA THR B 53 26.30 2.21 -22.30
C THR B 53 26.57 2.00 -20.82
N ILE B 54 25.77 1.21 -20.11
CA ILE B 54 25.88 1.09 -18.63
C ILE B 54 27.22 0.42 -18.26
N ASP B 55 27.88 0.97 -17.25
CA ASP B 55 29.12 0.37 -16.72
C ASP B 55 28.78 -1.00 -16.13
N PRO B 56 29.36 -2.11 -16.63
CA PRO B 56 29.14 -3.43 -16.04
C PRO B 56 29.44 -3.50 -14.54
N GLY B 57 30.36 -2.66 -14.06
CA GLY B 57 30.79 -2.65 -12.65
C GLY B 57 29.66 -2.18 -11.77
N PHE B 58 28.84 -1.26 -12.26
CA PHE B 58 27.67 -0.77 -11.50
C PHE B 58 26.73 -1.95 -11.26
N LEU B 59 26.56 -2.81 -12.26
CA LEU B 59 25.67 -4.00 -12.18
C LEU B 59 26.28 -5.01 -11.21
N LEU B 60 27.60 -5.25 -11.30
CA LEU B 60 28.28 -6.16 -10.35
C LEU B 60 28.09 -5.64 -8.92
N ASP B 61 28.16 -4.34 -8.70
CA ASP B 61 28.02 -3.77 -7.33
C ASP B 61 26.62 -4.07 -6.82
N ILE B 62 25.61 -4.00 -7.68
CA ILE B 62 24.23 -4.32 -7.26
C ILE B 62 24.14 -5.81 -6.94
N LEU B 63 24.74 -6.70 -7.73
CA LEU B 63 24.70 -8.15 -7.41
C LEU B 63 25.38 -8.38 -6.07
N ASP B 64 26.49 -7.70 -5.85
CA ASP B 64 27.27 -7.77 -4.60
C ASP B 64 26.35 -7.44 -3.41
N LEU B 65 25.72 -6.29 -3.43
CA LEU B 65 24.82 -5.84 -2.32
C LEU B 65 23.68 -6.85 -2.19
N LEU B 66 23.05 -7.22 -3.30
CA LEU B 66 21.88 -8.13 -3.28
C LEU B 66 22.23 -9.40 -2.47
N TYR B 67 23.33 -10.07 -2.77
CA TYR B 67 23.64 -11.37 -2.14
C TYR B 67 24.53 -11.21 -0.91
N SER B 68 24.73 -9.97 -0.46
CA SER B 68 25.24 -9.67 0.90
C SER B 68 24.09 -9.59 1.90
N LEU B 69 22.86 -9.45 1.43
CA LEU B 69 21.68 -9.54 2.33
C LEU B 69 21.30 -11.00 2.48
N PRO B 70 20.76 -11.40 3.65
CA PRO B 70 20.19 -12.74 3.82
C PRO B 70 18.88 -12.82 3.03
N ALA B 71 18.63 -13.97 2.42
CA ALA B 71 17.39 -14.23 1.65
C ALA B 71 16.15 -13.74 2.43
N ALA B 72 16.12 -13.98 3.75
CA ALA B 72 14.96 -13.61 4.60
C ALA B 72 14.68 -12.11 4.44
N LEU B 73 15.71 -11.28 4.59
CA LEU B 73 15.55 -9.81 4.54
C LEU B 73 15.18 -9.41 3.11
N ARG B 74 15.80 -10.05 2.11
CA ARG B 74 15.49 -9.82 0.68
C ARG B 74 13.98 -9.99 0.45
N GLU B 75 13.41 -11.14 0.84
CA GLU B 75 12.00 -11.47 0.55
C GLU B 75 11.04 -10.51 1.30
N ALA B 76 11.50 -9.81 2.33
CA ALA B 76 10.63 -8.90 3.10
C ALA B 76 10.82 -7.45 2.66
N LEU B 77 11.67 -7.19 1.66
CA LEU B 77 11.88 -5.81 1.16
C LEU B 77 10.58 -5.27 0.57
N PRO B 78 10.32 -3.96 0.70
CA PRO B 78 9.03 -3.40 0.27
C PRO B 78 8.73 -3.70 -1.21
N ALA B 79 7.48 -3.49 -1.62
CA ALA B 79 6.97 -3.89 -2.95
C ALA B 79 7.68 -3.11 -4.07
N GLU B 80 7.94 -1.81 -3.87
CA GLU B 80 8.70 -1.00 -4.83
C GLU B 80 10.10 -1.60 -5.03
N VAL B 81 10.74 -2.01 -3.94
CA VAL B 81 12.11 -2.58 -4.02
C VAL B 81 12.03 -3.91 -4.77
N GLN B 82 11.02 -4.73 -4.51
CA GLN B 82 10.92 -6.05 -5.21
C GLN B 82 10.69 -5.79 -6.70
N ALA B 83 9.95 -4.75 -7.06
CA ALA B 83 9.70 -4.42 -8.47
C ALA B 83 11.03 -4.06 -9.14
N ARG B 84 11.86 -3.29 -8.45
CA ARG B 84 13.19 -2.88 -8.99
C ARG B 84 14.12 -4.09 -9.05
N ILE B 85 14.07 -5.00 -8.08
CA ILE B 85 14.94 -6.22 -8.11
C ILE B 85 14.52 -7.05 -9.32
N ALA B 86 13.22 -7.15 -9.58
CA ALA B 86 12.69 -7.94 -10.71
C ALA B 86 13.15 -7.31 -12.04
N LEU B 87 13.10 -5.98 -12.12
CA LEU B 87 13.53 -5.24 -13.34
C LEU B 87 15.01 -5.51 -13.58
N PHE B 88 15.80 -5.37 -12.53
CA PHE B 88 17.25 -5.66 -12.57
C PHE B 88 17.51 -7.07 -13.11
N GLU B 89 16.88 -8.07 -12.51
CA GLU B 89 17.18 -9.48 -12.87
C GLU B 89 16.72 -9.75 -14.30
N ALA B 90 15.58 -9.19 -14.70
CA ALA B 90 15.02 -9.40 -16.07
C ALA B 90 15.98 -8.76 -17.07
N PHE B 91 16.48 -7.57 -16.77
CA PHE B 91 17.40 -6.83 -17.66
C PHE B 91 18.66 -7.67 -17.85
N LEU B 92 19.23 -8.22 -16.78
CA LEU B 92 20.45 -9.06 -16.92
C LEU B 92 20.13 -10.29 -17.78
N ALA B 93 18.97 -10.91 -17.61
CA ALA B 93 18.66 -12.14 -18.38
C ALA B 93 18.47 -11.78 -19.85
N ARG B 94 17.73 -10.70 -20.15
CA ARG B 94 17.32 -10.35 -21.54
C ARG B 94 18.54 -9.92 -22.35
N TYR B 95 19.51 -9.23 -21.75
CA TYR B 95 20.70 -8.71 -22.47
C TYR B 95 21.94 -9.44 -22.02
N ALA B 96 21.82 -10.69 -21.57
CA ALA B 96 22.98 -11.44 -21.05
C ALA B 96 24.04 -11.60 -22.13
N ASP B 97 23.63 -11.72 -23.40
CA ASP B 97 24.55 -11.99 -24.53
C ASP B 97 25.01 -10.69 -25.17
N HIS B 98 24.54 -9.54 -24.69
CA HIS B 98 25.04 -8.22 -25.15
C HIS B 98 26.54 -8.14 -24.89
N PRO B 99 27.33 -7.74 -25.91
CA PRO B 99 28.78 -7.68 -25.76
C PRO B 99 29.23 -6.89 -24.51
N ASN B 100 28.53 -5.81 -24.21
CA ASN B 100 28.86 -4.93 -23.07
C ASN B 100 28.63 -5.67 -21.74
N LEU B 101 27.59 -6.51 -21.68
CA LEU B 101 27.11 -7.12 -20.42
C LEU B 101 27.49 -8.60 -20.33
N ALA B 102 28.19 -9.17 -21.32
CA ALA B 102 28.32 -10.64 -21.44
C ALA B 102 28.86 -11.25 -20.13
N LEU B 103 29.92 -10.66 -19.59
CA LEU B 103 30.59 -11.14 -18.36
C LEU B 103 29.59 -11.16 -17.19
N VAL B 104 28.82 -10.08 -17.02
CA VAL B 104 27.81 -10.04 -15.94
C VAL B 104 26.73 -11.08 -16.22
N GLY B 105 26.36 -11.28 -17.49
CA GLY B 105 25.33 -12.26 -17.88
C GLY B 105 25.74 -13.67 -17.48
N ARG B 106 26.97 -14.05 -17.78
CA ARG B 106 27.51 -15.37 -17.39
C ARG B 106 27.41 -15.50 -15.86
N VAL B 107 27.81 -14.45 -15.13
CA VAL B 107 27.73 -14.48 -13.64
C VAL B 107 26.27 -14.68 -13.24
N PHE B 108 25.34 -13.94 -13.82
CA PHE B 108 23.92 -13.98 -13.38
C PHE B 108 23.34 -15.37 -13.67
N ARG B 109 23.65 -15.95 -14.82
CA ARG B 109 23.14 -17.31 -15.18
C ARG B 109 23.69 -18.33 -14.18
N GLU B 110 24.97 -18.19 -13.81
CA GLU B 110 25.59 -19.09 -12.82
C GLU B 110 24.87 -18.96 -11.47
N ILE B 111 24.59 -17.74 -11.02
CA ILE B 111 24.03 -17.53 -9.65
C ILE B 111 22.62 -18.12 -9.61
N GLN B 112 21.81 -17.89 -10.65
CA GLN B 112 20.42 -18.40 -10.69
C GLN B 112 20.45 -19.94 -10.62
N ALA B 113 21.41 -20.56 -11.32
CA ALA B 113 21.56 -22.04 -11.34
C ALA B 113 21.93 -22.55 -9.93
N ILE B 114 22.91 -21.91 -9.30
CA ILE B 114 23.30 -22.27 -7.90
C ILE B 114 22.03 -22.22 -7.04
N ARG B 115 21.27 -21.13 -7.16
CA ARG B 115 20.12 -20.89 -6.28
C ARG B 115 19.10 -22.00 -6.49
N ALA B 116 18.95 -22.49 -7.72
CA ALA B 116 17.92 -23.50 -8.03
C ALA B 116 18.40 -24.91 -7.66
N LYS B 117 19.66 -25.07 -7.26
CA LYS B 117 20.25 -26.40 -6.99
C LYS B 117 20.35 -26.62 -5.47
N TYR B 118 20.58 -25.58 -4.68
CA TYR B 118 20.86 -25.76 -3.23
C TYR B 118 19.78 -25.05 -2.42
N SER B 119 18.80 -24.46 -3.07
CA SER B 119 17.74 -23.71 -2.36
C SER B 119 16.97 -24.70 -1.50
N GLY B 120 16.65 -24.30 -0.25
CA GLY B 120 15.92 -25.13 0.72
C GLY B 120 16.78 -26.25 1.29
N LYS B 121 17.44 -27.00 0.40
CA LYS B 121 18.36 -28.11 0.75
C LYS B 121 19.46 -27.59 1.69
N LEU B 122 20.21 -26.55 1.31
CA LEU B 122 21.36 -26.05 2.11
C LEU B 122 21.05 -24.66 2.63
N PRO B 123 21.83 -24.15 3.61
CA PRO B 123 21.57 -22.83 4.19
C PRO B 123 21.80 -21.67 3.21
N ASP B 124 21.01 -20.60 3.35
CA ASP B 124 21.06 -19.44 2.42
C ASP B 124 22.42 -18.75 2.56
N GLU B 125 22.98 -18.67 3.76
CA GLU B 125 24.27 -17.95 3.96
C GLU B 125 25.37 -18.64 3.14
N TYR B 126 25.28 -19.96 2.99
CA TYR B 126 26.21 -20.70 2.11
C TYR B 126 25.91 -20.33 0.65
N ILE B 127 24.64 -20.24 0.29
CA ILE B 127 24.22 -19.86 -1.09
C ILE B 127 24.73 -18.46 -1.41
N ASN B 128 24.56 -17.52 -0.48
CA ASN B 128 24.96 -16.11 -0.68
C ASN B 128 26.49 -16.06 -0.72
N THR B 129 27.19 -17.06 -0.18
CA THR B 129 28.66 -17.08 -0.26
C THR B 129 29.08 -17.60 -1.63
N LEU B 130 28.46 -18.66 -2.13
CA LEU B 130 28.75 -19.14 -3.50
C LEU B 130 28.43 -18.02 -4.50
N ALA B 131 27.33 -17.30 -4.30
CA ALA B 131 26.89 -16.23 -5.21
C ALA B 131 27.92 -15.10 -5.20
N LEU B 132 28.32 -14.64 -4.02
CA LEU B 132 29.35 -13.56 -3.93
C LEU B 132 30.60 -14.05 -4.64
N ILE B 133 30.90 -15.35 -4.57
CA ILE B 133 32.13 -15.86 -5.22
C ILE B 133 32.01 -15.66 -6.74
N ARG B 134 30.86 -16.01 -7.31
CA ARG B 134 30.67 -15.92 -8.79
C ARG B 134 30.81 -14.47 -9.23
N VAL B 135 30.30 -13.53 -8.45
CA VAL B 135 30.38 -12.08 -8.78
C VAL B 135 31.85 -11.67 -8.79
N ASP B 136 32.61 -12.11 -7.79
CA ASP B 136 34.02 -11.67 -7.61
C ASP B 136 34.87 -12.26 -8.73
N ARG B 137 34.44 -13.37 -9.35
CA ARG B 137 35.19 -13.95 -10.50
C ARG B 137 35.18 -12.96 -11.67
N ALA B 138 34.10 -12.21 -11.80
CA ALA B 138 33.97 -11.20 -12.87
C ALA B 138 34.90 -10.02 -12.58
N ARG B 139 35.03 -9.63 -11.32
CA ARG B 139 35.86 -8.46 -10.97
C ARG B 139 37.33 -8.83 -11.14
N LEU B 140 37.63 -10.13 -11.12
CA LEU B 140 39.03 -10.59 -11.25
C LEU B 140 39.53 -10.32 -12.66
N VAL B 141 38.75 -10.69 -13.65
CA VAL B 141 39.15 -10.50 -15.06
C VAL B 141 39.51 -9.03 -15.27
N ARG B 142 38.75 -8.13 -14.65
CA ARG B 142 39.01 -6.69 -14.82
C ARG B 142 40.27 -6.31 -14.06
N ASP B 143 40.41 -6.81 -12.83
CA ASP B 143 41.61 -6.49 -12.01
C ASP B 143 42.83 -7.11 -12.69
N MET B 144 42.62 -8.20 -13.41
CA MET B 144 43.76 -8.88 -14.04
C MET B 144 44.22 -8.05 -15.23
N ARG B 145 43.31 -7.40 -15.95
CA ARG B 145 43.72 -6.47 -17.03
C ARG B 145 44.49 -5.30 -16.39
N LEU B 146 43.91 -4.71 -15.37
CA LEU B 146 44.56 -3.59 -14.66
C LEU B 146 45.94 -4.03 -14.16
N VAL B 147 46.03 -5.23 -13.61
CA VAL B 147 47.32 -5.74 -13.06
C VAL B 147 48.32 -5.97 -14.20
N GLU B 148 47.91 -6.60 -15.30
CA GLU B 148 48.82 -6.89 -16.43
C GLU B 148 49.38 -5.57 -16.94
N GLU B 149 48.54 -4.56 -17.11
CA GLU B 149 48.99 -3.28 -17.71
C GLU B 149 49.92 -2.58 -16.72
N THR B 150 49.57 -2.56 -15.44
CA THR B 150 50.39 -1.85 -14.43
C THR B 150 51.76 -2.53 -14.28
N ALA B 151 51.86 -3.84 -14.50
CA ALA B 151 53.14 -4.58 -14.40
C ALA B 151 54.10 -4.08 -15.48
N VAL B 152 53.56 -3.64 -16.61
CA VAL B 152 54.40 -3.13 -17.74
C VAL B 152 55.03 -1.81 -17.31
N ILE B 153 54.27 -0.95 -16.62
CA ILE B 153 54.80 0.34 -16.11
C ILE B 153 55.88 0.05 -15.06
N VAL B 154 55.64 -0.90 -14.17
CA VAL B 154 56.61 -1.15 -13.07
C VAL B 154 57.91 -1.66 -13.68
N ALA B 155 57.83 -2.57 -14.64
CA ALA B 155 59.03 -3.15 -15.28
C ALA B 155 59.75 -2.07 -16.10
N ALA B 156 58.99 -1.21 -16.79
CA ALA B 156 59.56 -0.12 -17.61
C ALA B 156 60.39 0.82 -16.73
N TYR B 157 59.82 1.37 -15.66
CA TYR B 157 60.58 2.32 -14.82
C TYR B 157 61.75 1.57 -14.17
N ALA B 158 61.62 0.27 -13.91
CA ALA B 158 62.74 -0.51 -13.36
C ALA B 158 63.89 -0.54 -14.38
N LEU B 159 63.65 -1.15 -15.54
CA LEU B 159 64.69 -1.25 -16.61
C LEU B 159 65.30 0.13 -16.89
N ALA B 160 64.51 1.20 -16.83
CA ALA B 160 65.00 2.54 -17.22
C ALA B 160 65.99 3.10 -16.20
N PHE B 161 65.70 3.07 -14.89
CA PHE B 161 66.52 3.81 -13.92
C PHE B 161 67.39 2.90 -13.05
N ASP B 162 67.12 1.60 -13.10
CA ASP B 162 67.90 0.57 -12.36
C ASP B 162 69.25 0.32 -13.04
N PRO B 163 70.36 0.16 -12.27
CA PRO B 163 71.63 -0.28 -12.84
C PRO B 163 71.49 -1.66 -13.49
N PRO B 164 72.23 -1.93 -14.58
CA PRO B 164 71.98 -3.11 -15.42
C PRO B 164 71.99 -4.47 -14.69
N GLU B 165 72.71 -4.55 -13.58
CA GLU B 165 72.70 -5.77 -12.72
C GLU B 165 71.26 -6.06 -12.28
N ARG B 166 70.49 -5.00 -12.03
CA ARG B 166 69.11 -5.13 -11.49
C ARG B 166 68.10 -5.27 -12.64
N HIS B 167 68.51 -5.80 -13.79
CA HIS B 167 67.62 -5.87 -14.99
C HIS B 167 67.03 -7.27 -15.15
N PRO B 168 67.85 -8.35 -15.23
CA PRO B 168 67.28 -9.69 -15.43
C PRO B 168 66.24 -10.01 -14.35
N GLU B 169 66.52 -9.62 -13.12
CA GLU B 169 65.61 -9.81 -11.96
C GLU B 169 64.23 -9.23 -12.29
N ALA B 170 64.19 -7.94 -12.62
CA ALA B 170 62.95 -7.18 -12.84
C ALA B 170 62.17 -7.83 -13.99
N GLU B 171 62.86 -8.29 -15.03
CA GLU B 171 62.20 -8.93 -16.19
C GLU B 171 61.38 -10.12 -15.69
N ALA B 172 61.99 -10.94 -14.85
CA ALA B 172 61.40 -12.20 -14.37
C ALA B 172 60.19 -11.88 -13.51
N ARG B 173 60.28 -10.90 -12.64
CA ARG B 173 59.10 -10.50 -11.81
C ARG B 173 57.94 -10.16 -12.75
N MET B 174 58.24 -9.52 -13.88
CA MET B 174 57.19 -9.10 -14.83
C MET B 174 56.53 -10.35 -15.41
N ARG B 175 57.33 -11.25 -15.96
CA ARG B 175 56.81 -12.56 -16.47
C ARG B 175 56.04 -13.23 -15.33
N ALA B 176 56.62 -13.28 -14.14
CA ALA B 176 56.01 -13.93 -12.95
C ALA B 176 54.62 -13.32 -12.71
N THR B 177 54.54 -11.99 -12.66
CA THR B 177 53.26 -11.29 -12.40
C THR B 177 52.23 -11.78 -13.41
N ILE B 178 52.60 -11.81 -14.69
CA ILE B 178 51.68 -12.22 -15.78
C ILE B 178 51.25 -13.67 -15.56
N GLU B 179 52.21 -14.53 -15.28
CA GLU B 179 51.98 -15.98 -15.11
C GLU B 179 51.05 -16.18 -13.89
N ARG B 180 51.38 -15.54 -12.77
CA ARG B 180 50.53 -15.59 -11.55
C ARG B 180 49.10 -15.18 -11.94
N ALA B 181 48.97 -14.14 -12.75
CA ALA B 181 47.66 -13.60 -13.15
C ALA B 181 46.94 -14.59 -14.07
N ASN B 182 47.64 -15.16 -15.04
CA ASN B 182 46.99 -16.06 -16.02
C ASN B 182 46.55 -17.34 -15.30
N ALA B 183 47.21 -17.71 -14.22
CA ALA B 183 46.79 -18.85 -13.39
C ALA B 183 45.48 -18.52 -12.69
N LEU B 184 45.40 -17.35 -12.07
CA LEU B 184 44.13 -16.90 -11.43
C LEU B 184 43.02 -16.93 -12.48
N ARG B 185 43.36 -16.54 -13.71
CA ARG B 185 42.36 -16.47 -14.80
C ARG B 185 41.86 -17.88 -15.11
N ARG B 186 42.76 -18.82 -15.41
CA ARG B 186 42.38 -20.19 -15.80
C ARG B 186 41.51 -20.79 -14.69
N ALA B 187 41.77 -20.39 -13.42
CA ALA B 187 41.01 -20.88 -12.26
C ALA B 187 39.52 -20.63 -12.47
N ALA B 188 39.14 -19.42 -12.88
CA ALA B 188 37.73 -19.12 -13.19
C ALA B 188 37.39 -19.59 -14.61
N GLY B 189 38.40 -19.92 -15.43
CA GLY B 189 38.19 -20.52 -16.76
C GLY B 189 38.41 -19.51 -17.88
N PHE B 190 38.83 -18.28 -17.56
CA PHE B 190 39.02 -17.21 -18.56
C PHE B 190 40.35 -17.44 -19.27
N PRO B 191 40.48 -17.02 -20.56
CA PRO B 191 41.69 -17.23 -21.35
C PRO B 191 42.85 -16.33 -20.95
N PRO B 192 44.08 -16.57 -21.45
CA PRO B 192 45.21 -15.68 -21.20
C PRO B 192 45.01 -14.31 -21.83
N SER B 193 44.62 -13.30 -21.05
CA SER B 193 44.28 -11.95 -21.58
C SER B 193 45.53 -11.19 -22.02
N LEU B 194 46.72 -11.63 -21.64
CA LEU B 194 48.00 -11.03 -22.11
C LEU B 194 48.99 -12.15 -22.37
N ALA B 195 50.15 -11.84 -22.96
CA ALA B 195 51.25 -12.82 -23.17
C ALA B 195 52.54 -12.29 -22.54
N PRO B 196 53.25 -13.10 -21.73
CA PRO B 196 54.50 -12.69 -21.10
C PRO B 196 55.51 -12.00 -22.02
N GLU B 197 55.39 -12.13 -23.34
CA GLU B 197 56.36 -11.54 -24.29
C GLU B 197 55.85 -10.20 -24.82
N GLU B 198 54.60 -10.19 -25.28
CA GLU B 198 53.86 -8.95 -25.66
C GLU B 198 54.19 -7.85 -24.63
N GLY B 199 54.07 -8.20 -23.35
CA GLY B 199 54.27 -7.26 -22.23
C GLY B 199 55.72 -6.83 -22.07
N LEU B 200 56.65 -7.78 -22.05
CA LEU B 200 58.08 -7.45 -21.84
C LEU B 200 58.53 -6.54 -22.99
N ALA B 201 58.05 -6.80 -24.20
CA ALA B 201 58.31 -5.95 -25.38
C ALA B 201 57.84 -4.51 -25.09
N ARG B 202 56.56 -4.37 -24.75
CA ARG B 202 55.99 -3.04 -24.45
C ARG B 202 56.86 -2.35 -23.40
N ALA B 203 57.29 -3.07 -22.34
CA ALA B 203 58.04 -2.50 -21.20
C ALA B 203 59.40 -2.02 -21.68
N ARG B 204 60.07 -2.82 -22.52
CA ARG B 204 61.42 -2.44 -23.02
C ARG B 204 61.31 -1.20 -23.89
N ARG B 205 60.30 -1.11 -24.75
CA ARG B 205 60.07 0.11 -25.57
C ARG B 205 60.00 1.35 -24.65
N LEU B 206 59.09 1.34 -23.67
CA LEU B 206 58.87 2.51 -22.78
C LEU B 206 60.16 2.79 -22.00
N ALA B 207 60.87 1.76 -21.57
CA ALA B 207 62.14 1.91 -20.81
C ALA B 207 63.15 2.66 -21.68
N ALA B 208 63.23 2.28 -22.96
CA ALA B 208 64.12 2.95 -23.93
C ALA B 208 63.80 4.45 -23.94
N ARG B 209 62.53 4.80 -24.02
CA ARG B 209 62.15 6.23 -24.14
C ARG B 209 62.65 7.00 -22.91
N LEU B 210 62.41 6.46 -21.73
CA LEU B 210 62.66 7.18 -20.45
C LEU B 210 64.16 7.36 -20.24
N ARG B 211 64.97 6.36 -20.58
CA ARG B 211 66.44 6.44 -20.38
C ARG B 211 67.01 7.60 -21.20
N ALA B 212 66.54 7.76 -22.44
CA ALA B 212 67.02 8.81 -23.36
C ALA B 212 66.58 10.18 -22.84
N LEU B 213 65.33 10.33 -22.41
CA LEU B 213 64.87 11.61 -21.82
C LEU B 213 65.78 11.94 -20.64
N ARG B 214 66.13 10.96 -19.83
CA ARG B 214 66.97 11.18 -18.62
C ARG B 214 68.37 11.59 -19.06
N ALA B 215 68.97 10.87 -20.01
CA ALA B 215 70.33 11.17 -20.52
C ALA B 215 70.33 12.61 -21.05
N ALA B 216 69.33 12.95 -21.84
CA ALA B 216 69.21 14.27 -22.49
C ALA B 216 69.06 15.35 -21.41
N VAL B 217 68.07 15.22 -20.54
CA VAL B 217 67.73 16.28 -19.55
C VAL B 217 68.96 16.57 -18.70
N ARG B 218 69.86 15.59 -18.55
CA ARG B 218 71.14 15.82 -17.83
C ARG B 218 72.04 16.74 -18.66
N ALA B 219 71.66 17.02 -19.90
CA ALA B 219 72.41 17.89 -20.82
C ALA B 219 71.64 19.20 -21.02
N ARG B 220 70.72 19.52 -20.14
CA ARG B 220 69.86 20.72 -20.30
C ARG B 220 69.30 20.75 -21.73
N ARG B 221 68.94 19.61 -22.23
CA ARG B 221 68.32 19.47 -23.58
C ARG B 221 67.19 18.44 -23.53
N LEU B 222 66.23 18.54 -24.45
CA LEU B 222 65.19 17.50 -24.61
C LEU B 222 65.54 16.66 -25.82
N PRO B 223 65.06 15.40 -25.89
CA PRO B 223 65.40 14.51 -27.02
C PRO B 223 65.10 15.12 -28.39
N THR B 224 64.15 16.06 -28.47
CA THR B 224 63.85 16.80 -29.71
C THR B 224 64.99 17.78 -30.01
N GLY B 225 66.03 17.81 -29.18
CA GLY B 225 67.19 18.72 -29.31
C GLY B 225 67.00 20.03 -28.56
N VAL B 226 65.75 20.37 -28.23
CA VAL B 226 65.38 21.69 -27.64
C VAL B 226 66.15 21.86 -26.34
N PRO B 227 66.77 23.04 -26.12
CA PRO B 227 67.50 23.30 -24.88
C PRO B 227 66.58 23.51 -23.66
N LEU B 228 67.13 23.26 -22.48
CA LEU B 228 66.42 23.41 -21.19
C LEU B 228 67.24 24.35 -20.30
N THR B 229 66.57 25.14 -19.46
CA THR B 229 67.23 25.92 -18.39
C THR B 229 67.67 24.93 -17.32
N PRO B 230 68.77 25.18 -16.58
CA PRO B 230 69.23 24.23 -15.57
C PRO B 230 68.15 23.89 -14.51
N GLU B 231 67.37 24.85 -14.12
CA GLU B 231 66.36 24.70 -13.04
C GLU B 231 65.22 23.79 -13.55
N GLN B 232 64.71 24.06 -14.72
CA GLN B 232 63.60 23.26 -15.30
C GLN B 232 64.09 21.83 -15.57
N ALA B 233 65.30 21.69 -16.09
CA ALA B 233 65.92 20.36 -16.30
C ALA B 233 65.84 19.62 -14.96
N ALA B 234 66.22 20.30 -13.88
CA ALA B 234 66.25 19.71 -12.53
C ALA B 234 64.84 19.26 -12.14
N ALA B 235 63.84 20.07 -12.42
CA ALA B 235 62.43 19.78 -12.04
C ALA B 235 61.94 18.53 -12.81
N ILE B 236 62.34 18.40 -14.07
CA ILE B 236 61.96 17.22 -14.90
C ILE B 236 62.60 15.99 -14.25
N LEU B 237 63.88 16.08 -13.89
CA LEU B 237 64.61 14.95 -13.30
C LEU B 237 63.97 14.57 -11.96
N ALA B 238 63.57 15.58 -11.19
CA ALA B 238 62.89 15.41 -9.90
C ALA B 238 61.59 14.63 -10.13
N THR B 239 60.72 15.16 -10.99
CA THR B 239 59.42 14.52 -11.30
C THR B 239 59.69 13.08 -11.73
N LEU B 240 60.75 12.83 -12.48
CA LEU B 240 60.99 11.49 -13.07
C LEU B 240 61.23 10.44 -11.98
N GLU B 241 62.03 10.74 -11.00
CA GLU B 241 62.40 9.72 -9.98
C GLU B 241 61.22 9.51 -9.06
N ARG B 242 60.43 10.55 -8.80
CA ARG B 242 59.18 10.39 -8.01
C ARG B 242 58.31 9.34 -8.71
N LEU B 243 58.29 9.38 -10.02
CA LEU B 243 57.56 8.37 -10.83
C LEU B 243 58.14 7.00 -10.51
N TYR B 244 59.46 6.89 -10.47
CA TYR B 244 60.15 5.61 -10.18
C TYR B 244 59.77 5.18 -8.76
N GLU B 245 59.64 6.15 -7.85
CA GLU B 245 59.27 5.88 -6.44
C GLU B 245 57.88 5.25 -6.39
N VAL B 246 56.88 5.93 -6.96
CA VAL B 246 55.47 5.45 -6.91
C VAL B 246 55.41 4.12 -7.64
N ALA B 247 56.20 3.93 -8.69
CA ALA B 247 56.22 2.66 -9.45
C ALA B 247 56.69 1.53 -8.54
N LEU B 248 57.70 1.77 -7.71
CA LEU B 248 58.16 0.80 -6.69
C LEU B 248 56.99 0.46 -5.76
N GLU B 249 56.40 1.48 -5.16
CA GLU B 249 55.27 1.33 -4.23
C GLU B 249 54.17 0.56 -4.99
N ILE B 250 54.01 0.75 -6.29
CA ILE B 250 52.91 0.09 -7.05
C ILE B 250 53.23 -1.40 -7.20
N GLY B 251 54.47 -1.73 -7.54
CA GLY B 251 54.86 -3.14 -7.77
C GLY B 251 54.56 -3.99 -6.56
N ARG B 252 54.87 -3.49 -5.39
CA ARG B 252 54.58 -4.17 -4.11
C ARG B 252 53.06 -4.30 -3.93
N ALA B 253 52.32 -3.21 -4.16
CA ALA B 253 50.84 -3.20 -4.05
C ALA B 253 50.26 -4.28 -4.97
N ILE B 254 50.82 -4.44 -6.16
CA ILE B 254 50.41 -5.52 -7.10
C ILE B 254 50.69 -6.85 -6.42
N ASP B 255 51.83 -6.95 -5.73
CA ASP B 255 52.24 -8.21 -5.06
C ASP B 255 51.26 -8.52 -3.93
N ALA B 256 50.86 -7.52 -3.14
CA ALA B 256 49.87 -7.68 -2.06
C ALA B 256 48.56 -8.19 -2.66
N TYR B 257 48.12 -7.63 -3.79
CA TYR B 257 46.81 -8.00 -4.38
C TYR B 257 46.86 -9.46 -4.85
N LEU B 258 47.92 -9.84 -5.55
CA LEU B 258 48.06 -11.23 -6.06
C LEU B 258 48.13 -12.19 -4.88
N ALA B 259 48.76 -11.78 -3.77
CA ALA B 259 48.84 -12.61 -2.56
C ALA B 259 47.43 -12.84 -2.03
N ALA B 260 46.69 -11.76 -1.79
CA ALA B 260 45.34 -11.81 -1.20
C ALA B 260 44.47 -12.67 -2.12
N ALA B 261 44.58 -12.47 -3.42
CA ALA B 261 43.73 -13.14 -4.42
C ALA B 261 44.03 -14.63 -4.42
N GLU B 262 45.30 -15.01 -4.40
CA GLU B 262 45.67 -16.45 -4.34
C GLU B 262 45.10 -17.06 -3.05
N ALA B 263 45.05 -16.29 -1.97
CA ALA B 263 44.42 -16.78 -0.72
C ALA B 263 42.92 -16.96 -0.96
N TYR B 264 42.26 -15.91 -1.45
CA TYR B 264 40.80 -15.92 -1.69
C TYR B 264 40.47 -17.04 -2.68
N ALA B 265 41.26 -17.23 -3.74
CA ALA B 265 40.96 -18.24 -4.78
C ALA B 265 41.03 -19.63 -4.16
N ALA B 266 42.04 -19.87 -3.33
CA ALA B 266 42.21 -21.17 -2.65
C ALA B 266 40.99 -21.44 -1.76
N THR B 267 40.69 -20.55 -0.82
CA THR B 267 39.62 -20.80 0.17
C THR B 267 38.29 -20.95 -0.56
N ALA B 268 38.03 -20.13 -1.58
CA ALA B 268 36.75 -20.18 -2.34
C ALA B 268 36.64 -21.49 -3.12
N ALA B 269 37.71 -21.92 -3.79
CA ALA B 269 37.72 -23.20 -4.53
C ALA B 269 37.39 -24.32 -3.55
N GLU B 270 37.91 -24.24 -2.32
CA GLU B 270 37.65 -25.27 -1.29
C GLU B 270 36.17 -25.23 -0.92
N LEU B 271 35.62 -24.04 -0.67
CA LEU B 271 34.20 -23.92 -0.25
C LEU B 271 33.31 -24.50 -1.35
N GLU B 272 33.58 -24.20 -2.61
CA GLU B 272 32.77 -24.74 -3.74
C GLU B 272 32.96 -26.26 -3.81
N ALA B 273 34.17 -26.77 -3.55
CA ALA B 273 34.49 -28.19 -3.78
C ALA B 273 33.86 -29.05 -2.68
N ASN B 274 33.95 -28.61 -1.43
CA ASN B 274 33.73 -29.50 -0.26
C ASN B 274 32.54 -29.04 0.59
N GLY B 275 32.24 -27.74 0.62
CA GLY B 275 31.24 -27.14 1.54
C GLY B 275 29.94 -27.92 1.65
N ALA B 276 29.39 -28.41 0.53
CA ALA B 276 28.06 -29.05 0.50
C ALA B 276 28.06 -30.32 1.35
N SER B 277 29.20 -31.02 1.45
CA SER B 277 29.31 -32.31 2.16
C SER B 277 29.83 -32.14 3.60
N LEU B 278 30.45 -31.00 3.91
CA LEU B 278 31.03 -30.75 5.26
C LEU B 278 29.92 -30.75 6.31
N ASP B 279 30.30 -30.76 7.58
CA ASP B 279 29.34 -30.60 8.70
C ASP B 279 29.09 -29.11 8.91
N PRO B 280 28.12 -28.70 9.75
CA PRO B 280 27.79 -27.28 9.91
C PRO B 280 28.97 -26.41 10.39
N ALA B 281 29.68 -26.84 11.44
CA ALA B 281 30.81 -26.08 12.01
C ALA B 281 31.94 -25.94 10.98
N ALA B 282 32.21 -27.01 10.22
CA ALA B 282 33.30 -27.05 9.22
C ALA B 282 32.96 -26.10 8.06
N ARG B 283 31.68 -26.09 7.66
CA ARG B 283 31.20 -25.23 6.56
C ARG B 283 31.28 -23.78 7.02
N ALA B 284 30.93 -23.51 8.29
CA ALA B 284 31.01 -22.17 8.88
C ALA B 284 32.47 -21.70 8.85
N ALA B 285 33.40 -22.55 9.27
CA ALA B 285 34.82 -22.17 9.41
C ALA B 285 35.37 -21.84 8.01
N LEU B 286 35.03 -22.64 7.01
CA LEU B 286 35.56 -22.42 5.64
C LEU B 286 34.94 -21.13 5.06
N MET B 287 33.70 -20.84 5.43
CA MET B 287 32.97 -19.65 4.94
C MET B 287 33.59 -18.41 5.57
N GLU B 288 33.89 -18.45 6.85
CA GLU B 288 34.49 -17.29 7.54
C GLU B 288 35.87 -17.05 6.93
N ALA B 289 36.62 -18.12 6.68
CA ALA B 289 37.94 -18.01 5.99
C ALA B 289 37.73 -17.36 4.62
N THR B 290 36.66 -17.75 3.92
CA THR B 290 36.39 -17.28 2.54
C THR B 290 36.03 -15.80 2.59
N LEU B 291 35.13 -15.39 3.47
CA LEU B 291 34.67 -13.97 3.50
C LEU B 291 35.81 -13.06 4.00
N ARG B 292 36.66 -13.56 4.89
CA ARG B 292 37.77 -12.71 5.38
C ARG B 292 38.80 -12.56 4.26
N ALA B 293 39.11 -13.63 3.53
CA ALA B 293 40.03 -13.55 2.37
C ALA B 293 39.47 -12.52 1.38
N ARG B 294 38.17 -12.58 1.11
CA ARG B 294 37.47 -11.64 0.20
C ARG B 294 37.74 -10.19 0.62
N GLY B 295 37.59 -9.90 1.91
CA GLY B 295 37.77 -8.54 2.45
C GLY B 295 39.19 -8.06 2.26
N ALA B 296 40.15 -8.99 2.37
CA ALA B 296 41.58 -8.69 2.20
C ALA B 296 41.80 -8.20 0.76
N VAL B 297 41.18 -8.88 -0.20
CA VAL B 297 41.34 -8.51 -1.63
C VAL B 297 40.76 -7.10 -1.82
N ILE B 298 39.62 -6.81 -1.21
CA ILE B 298 38.98 -5.48 -1.37
C ILE B 298 39.92 -4.39 -0.81
N ARG B 299 40.58 -4.66 0.29
CA ARG B 299 41.48 -3.65 0.90
C ARG B 299 42.70 -3.41 -0.01
N GLU B 300 43.30 -4.46 -0.52
CA GLU B 300 44.53 -4.38 -1.35
C GLU B 300 44.22 -3.69 -2.67
N ARG B 301 43.05 -3.96 -3.25
CA ARG B 301 42.61 -3.27 -4.49
C ARG B 301 42.54 -1.77 -4.23
N ALA B 302 41.90 -1.35 -3.14
CA ALA B 302 41.73 0.11 -2.87
C ALA B 302 43.12 0.76 -2.78
N ALA B 303 44.08 0.09 -2.16
CA ALA B 303 45.46 0.58 -2.02
C ALA B 303 46.07 0.80 -3.41
N LEU B 304 46.09 -0.24 -4.25
CA LEU B 304 46.76 -0.19 -5.58
C LEU B 304 46.11 0.91 -6.42
N LEU B 305 44.79 1.07 -6.30
CA LEU B 305 44.05 2.07 -7.12
C LEU B 305 44.38 3.49 -6.64
N ARG B 306 44.51 3.68 -5.35
CA ARG B 306 44.91 5.00 -4.82
C ARG B 306 46.27 5.39 -5.42
N LEU B 307 47.22 4.47 -5.41
CA LEU B 307 48.60 4.73 -5.90
C LEU B 307 48.54 5.06 -7.39
N LEU B 308 47.66 4.39 -8.13
CA LEU B 308 47.56 4.60 -9.59
C LEU B 308 47.08 6.03 -9.88
N ARG B 309 46.26 6.56 -9.00
CA ARG B 309 45.75 7.94 -9.14
C ARG B 309 46.92 8.91 -8.99
N ARG B 310 47.83 8.62 -8.07
CA ARG B 310 49.01 9.49 -7.82
C ARG B 310 49.94 9.40 -9.04
N PHE B 311 50.22 8.20 -9.49
CA PHE B 311 51.10 7.99 -10.66
C PHE B 311 50.57 8.82 -11.85
N TYR B 312 49.24 8.87 -12.00
CA TYR B 312 48.58 9.66 -13.05
C TYR B 312 48.91 11.13 -12.87
N ALA B 313 48.72 11.65 -11.66
CA ALA B 313 48.88 13.11 -11.38
C ALA B 313 50.31 13.52 -11.74
N LEU B 314 51.27 12.65 -11.45
CA LEU B 314 52.70 12.93 -11.74
C LEU B 314 52.88 12.92 -13.24
N VAL B 315 52.36 11.87 -13.90
CA VAL B 315 52.43 11.77 -15.38
C VAL B 315 51.99 13.12 -15.96
N LEU B 316 50.85 13.63 -15.51
CA LEU B 316 50.34 14.91 -16.07
C LEU B 316 51.32 16.05 -15.72
N GLU B 317 51.96 16.03 -14.56
CA GLU B 317 52.90 17.13 -14.22
C GLU B 317 54.13 17.04 -15.13
N LEU B 318 54.67 15.85 -15.37
CA LEU B 318 55.80 15.66 -16.31
C LEU B 318 55.40 16.23 -17.68
N ASP B 319 54.19 15.94 -18.14
CA ASP B 319 53.70 16.43 -19.45
C ASP B 319 53.72 17.96 -19.43
N PHE B 320 53.20 18.58 -18.39
CA PHE B 320 53.19 20.05 -18.27
C PHE B 320 54.63 20.56 -18.43
N LEU B 321 55.57 20.00 -17.68
CA LEU B 321 56.97 20.50 -17.70
C LEU B 321 57.52 20.40 -19.11
N LEU B 322 57.32 19.30 -19.83
CA LEU B 322 57.80 19.18 -21.23
C LEU B 322 57.16 20.28 -22.10
N LEU B 323 55.84 20.49 -21.98
CA LEU B 323 55.15 21.54 -22.79
C LEU B 323 55.75 22.90 -22.46
N ARG B 324 56.01 23.13 -21.19
CA ARG B 324 56.53 24.42 -20.69
C ARG B 324 57.91 24.67 -21.29
N ALA B 325 58.82 23.72 -21.09
CA ALA B 325 60.20 23.78 -21.63
C ALA B 325 60.08 24.18 -23.10
N TYR B 326 59.13 23.58 -23.80
CA TYR B 326 59.08 23.67 -25.27
C TYR B 326 58.67 25.07 -25.67
N ALA B 327 57.76 25.66 -24.91
CA ALA B 327 57.25 27.03 -25.16
C ALA B 327 58.29 28.05 -24.70
N GLU B 328 59.07 27.75 -23.68
CA GLU B 328 59.90 28.79 -23.02
C GLU B 328 61.14 29.04 -23.89
N ALA B 329 61.55 28.05 -24.69
CA ALA B 329 62.63 28.14 -25.68
C ALA B 329 62.06 28.67 -27.01
N GLY B 330 60.82 29.16 -27.03
CA GLY B 330 60.25 29.91 -28.15
C GLY B 330 59.50 29.04 -29.16
N HIS B 331 59.46 27.71 -29.04
CA HIS B 331 58.79 26.84 -30.05
C HIS B 331 57.27 26.85 -29.88
N ASP B 332 56.60 26.30 -30.84
CA ASP B 332 55.14 25.99 -30.78
C ASP B 332 54.95 24.78 -29.89
N PRO B 333 54.16 24.90 -28.80
CA PRO B 333 53.83 23.73 -27.99
C PRO B 333 52.76 22.82 -28.62
N ASP B 334 52.48 22.97 -29.92
CA ASP B 334 51.68 21.97 -30.69
C ASP B 334 52.59 21.17 -31.60
N ASP B 335 53.87 21.53 -31.64
CA ASP B 335 54.92 20.92 -32.50
C ASP B 335 54.70 19.42 -32.55
N PRO B 336 54.29 18.84 -33.71
CA PRO B 336 54.08 17.41 -33.81
C PRO B 336 55.22 16.56 -33.21
N ALA B 337 56.44 17.09 -33.10
CA ALA B 337 57.59 16.36 -32.52
C ALA B 337 57.47 16.32 -30.98
N LEU B 338 57.05 17.41 -30.34
CA LEU B 338 56.76 17.40 -28.88
C LEU B 338 55.59 16.45 -28.62
N LEU B 339 54.51 16.60 -29.38
CA LEU B 339 53.26 15.83 -29.08
C LEU B 339 53.58 14.34 -29.27
N ALA B 340 54.36 14.01 -30.29
CA ALA B 340 54.79 12.61 -30.54
C ALA B 340 55.62 12.14 -29.34
N LEU B 341 56.54 12.97 -28.85
CA LEU B 341 57.38 12.64 -27.66
C LEU B 341 56.47 12.29 -26.49
N LEU B 342 55.49 13.17 -26.20
CA LEU B 342 54.56 12.96 -25.07
C LEU B 342 53.87 11.60 -25.27
N ARG B 343 53.39 11.31 -26.51
CA ARG B 343 52.62 10.10 -26.83
C ARG B 343 53.53 8.87 -26.66
N GLU B 344 54.77 8.94 -27.12
CA GLU B 344 55.66 7.75 -27.04
C GLU B 344 55.85 7.41 -25.56
N LEU B 345 55.93 8.45 -24.71
CA LEU B 345 56.07 8.27 -23.26
C LEU B 345 54.71 7.97 -22.64
N ASP B 346 53.72 7.64 -23.48
CA ASP B 346 52.38 7.25 -23.00
C ASP B 346 52.54 5.91 -22.29
N PRO B 347 52.41 5.88 -20.95
CA PRO B 347 52.58 4.65 -20.19
C PRO B 347 51.45 3.67 -20.52
N PHE B 348 50.26 4.20 -20.79
CA PHE B 348 49.04 3.40 -21.07
C PHE B 348 48.94 3.14 -22.58
N ASN B 349 50.06 3.24 -23.30
CA ASN B 349 50.09 3.11 -24.79
C ASN B 349 49.92 1.64 -25.20
N GLY B 350 49.05 1.41 -26.19
CA GLY B 350 48.65 0.06 -26.64
C GLY B 350 47.76 -0.64 -25.64
N MET B 351 47.33 0.04 -24.59
CA MET B 351 46.70 -0.60 -23.41
C MET B 351 45.18 -0.54 -23.52
N THR B 352 44.70 -1.30 -24.46
CA THR B 352 43.33 -1.22 -25.03
C THR B 352 42.38 -2.09 -24.21
N THR B 353 42.84 -2.69 -23.13
CA THR B 353 42.03 -3.72 -22.43
C THR B 353 41.38 -3.14 -21.16
N SER B 354 41.92 -2.08 -20.57
CA SER B 354 41.42 -1.60 -19.26
C SER B 354 40.60 -0.34 -19.47
N GLU B 355 39.35 -0.33 -19.00
CA GLU B 355 38.53 0.89 -19.06
C GLU B 355 39.32 2.06 -18.43
N LEU B 356 39.92 1.82 -17.27
CA LEU B 356 40.57 2.90 -16.49
C LEU B 356 41.70 3.53 -17.32
N HIS B 357 42.53 2.72 -17.97
CA HIS B 357 43.70 3.27 -18.72
C HIS B 357 43.24 3.94 -20.02
N ARG B 358 42.27 3.36 -20.72
CA ARG B 358 41.71 3.97 -21.94
C ARG B 358 41.11 5.32 -21.58
N ARG B 359 40.36 5.41 -20.48
CA ARG B 359 39.70 6.67 -20.07
C ARG B 359 40.79 7.70 -19.75
N ARG B 360 41.84 7.29 -19.03
CA ARG B 360 42.85 8.25 -18.54
C ARG B 360 43.74 8.69 -19.71
N ARG B 361 44.07 7.78 -20.62
CA ARG B 361 44.82 8.14 -21.84
C ARG B 361 44.06 9.24 -22.60
N ARG B 362 42.74 9.09 -22.75
CA ARG B 362 41.95 10.07 -23.53
C ARG B 362 42.02 11.42 -22.82
N LEU B 363 41.79 11.45 -21.49
CA LEU B 363 41.75 12.73 -20.73
C LEU B 363 43.12 13.40 -20.75
N ARG B 364 44.18 12.60 -20.82
CA ARG B 364 45.56 13.13 -20.91
C ARG B 364 45.69 13.94 -22.21
N ASP B 365 45.21 13.39 -23.32
CA ASP B 365 45.21 14.07 -24.64
C ASP B 365 44.49 15.40 -24.48
N LEU B 366 43.32 15.41 -23.83
CA LEU B 366 42.57 16.68 -23.62
C LEU B 366 43.43 17.65 -22.80
N TYR B 367 44.04 17.16 -21.72
CA TYR B 367 44.88 17.96 -20.80
C TYR B 367 46.03 18.61 -21.60
N ILE B 368 46.75 17.79 -22.35
CA ILE B 368 47.90 18.29 -23.17
C ILE B 368 47.38 19.39 -24.11
N ASP B 369 46.26 19.17 -24.79
CA ASP B 369 45.76 20.15 -25.78
C ASP B 369 45.42 21.47 -25.09
N LEU B 370 44.85 21.42 -23.89
CA LEU B 370 44.41 22.65 -23.18
C LEU B 370 45.62 23.37 -22.59
N VAL B 371 46.57 22.65 -22.01
CA VAL B 371 47.82 23.28 -21.48
C VAL B 371 48.55 23.97 -22.64
N ALA B 372 48.73 23.28 -23.76
CA ALA B 372 49.27 23.86 -25.00
C ALA B 372 48.54 25.17 -25.32
N ALA B 373 47.21 25.17 -25.30
CA ALA B 373 46.41 26.37 -25.64
C ALA B 373 46.83 27.52 -24.73
N MET B 374 46.85 27.28 -23.43
CA MET B 374 47.20 28.30 -22.41
C MET B 374 48.65 28.79 -22.64
N LEU B 375 49.56 27.91 -23.06
CA LEU B 375 50.98 28.31 -23.31
C LEU B 375 51.07 29.21 -24.54
N ARG B 376 50.52 28.79 -25.71
CA ARG B 376 50.45 29.67 -26.90
C ARG B 376 49.84 31.02 -26.45
N GLY B 377 48.98 31.01 -25.42
CA GLY B 377 48.40 32.23 -24.84
C GLY B 377 49.42 33.05 -24.07
N VAL B 378 50.48 32.43 -23.55
CA VAL B 378 51.57 33.21 -22.92
C VAL B 378 52.44 33.85 -24.01
N LYS B 379 52.97 33.06 -24.95
CA LYS B 379 53.79 33.60 -26.08
C LYS B 379 53.03 34.79 -26.70
N ASN B 380 51.75 34.61 -27.04
CA ASN B 380 50.95 35.66 -27.73
C ASN B 380 50.57 36.78 -26.74
N GLY B 381 51.17 36.81 -25.56
CA GLY B 381 51.10 37.96 -24.65
C GLY B 381 49.80 38.04 -23.87
N GLU B 382 48.78 37.26 -24.22
CA GLU B 382 47.52 37.26 -23.41
C GLU B 382 47.76 37.09 -21.90
N LEU B 383 48.53 36.09 -21.46
CA LEU B 383 48.65 35.84 -20.00
C LEU B 383 50.10 35.78 -19.52
N THR B 384 50.33 35.44 -18.25
CA THR B 384 51.70 35.45 -17.68
C THR B 384 52.03 34.11 -17.02
N TRP B 385 53.32 33.81 -16.88
CA TRP B 385 53.74 32.58 -16.16
C TRP B 385 53.35 32.80 -14.71
N GLU B 386 53.12 34.06 -14.33
CA GLU B 386 52.65 34.37 -12.96
C GLU B 386 51.22 33.84 -12.85
N GLU B 387 50.55 33.70 -13.98
CA GLU B 387 49.12 33.30 -13.96
C GLU B 387 49.06 31.79 -14.21
N VAL B 388 49.69 31.35 -15.31
CA VAL B 388 49.68 29.94 -15.77
C VAL B 388 50.19 29.04 -14.64
N VAL B 389 51.22 29.46 -13.93
CA VAL B 389 51.88 28.58 -12.92
C VAL B 389 51.02 28.55 -11.65
N ALA B 390 50.09 29.48 -11.47
CA ALA B 390 49.13 29.44 -10.35
C ALA B 390 47.97 28.51 -10.73
N ILE B 391 47.52 28.57 -11.97
CA ILE B 391 46.44 27.69 -12.48
C ILE B 391 46.91 26.24 -12.41
N MET B 392 48.16 25.96 -12.77
CA MET B 392 48.67 24.57 -12.83
C MET B 392 48.70 23.96 -11.43
N ASP B 393 48.96 24.77 -10.40
CA ASP B 393 48.98 24.25 -9.02
C ASP B 393 47.54 24.04 -8.55
N GLY B 394 46.59 24.84 -9.04
CA GLY B 394 45.15 24.55 -8.85
C GLY B 394 44.81 23.16 -9.40
N LEU B 395 45.17 22.91 -10.66
CA LEU B 395 44.73 21.69 -11.35
C LEU B 395 45.40 20.47 -10.70
N LEU B 396 46.72 20.51 -10.53
CA LEU B 396 47.50 19.34 -10.03
C LEU B 396 47.06 19.01 -8.60
N ALA B 397 46.65 20.02 -7.83
CA ALA B 397 46.14 19.82 -6.46
C ALA B 397 44.78 19.12 -6.52
N ARG B 398 43.82 19.65 -7.27
CA ARG B 398 42.47 19.05 -7.32
C ARG B 398 42.58 17.68 -7.99
N LEU B 399 43.60 17.49 -8.80
CA LEU B 399 43.71 16.22 -9.54
C LEU B 399 43.87 15.11 -8.53
N ALA B 400 44.81 15.28 -7.59
CA ALA B 400 45.08 14.20 -6.62
C ALA B 400 43.84 13.99 -5.75
N ASP B 401 43.18 15.08 -5.35
CA ASP B 401 42.02 14.95 -4.43
C ASP B 401 41.22 13.73 -4.89
N PRO B 402 41.08 12.69 -4.04
CA PRO B 402 40.32 11.51 -4.39
C PRO B 402 38.82 11.81 -4.55
N GLU B 403 38.37 12.88 -3.92
CA GLU B 403 36.93 13.24 -3.96
C GLU B 403 36.67 14.22 -5.10
N VAL B 404 37.60 14.32 -6.04
CA VAL B 404 37.40 15.17 -7.23
C VAL B 404 37.69 14.32 -8.46
N SER B 405 36.85 14.42 -9.48
CA SER B 405 37.00 13.56 -10.67
C SER B 405 38.01 14.17 -11.64
N GLU B 406 38.87 13.33 -12.19
CA GLU B 406 39.77 13.84 -13.25
C GLU B 406 38.96 14.79 -14.17
N GLU B 407 37.69 14.49 -14.41
CA GLU B 407 36.84 15.30 -15.32
C GLU B 407 36.56 16.67 -14.70
N GLU B 408 36.14 16.71 -13.44
CA GLU B 408 35.86 18.01 -12.75
C GLU B 408 37.16 18.82 -12.67
N ALA B 409 38.30 18.15 -12.50
CA ALA B 409 39.62 18.83 -12.45
C ALA B 409 39.84 19.58 -13.77
N LEU B 410 39.67 18.90 -14.90
CA LEU B 410 39.95 19.52 -16.22
C LEU B 410 38.91 20.61 -16.52
N VAL B 411 37.69 20.43 -16.09
CA VAL B 411 36.66 21.48 -16.29
C VAL B 411 37.07 22.74 -15.52
N GLY B 412 37.64 22.57 -14.33
CA GLY B 412 38.20 23.70 -13.56
C GLY B 412 39.28 24.41 -14.37
N LEU B 413 40.15 23.66 -15.04
CA LEU B 413 41.18 24.27 -15.93
C LEU B 413 40.49 25.20 -16.94
N LEU B 414 39.43 24.73 -17.62
CA LEU B 414 38.65 25.57 -18.56
C LEU B 414 38.11 26.81 -17.84
N GLU B 415 37.52 26.64 -16.67
CA GLU B 415 36.98 27.78 -15.89
C GLU B 415 38.08 28.85 -15.80
N GLU B 416 39.30 28.43 -15.42
CA GLU B 416 40.43 29.36 -15.21
C GLU B 416 40.73 30.07 -16.54
N ILE B 417 40.78 29.31 -17.64
CA ILE B 417 41.24 29.85 -18.95
C ILE B 417 40.19 30.80 -19.52
N VAL B 418 38.93 30.71 -19.11
CA VAL B 418 37.86 31.55 -19.74
C VAL B 418 37.41 32.68 -18.80
N LYS B 419 37.61 32.57 -17.48
CA LYS B 419 37.33 33.65 -16.48
C LYS B 419 37.69 35.02 -17.08
N ASP B 420 38.98 35.17 -17.39
CA ASP B 420 39.59 36.45 -17.84
C ASP B 420 38.88 36.95 -19.11
N LYS B 421 38.28 36.06 -19.91
CA LYS B 421 37.58 36.44 -21.17
C LYS B 421 38.62 36.83 -22.23
N LYS B 422 39.78 36.15 -22.24
CA LYS B 422 40.87 36.45 -23.20
C LYS B 422 40.61 35.71 -24.50
N PRO B 423 41.24 36.10 -25.61
CA PRO B 423 41.01 35.42 -26.88
C PRO B 423 41.29 33.91 -26.88
N ILE B 424 42.24 33.46 -26.06
CA ILE B 424 42.60 32.01 -25.97
C ILE B 424 41.36 31.22 -25.54
N ALA B 425 40.46 31.85 -24.79
CA ALA B 425 39.18 31.21 -24.39
C ALA B 425 38.55 30.53 -25.61
N GLU B 426 38.48 31.22 -26.74
CA GLU B 426 37.75 30.67 -27.91
C GLU B 426 38.37 29.32 -28.33
N LYS B 427 39.68 29.20 -28.25
CA LYS B 427 40.37 27.98 -28.71
C LYS B 427 40.37 26.94 -27.61
N ALA B 428 40.23 27.34 -26.34
CA ALA B 428 40.03 26.39 -25.22
C ALA B 428 38.62 25.78 -25.33
N LEU B 429 37.60 26.62 -25.46
CA LEU B 429 36.21 26.14 -25.61
C LEU B 429 36.16 25.12 -26.75
N LYS B 430 36.65 25.51 -27.92
CA LYS B 430 36.55 24.63 -29.11
C LYS B 430 37.22 23.30 -28.79
N ILE B 431 38.33 23.29 -28.04
CA ILE B 431 39.00 22.00 -27.74
C ILE B 431 38.04 21.15 -26.92
N ALA B 432 37.56 21.69 -25.81
CA ALA B 432 36.67 20.98 -24.87
C ALA B 432 35.43 20.49 -25.62
N VAL B 433 34.73 21.40 -26.28
CA VAL B 433 33.46 21.07 -26.98
C VAL B 433 33.71 19.92 -27.96
N ASP B 434 34.84 19.92 -28.68
CA ASP B 434 35.13 18.83 -29.64
C ASP B 434 35.23 17.50 -28.88
N PHE B 435 36.03 17.48 -27.82
CA PHE B 435 36.34 16.27 -27.02
C PHE B 435 35.04 15.64 -26.52
N VAL B 436 34.17 16.44 -25.93
CA VAL B 436 32.90 15.95 -25.31
C VAL B 436 31.99 15.37 -26.40
N GLU B 437 31.98 15.94 -27.61
CA GLU B 437 31.19 15.38 -28.74
C GLU B 437 31.78 14.03 -29.13
N ALA B 438 33.11 13.91 -29.14
CA ALA B 438 33.79 12.66 -29.49
C ALA B 438 33.69 11.68 -28.32
N ASN B 439 33.50 12.16 -27.10
CA ASN B 439 33.61 11.34 -25.86
C ASN B 439 32.49 11.74 -24.92
N PRO B 440 31.23 11.32 -25.18
CA PRO B 440 30.09 11.80 -24.38
C PRO B 440 29.93 11.18 -22.98
N GLU B 441 30.78 10.21 -22.62
CA GLU B 441 30.75 9.63 -21.26
C GLU B 441 31.33 10.64 -20.28
N PHE B 442 32.02 11.67 -20.77
CA PHE B 442 32.62 12.72 -19.91
C PHE B 442 31.54 13.32 -19.01
N LEU B 443 30.31 13.40 -19.52
CA LEU B 443 29.23 14.08 -18.74
C LEU B 443 28.58 13.12 -17.75
N ARG B 444 29.03 11.86 -17.70
CA ARG B 444 28.52 10.96 -16.65
C ARG B 444 28.80 11.66 -15.33
N ASP B 445 29.95 12.35 -15.23
CA ASP B 445 30.22 13.16 -14.02
C ASP B 445 29.22 14.30 -14.07
N GLY B 446 28.29 14.32 -13.13
CA GLY B 446 27.19 15.31 -13.13
C GLY B 446 27.70 16.72 -12.92
N ARG B 447 28.54 16.86 -11.91
CA ARG B 447 29.07 18.19 -11.57
C ARG B 447 29.96 18.69 -12.70
N ALA B 448 30.80 17.84 -13.27
CA ALA B 448 31.68 18.23 -14.40
C ALA B 448 30.83 18.80 -15.54
N GLY B 449 29.72 18.15 -15.87
CA GLY B 449 28.91 18.61 -17.00
C GLY B 449 28.25 19.95 -16.75
N LEU B 450 27.72 20.15 -15.54
CA LEU B 450 26.95 21.39 -15.25
C LEU B 450 27.86 22.61 -15.26
N ALA B 451 29.11 22.44 -14.83
CA ALA B 451 30.08 23.56 -14.82
C ALA B 451 30.54 23.86 -16.25
N LEU B 452 30.80 22.82 -17.04
CA LEU B 452 31.17 23.07 -18.46
C LEU B 452 30.09 23.93 -19.09
N ILE B 453 28.83 23.57 -18.87
CA ILE B 453 27.71 24.32 -19.51
C ILE B 453 27.77 25.77 -19.03
N ARG B 454 28.07 26.00 -17.75
CA ARG B 454 28.07 27.39 -17.25
C ARG B 454 29.15 28.17 -17.96
N VAL B 455 30.32 27.55 -18.13
CA VAL B 455 31.45 28.22 -18.81
C VAL B 455 31.01 28.54 -20.24
N VAL B 456 30.40 27.57 -20.91
CA VAL B 456 29.97 27.75 -22.33
C VAL B 456 28.91 28.84 -22.40
N LEU B 457 27.96 28.88 -21.47
CA LEU B 457 26.85 29.86 -21.57
C LEU B 457 27.32 31.25 -21.14
N GLU B 458 28.14 31.32 -20.10
CA GLU B 458 28.68 32.61 -19.63
C GLU B 458 29.50 33.23 -20.74
N TYR B 459 30.34 32.40 -21.37
CA TYR B 459 31.13 32.91 -22.52
C TYR B 459 30.18 33.34 -23.63
N ALA B 460 29.20 32.52 -23.98
CA ALA B 460 28.28 32.83 -25.10
C ALA B 460 27.32 33.97 -24.73
N LEU B 461 27.20 34.33 -23.44
CA LEU B 461 26.30 35.42 -23.02
C LEU B 461 26.63 36.70 -23.79
N ASP B 462 27.92 37.01 -23.93
CA ASP B 462 28.41 38.23 -24.63
C ASP B 462 27.62 38.47 -25.93
N ASP B 463 27.57 37.48 -26.82
CA ASP B 463 26.91 37.63 -28.15
C ASP B 463 26.25 36.30 -28.53
N PRO B 464 25.03 36.04 -28.03
CA PRO B 464 24.38 34.74 -28.26
C PRO B 464 24.33 34.30 -29.72
N ASP B 465 24.23 35.23 -30.66
CA ASP B 465 23.95 34.84 -32.07
C ASP B 465 25.25 34.45 -32.77
N ALA B 466 26.37 35.10 -32.45
CA ALA B 466 27.70 34.69 -32.99
C ALA B 466 27.98 33.26 -32.55
N HIS B 467 27.85 32.99 -31.24
CA HIS B 467 28.21 31.69 -30.63
C HIS B 467 26.98 30.82 -30.48
N LYS B 468 26.10 30.77 -31.47
CA LYS B 468 24.82 30.03 -31.37
C LYS B 468 25.06 28.51 -31.30
N GLU B 469 26.15 28.06 -31.90
CA GLU B 469 26.65 26.66 -31.85
C GLU B 469 27.03 26.26 -30.43
N LEU B 470 27.73 27.12 -29.70
CA LEU B 470 28.03 26.84 -28.28
C LEU B 470 26.71 26.74 -27.52
N VAL B 471 25.77 27.63 -27.81
CA VAL B 471 24.45 27.66 -27.15
C VAL B 471 23.71 26.35 -27.47
N ALA B 472 23.87 25.84 -28.68
CA ALA B 472 23.19 24.60 -29.12
C ALA B 472 23.86 23.41 -28.44
N PHE B 473 25.18 23.38 -28.36
CA PHE B 473 25.95 22.34 -27.63
C PHE B 473 25.42 22.28 -26.18
N ALA B 474 25.34 23.43 -25.52
CA ALA B 474 24.87 23.51 -24.13
C ALA B 474 23.46 22.92 -24.02
N ALA B 475 22.54 23.29 -24.89
CA ALA B 475 21.15 22.78 -24.83
C ALA B 475 21.15 21.27 -25.08
N ALA B 476 21.94 20.79 -26.05
CA ALA B 476 21.97 19.36 -26.42
C ALA B 476 22.46 18.51 -25.24
N HIS B 477 23.39 19.04 -24.44
CA HIS B 477 24.11 18.22 -23.44
C HIS B 477 23.55 18.47 -22.04
N LEU B 478 22.70 19.48 -21.87
CA LEU B 478 22.20 19.83 -20.51
C LEU B 478 21.40 18.66 -19.92
N PRO B 479 20.47 18.01 -20.64
CA PRO B 479 19.69 16.94 -20.02
C PRO B 479 20.54 15.82 -19.41
N ARG B 480 21.57 15.35 -20.12
CA ARG B 480 22.47 14.30 -19.56
C ARG B 480 23.17 14.83 -18.31
N ALA B 481 23.68 16.07 -18.35
CA ALA B 481 24.35 16.72 -17.21
C ALA B 481 23.40 16.77 -15.99
N LEU B 482 22.16 17.20 -16.21
CA LEU B 482 21.15 17.32 -15.12
C LEU B 482 20.85 15.94 -14.56
N ASP B 483 20.65 14.94 -15.43
CA ASP B 483 20.40 13.54 -15.01
C ASP B 483 21.52 13.13 -14.05
N ALA B 484 22.78 13.29 -14.46
CA ALA B 484 23.93 12.85 -13.65
C ALA B 484 23.98 13.64 -12.33
N ALA B 485 23.56 14.91 -12.35
CA ALA B 485 23.58 15.76 -11.14
C ALA B 485 22.54 15.25 -10.14
N VAL B 486 21.31 15.01 -10.59
CA VAL B 486 20.24 14.42 -9.75
C VAL B 486 20.76 13.10 -9.17
N ASP B 487 21.30 12.23 -10.03
CA ASP B 487 21.90 10.94 -9.61
C ASP B 487 22.90 11.18 -8.47
N GLU B 488 23.81 12.13 -8.59
CA GLU B 488 24.79 12.20 -7.49
C GLU B 488 24.17 12.89 -6.27
N ILE B 489 23.21 13.79 -6.40
CA ILE B 489 22.57 14.29 -5.16
C ILE B 489 21.88 13.12 -4.44
N ARG B 490 21.32 12.16 -5.18
CA ARG B 490 20.73 10.96 -4.53
C ARG B 490 21.83 10.13 -3.87
N ASP B 491 22.92 9.83 -4.59
CA ASP B 491 24.07 9.11 -3.99
C ASP B 491 24.42 9.78 -2.65
N LEU B 492 24.59 11.10 -2.67
CA LEU B 492 25.10 11.86 -1.50
C LEU B 492 24.05 11.81 -0.37
N LEU B 493 22.77 12.04 -0.65
CA LEU B 493 21.73 12.07 0.42
C LEU B 493 21.52 10.67 0.99
N ASN B 494 21.55 9.64 0.16
CA ASN B 494 21.51 8.24 0.65
C ASN B 494 22.75 8.00 1.54
N ASP B 495 23.90 8.50 1.12
CA ASP B 495 25.14 8.39 1.93
C ASP B 495 24.92 9.06 3.29
N VAL B 496 24.25 10.21 3.31
CA VAL B 496 23.94 10.92 4.58
C VAL B 496 23.07 10.01 5.45
N ARG B 497 21.96 9.52 4.90
CA ARG B 497 20.99 8.66 5.64
C ARG B 497 21.77 7.47 6.22
N ILE B 498 22.63 6.84 5.43
CA ILE B 498 23.38 5.64 5.88
C ILE B 498 24.34 6.05 6.98
N LEU B 499 25.03 7.18 6.85
CA LEU B 499 26.04 7.59 7.86
C LEU B 499 25.33 8.01 9.16
N PHE B 500 24.09 8.49 9.10
CA PHE B 500 23.48 8.93 10.37
C PHE B 500 23.10 7.70 11.20
N HIS B 501 22.30 6.80 10.62
CA HIS B 501 21.84 5.59 11.34
C HIS B 501 22.95 4.53 11.40
N SER B 502 24.09 4.76 10.74
CA SER B 502 25.23 3.81 10.80
C SER B 502 25.95 3.96 12.13
N LYS B 503 26.28 2.84 12.77
CA LYS B 503 26.93 2.89 14.09
C LYS B 503 28.42 3.15 13.89
N PRO B 504 29.03 4.14 14.56
CA PRO B 504 30.43 4.49 14.34
C PRO B 504 31.31 3.24 14.43
N SER B 505 31.84 2.80 13.27
CA SER B 505 32.65 1.56 13.24
C SER B 505 34.05 1.88 13.77
N PRO B 506 34.98 0.90 13.82
CA PRO B 506 36.36 1.16 14.22
C PRO B 506 37.12 1.87 13.10
N PHE B 507 36.49 2.15 11.97
CA PHE B 507 37.17 2.89 10.88
C PHE B 507 36.59 4.30 10.78
N LEU B 508 35.44 4.53 11.40
CA LEU B 508 34.70 5.81 11.32
C LEU B 508 33.97 6.05 12.64
N SER B 509 34.52 6.94 13.46
CA SER B 509 33.89 7.39 14.73
C SER B 509 32.65 8.24 14.44
N ALA B 510 31.79 8.35 15.44
CA ALA B 510 30.57 9.19 15.45
C ALA B 510 30.92 10.64 15.14
N GLU B 511 32.18 11.06 15.16
CA GLU B 511 32.51 12.49 14.90
C GLU B 511 33.03 12.65 13.46
N GLU B 512 33.67 11.64 12.89
CA GLU B 512 34.07 11.69 11.46
C GLU B 512 32.94 11.15 10.57
N GLN B 513 32.04 10.31 11.09
CA GLN B 513 30.77 10.00 10.35
C GLN B 513 30.01 11.30 10.08
N LYS B 514 29.80 12.10 11.12
CA LYS B 514 28.99 13.34 11.01
C LYS B 514 29.74 14.38 10.18
N ALA B 515 31.05 14.45 10.28
CA ALA B 515 31.85 15.43 9.49
C ALA B 515 31.73 15.09 8.00
N LEU B 516 31.94 13.82 7.65
CA LEU B 516 31.84 13.35 6.24
C LEU B 516 30.42 13.64 5.73
N ALA B 517 29.41 13.48 6.60
CA ALA B 517 28.01 13.75 6.21
C ALA B 517 27.87 15.22 5.85
N LYS B 518 28.36 16.11 6.70
CA LYS B 518 28.14 17.57 6.46
C LYS B 518 28.86 18.00 5.19
N LYS B 519 30.00 17.39 4.89
CA LYS B 519 30.68 17.66 3.61
C LYS B 519 29.82 17.17 2.44
N LYS B 520 29.22 15.98 2.52
CA LYS B 520 28.33 15.50 1.41
C LYS B 520 27.23 16.53 1.19
N LEU B 521 26.68 17.11 2.26
CA LEU B 521 25.59 18.11 2.11
C LEU B 521 26.14 19.37 1.44
N LYS B 522 27.40 19.68 1.68
CA LYS B 522 28.08 20.79 0.96
C LYS B 522 28.04 20.53 -0.56
N GLN B 523 28.47 19.33 -0.96
CA GLN B 523 28.49 18.95 -2.39
C GLN B 523 27.08 19.23 -2.96
N VAL B 524 26.05 18.79 -2.25
CA VAL B 524 24.64 18.95 -2.72
C VAL B 524 24.34 20.45 -2.91
N LYS B 525 24.76 21.27 -1.97
CA LYS B 525 24.59 22.75 -2.06
C LYS B 525 25.28 23.29 -3.33
N GLU B 526 26.52 22.89 -3.55
CA GLU B 526 27.29 23.36 -4.72
C GLU B 526 26.50 23.03 -6.00
N ILE B 527 25.95 21.82 -6.11
CA ILE B 527 25.24 21.37 -7.35
C ILE B 527 23.97 22.21 -7.54
N LEU B 528 23.18 22.42 -6.51
CA LEU B 528 21.92 23.16 -6.71
C LEU B 528 22.24 24.59 -7.16
N ASP B 529 23.41 25.11 -6.78
CA ASP B 529 23.78 26.53 -7.10
C ASP B 529 24.13 26.66 -8.58
N LEU B 530 24.95 25.75 -9.10
CA LEU B 530 25.25 25.77 -10.55
C LEU B 530 23.91 25.80 -11.28
N MET B 531 22.93 25.04 -10.80
CA MET B 531 21.63 24.95 -11.51
C MET B 531 21.01 26.34 -11.60
N LYS B 532 20.99 27.08 -10.50
CA LYS B 532 20.30 28.39 -10.57
C LYS B 532 21.08 29.32 -11.51
N GLU B 533 22.42 29.27 -11.46
CA GLU B 533 23.26 30.13 -12.32
C GLU B 533 22.99 29.77 -13.78
N ILE B 534 23.11 28.50 -14.13
CA ILE B 534 22.92 28.06 -15.54
C ILE B 534 21.56 28.59 -15.96
N ALA B 535 20.60 28.55 -15.04
CA ALA B 535 19.22 28.97 -15.36
C ALA B 535 19.18 30.47 -15.55
N GLU B 536 19.84 31.21 -14.67
CA GLU B 536 19.68 32.68 -14.84
C GLU B 536 20.41 33.07 -16.12
N LEU B 537 21.51 32.41 -16.43
CA LEU B 537 22.29 32.68 -17.67
C LEU B 537 21.39 32.37 -18.87
N ALA B 538 20.62 31.29 -18.80
CA ALA B 538 19.73 30.91 -19.93
C ALA B 538 18.65 31.99 -20.08
N LYS B 539 18.19 32.54 -18.97
CA LYS B 539 17.18 33.63 -18.97
C LYS B 539 17.75 34.88 -19.67
N LYS B 540 18.91 35.35 -19.17
CA LYS B 540 19.61 36.54 -19.75
C LYS B 540 19.82 36.28 -21.25
N ILE B 541 20.35 35.11 -21.60
CA ILE B 541 20.67 34.76 -23.01
C ILE B 541 19.38 34.88 -23.83
N LYS B 542 18.26 34.41 -23.29
CA LYS B 542 17.00 34.40 -24.08
C LYS B 542 16.52 35.83 -24.32
N ALA B 543 16.63 36.70 -23.33
CA ALA B 543 16.25 38.12 -23.47
C ALA B 543 17.16 38.78 -24.52
N LYS B 544 18.44 38.93 -24.19
CA LYS B 544 19.48 39.59 -25.02
C LYS B 544 19.42 39.10 -26.48
N SER B 545 19.20 37.80 -26.70
CA SER B 545 19.21 37.22 -28.06
C SER B 545 18.05 37.75 -28.89
N LYS B 546 18.04 37.41 -30.19
CA LYS B 546 16.90 37.82 -31.06
C LYS B 546 16.32 36.64 -31.84
N ASP B 547 17.08 35.56 -32.04
CA ASP B 547 16.64 34.42 -32.89
C ASP B 547 15.51 33.64 -32.23
N PRO B 548 14.44 33.28 -32.98
CA PRO B 548 13.37 32.47 -32.44
C PRO B 548 13.87 31.11 -31.94
N GLU B 549 14.80 30.50 -32.65
CA GLU B 549 15.35 29.18 -32.26
C GLU B 549 16.09 29.28 -30.92
N VAL B 550 16.86 30.34 -30.72
CA VAL B 550 17.69 30.48 -29.50
C VAL B 550 16.74 30.56 -28.30
N LYS B 551 15.65 31.30 -28.46
CA LYS B 551 14.70 31.49 -27.35
C LYS B 551 14.10 30.12 -27.05
N ALA B 552 13.79 29.36 -28.09
CA ALA B 552 13.28 27.99 -27.89
C ALA B 552 14.29 27.22 -27.06
N LEU B 553 15.47 26.98 -27.62
CA LEU B 553 16.50 26.18 -26.90
C LEU B 553 16.54 26.62 -25.43
N MET B 554 16.50 27.93 -25.16
CA MET B 554 16.58 28.41 -23.76
C MET B 554 15.36 27.92 -22.98
N ASP B 555 14.17 27.92 -23.59
CA ASP B 555 12.95 27.46 -22.89
C ASP B 555 13.03 25.95 -22.64
N ALA B 556 13.53 25.19 -23.61
CA ALA B 556 13.85 23.75 -23.46
C ALA B 556 14.72 23.56 -22.21
N MET B 557 15.83 24.29 -22.12
CA MET B 557 16.76 24.15 -20.98
C MET B 557 16.05 24.51 -19.67
N LEU B 558 15.29 25.60 -19.65
CA LEU B 558 14.65 26.05 -18.39
C LEU B 558 13.62 25.00 -17.96
N ALA B 559 12.98 24.33 -18.92
CA ALA B 559 11.95 23.32 -18.60
C ALA B 559 12.63 22.07 -18.01
N ASP B 560 13.70 21.59 -18.64
CA ASP B 560 14.49 20.45 -18.11
C ASP B 560 14.99 20.79 -16.70
N ILE B 561 15.30 22.05 -16.43
CA ILE B 561 15.83 22.45 -15.10
C ILE B 561 14.67 22.44 -14.08
N GLN B 562 13.47 22.90 -14.44
CA GLN B 562 12.40 22.84 -13.42
C GLN B 562 12.22 21.39 -12.96
N ALA B 563 12.14 20.48 -13.91
CA ALA B 563 11.91 19.06 -13.58
C ALA B 563 12.94 18.57 -12.58
N ALA B 564 14.22 18.81 -12.83
CA ALA B 564 15.27 18.27 -11.95
C ALA B 564 15.01 18.78 -10.53
N ALA B 565 14.80 20.09 -10.39
CA ALA B 565 14.65 20.66 -9.04
C ALA B 565 13.46 19.99 -8.35
N LYS B 566 12.38 19.78 -9.10
CA LYS B 566 11.19 19.11 -8.53
C LYS B 566 11.62 17.76 -7.97
N GLU B 567 12.30 16.96 -8.78
CA GLU B 567 12.70 15.62 -8.32
C GLU B 567 13.56 15.80 -7.07
N ILE B 568 14.50 16.72 -7.11
CA ILE B 568 15.44 16.90 -5.97
C ILE B 568 14.63 17.24 -4.72
N ALA B 569 13.67 18.13 -4.86
CA ALA B 569 12.86 18.57 -3.70
C ALA B 569 12.16 17.35 -3.09
N LYS B 570 11.55 16.52 -3.92
CA LYS B 570 10.83 15.32 -3.43
C LYS B 570 11.76 14.50 -2.54
N HIS B 571 12.96 14.19 -3.03
CA HIS B 571 13.86 13.31 -2.25
C HIS B 571 14.21 13.99 -0.93
N LEU B 572 14.36 15.30 -0.94
CA LEU B 572 14.69 16.05 0.30
C LEU B 572 13.47 15.99 1.21
N GLU B 573 12.29 16.03 0.63
CA GLU B 573 11.06 15.89 1.45
C GLU B 573 10.96 14.44 1.94
N GLU B 574 11.26 13.47 1.08
CA GLU B 574 11.24 12.05 1.54
C GLU B 574 12.20 11.89 2.73
N LEU B 575 13.38 12.52 2.69
CA LEU B 575 14.35 12.44 3.81
C LEU B 575 13.91 13.33 4.97
N LEU B 576 13.06 14.33 4.73
CA LEU B 576 12.61 15.24 5.83
C LEU B 576 11.49 14.57 6.64
N LYS B 577 10.87 13.50 6.12
CA LYS B 577 9.83 12.75 6.88
C LYS B 577 10.47 12.06 8.09
N ASP B 578 11.75 11.67 7.98
CA ASP B 578 12.51 11.02 9.07
C ASP B 578 13.09 12.11 9.98
N LYS B 579 12.34 12.53 11.00
CA LYS B 579 12.65 13.77 11.74
C LYS B 579 13.86 13.61 12.66
N GLU B 580 14.28 12.39 13.00
CA GLU B 580 15.59 12.19 13.69
C GLU B 580 16.71 12.72 12.78
N LEU B 581 16.73 12.25 11.53
CA LEU B 581 17.69 12.69 10.49
C LEU B 581 17.55 14.21 10.33
N ALA B 582 16.35 14.67 10.00
CA ALA B 582 16.02 16.11 9.81
C ALA B 582 16.60 16.91 10.98
N ALA B 583 16.46 16.40 12.20
CA ALA B 583 17.01 17.05 13.41
C ALA B 583 18.52 17.20 13.26
N ALA B 584 19.21 16.10 13.04
CA ALA B 584 20.69 16.03 13.18
C ALA B 584 21.37 16.99 12.20
N PHE B 585 20.79 17.17 11.01
CA PHE B 585 21.42 17.97 9.93
C PHE B 585 20.42 19.00 9.42
N PRO B 586 20.41 20.23 9.97
CA PRO B 586 19.46 21.25 9.49
C PRO B 586 19.76 21.77 8.07
N GLU B 587 20.94 21.49 7.52
CA GLU B 587 21.28 21.93 6.13
C GLU B 587 20.18 21.37 5.20
N LEU B 588 19.64 20.18 5.50
CA LEU B 588 18.56 19.51 4.71
C LEU B 588 17.45 20.52 4.39
N LYS B 589 17.12 21.39 5.34
CA LYS B 589 16.02 22.34 5.11
C LYS B 589 16.49 23.45 4.16
N THR B 590 17.66 24.03 4.44
CA THR B 590 18.31 24.98 3.51
C THR B 590 18.22 24.42 2.09
N LEU B 591 18.69 23.19 1.89
CA LEU B 591 18.69 22.54 0.56
C LEU B 591 17.27 22.48 0.01
N LEU B 592 16.28 22.17 0.84
CA LEU B 592 14.88 22.11 0.33
C LEU B 592 14.43 23.51 -0.09
N LYS B 593 14.87 24.58 0.56
CA LYS B 593 14.37 25.90 0.10
C LYS B 593 14.96 26.21 -1.27
N LEU B 594 16.28 26.08 -1.39
CA LEU B 594 17.04 26.41 -2.62
C LEU B 594 16.43 25.66 -3.81
N ALA B 595 16.04 24.40 -3.62
CA ALA B 595 15.50 23.54 -4.72
C ALA B 595 14.11 24.02 -5.13
N LYS B 596 13.36 24.56 -4.18
CA LYS B 596 11.96 25.02 -4.39
C LYS B 596 12.02 26.39 -5.09
N GLU B 597 12.96 27.24 -4.70
CA GLU B 597 13.19 28.56 -5.33
C GLU B 597 13.39 28.36 -6.83
N ILE B 598 14.12 27.33 -7.19
CA ILE B 598 14.51 27.11 -8.61
C ILE B 598 13.25 26.74 -9.41
N VAL B 599 12.22 26.18 -8.75
CA VAL B 599 11.06 25.62 -9.47
C VAL B 599 10.13 26.76 -9.87
N LYS B 600 10.21 27.92 -9.22
CA LYS B 600 9.37 29.07 -9.66
C LYS B 600 10.07 29.75 -10.84
N MET B 601 11.38 29.64 -10.92
CA MET B 601 12.09 30.12 -12.14
C MET B 601 11.90 29.10 -13.26
N SER C 2 -13.05 -9.23 -25.38
CA SER C 2 -11.90 -8.28 -25.54
C SER C 2 -11.43 -8.28 -27.01
N ILE C 3 -10.43 -7.46 -27.29
CA ILE C 3 -9.82 -7.38 -28.65
C ILE C 3 -8.90 -8.59 -28.81
N ALA C 4 -8.31 -9.06 -27.72
CA ALA C 4 -7.46 -10.29 -27.76
C ALA C 4 -8.31 -11.47 -28.28
N ASP C 5 -9.57 -11.54 -27.84
CA ASP C 5 -10.47 -12.66 -28.23
C ASP C 5 -10.84 -12.54 -29.71
N ILE C 6 -11.16 -11.32 -30.17
CA ILE C 6 -11.55 -11.14 -31.60
C ILE C 6 -10.33 -11.52 -32.45
N ALA C 7 -9.14 -11.11 -32.03
CA ALA C 7 -7.88 -11.41 -32.74
C ALA C 7 -7.68 -12.93 -32.78
N PHE C 8 -7.95 -13.61 -31.68
CA PHE C 8 -7.72 -15.07 -31.58
C PHE C 8 -8.67 -15.78 -32.55
N ILE C 9 -9.95 -15.40 -32.52
CA ILE C 9 -10.96 -15.95 -33.47
C ILE C 9 -10.42 -15.79 -34.88
N ASP C 10 -10.09 -14.55 -35.23
CA ASP C 10 -9.53 -14.17 -36.56
C ASP C 10 -8.40 -15.15 -36.92
N ALA C 11 -7.43 -15.35 -36.03
CA ALA C 11 -6.25 -16.18 -36.33
C ALA C 11 -6.65 -17.65 -36.54
N ALA C 12 -7.57 -18.17 -35.72
CA ALA C 12 -7.95 -19.60 -35.75
C ALA C 12 -8.78 -19.91 -37.00
N PHE C 13 -9.67 -19.01 -37.39
CA PHE C 13 -10.62 -19.28 -38.51
C PHE C 13 -10.02 -18.84 -39.85
N THR C 14 -9.44 -17.64 -39.94
CA THR C 14 -8.97 -17.08 -41.23
C THR C 14 -7.74 -17.87 -41.68
N ARG C 15 -6.74 -18.01 -40.80
CA ARG C 15 -5.57 -18.90 -41.03
C ARG C 15 -4.66 -18.33 -42.14
N THR C 16 -4.53 -17.01 -42.25
CA THR C 16 -3.58 -16.37 -43.19
C THR C 16 -2.34 -15.98 -42.40
N PRO C 17 -1.15 -15.88 -43.05
CA PRO C 17 0.08 -15.51 -42.37
C PRO C 17 -0.08 -14.15 -41.69
N GLU C 18 -0.81 -13.26 -42.33
CA GLU C 18 -1.06 -11.91 -41.80
C GLU C 18 -1.97 -12.01 -40.58
N ALA C 19 -2.78 -13.06 -40.48
CA ALA C 19 -3.77 -13.20 -39.39
C ALA C 19 -3.09 -13.69 -38.12
N ARG C 20 -1.91 -14.31 -38.20
CA ARG C 20 -1.18 -14.76 -36.99
C ARG C 20 -0.27 -13.63 -36.54
N ALA C 21 0.41 -12.96 -37.48
CA ALA C 21 1.28 -11.81 -37.16
C ALA C 21 0.49 -10.80 -36.31
N ASN C 22 -0.72 -10.46 -36.77
CA ASN C 22 -1.61 -9.54 -36.03
C ASN C 22 -1.96 -10.15 -34.68
N TYR C 23 -2.36 -11.42 -34.66
CA TYR C 23 -2.70 -12.12 -33.41
C TYR C 23 -1.55 -11.95 -32.40
N LEU C 24 -0.32 -12.15 -32.85
CA LEU C 24 0.85 -12.09 -31.97
C LEU C 24 1.04 -10.65 -31.48
N ALA C 25 0.84 -9.66 -32.32
CA ALA C 25 1.04 -8.24 -31.94
C ALA C 25 -0.02 -7.86 -30.90
N VAL C 26 -1.28 -8.18 -31.19
CA VAL C 26 -2.44 -7.91 -30.29
C VAL C 26 -2.21 -8.64 -28.98
N THR C 27 -1.88 -9.94 -29.03
CA THR C 27 -1.72 -10.72 -27.79
C THR C 27 -0.61 -10.09 -26.94
N ARG C 28 0.50 -9.72 -27.58
CA ARG C 28 1.63 -9.15 -26.82
C ARG C 28 1.18 -7.82 -26.18
N ALA C 29 0.47 -6.97 -26.91
CA ALA C 29 0.03 -5.67 -26.35
C ALA C 29 -0.95 -5.92 -25.20
N ALA C 30 -1.83 -6.91 -25.35
CA ALA C 30 -2.81 -7.25 -24.30
C ALA C 30 -2.07 -7.73 -23.05
N LEU C 31 -1.09 -8.62 -23.20
CA LEU C 31 -0.32 -9.16 -22.04
C LEU C 31 0.41 -8.01 -21.35
N GLU C 32 1.01 -7.10 -22.11
CA GLU C 32 1.83 -6.01 -21.55
C GLU C 32 0.97 -5.19 -20.58
N GLY C 33 -0.26 -4.85 -20.98
CA GLY C 33 -1.16 -4.00 -20.17
C GLY C 33 -1.74 -4.73 -18.99
N ARG C 34 -2.03 -6.01 -19.13
CA ARG C 34 -2.54 -6.81 -18.00
C ARG C 34 -1.45 -6.91 -16.93
N LEU C 35 -0.20 -7.06 -17.34
CA LEU C 35 0.92 -7.20 -16.38
C LEU C 35 1.15 -5.86 -15.69
N ALA C 36 0.87 -4.76 -16.37
CA ALA C 36 1.04 -3.41 -15.82
C ALA C 36 -0.01 -3.17 -14.74
N LEU C 37 -1.25 -3.62 -14.97
CA LEU C 37 -2.32 -3.50 -13.95
C LEU C 37 -1.95 -4.40 -12.76
N PHE C 38 -1.40 -5.57 -13.02
CA PHE C 38 -1.01 -6.51 -11.95
C PHE C 38 0.06 -5.87 -11.08
N ALA C 39 1.05 -5.26 -11.72
CA ALA C 39 2.20 -4.64 -11.02
C ALA C 39 1.69 -3.45 -10.22
N ALA C 40 0.72 -2.73 -10.77
CA ALA C 40 0.13 -1.55 -10.10
C ALA C 40 -0.68 -2.02 -8.89
N ARG C 41 -1.25 -3.22 -8.96
CA ARG C 41 -2.00 -3.77 -7.81
C ARG C 41 -1.03 -4.26 -6.75
N LEU C 42 0.02 -5.00 -7.14
CA LEU C 42 1.05 -5.49 -6.20
C LEU C 42 1.72 -4.32 -5.47
N ALA C 43 1.60 -3.11 -6.00
CA ALA C 43 2.37 -1.95 -5.49
C ALA C 43 1.51 -1.05 -4.61
N ARG C 44 0.19 -1.01 -4.78
CA ARG C 44 -0.67 -0.04 -4.02
C ARG C 44 -0.98 -0.58 -2.62
N HIS C 45 -0.91 -1.89 -2.42
CA HIS C 45 -1.34 -2.50 -1.13
C HIS C 45 -0.33 -3.56 -0.70
N SER C 46 -0.65 -4.31 0.35
CA SER C 46 0.21 -5.40 0.83
C SER C 46 -0.20 -6.68 0.12
N GLU C 47 0.76 -7.61 -0.06
CA GLU C 47 0.55 -8.90 -0.74
C GLU C 47 -0.64 -9.64 -0.11
N ALA C 48 -0.82 -9.51 1.18
CA ALA C 48 -1.92 -10.20 1.91
C ALA C 48 -3.28 -9.72 1.40
N GLU C 49 -3.44 -8.44 1.25
CA GLU C 49 -4.72 -7.83 0.80
C GLU C 49 -4.91 -8.21 -0.66
N VAL C 50 -3.89 -8.00 -1.50
CA VAL C 50 -3.95 -8.34 -2.95
C VAL C 50 -4.35 -9.81 -3.09
N ALA C 51 -3.79 -10.68 -2.27
CA ALA C 51 -4.05 -12.13 -2.34
C ALA C 51 -5.51 -12.40 -1.98
N ALA C 52 -6.10 -11.57 -1.11
CA ALA C 52 -7.49 -11.76 -0.64
C ALA C 52 -8.48 -10.94 -1.46
N THR C 53 -8.01 -10.02 -2.30
CA THR C 53 -8.92 -9.09 -3.02
C THR C 53 -8.86 -9.28 -4.55
N ILE C 54 -7.75 -9.78 -5.09
CA ILE C 54 -7.55 -9.79 -6.56
C ILE C 54 -8.45 -10.84 -7.18
N ASP C 55 -9.11 -10.50 -8.28
CA ASP C 55 -10.00 -11.43 -9.02
C ASP C 55 -9.15 -12.59 -9.53
N PRO C 56 -9.44 -13.85 -9.13
CA PRO C 56 -8.73 -15.00 -9.70
C PRO C 56 -8.85 -15.07 -11.23
N GLY C 57 -9.96 -14.58 -11.79
CA GLY C 57 -10.17 -14.57 -13.24
C GLY C 57 -9.16 -13.65 -13.90
N PHE C 58 -8.80 -12.58 -13.21
CA PHE C 58 -7.78 -11.65 -13.75
C PHE C 58 -6.46 -12.41 -13.91
N LEU C 59 -6.11 -13.24 -12.94
CA LEU C 59 -4.83 -14.00 -13.00
C LEU C 59 -4.93 -15.10 -14.07
N LEU C 60 -6.09 -15.76 -14.19
CA LEU C 60 -6.31 -16.72 -15.29
C LEU C 60 -6.15 -16.02 -16.64
N ASP C 61 -6.65 -14.81 -16.80
CA ASP C 61 -6.56 -14.07 -18.08
C ASP C 61 -5.09 -13.82 -18.41
N ILE C 62 -4.28 -13.53 -17.40
CA ILE C 62 -2.83 -13.33 -17.64
C ILE C 62 -2.20 -14.67 -18.08
N LEU C 63 -2.55 -15.77 -17.43
CA LEU C 63 -1.98 -17.09 -17.84
C LEU C 63 -2.41 -17.40 -19.28
N ASP C 64 -3.65 -17.04 -19.61
CA ASP C 64 -4.22 -17.22 -20.97
C ASP C 64 -3.32 -16.53 -21.98
N LEU C 65 -3.10 -15.22 -21.81
CA LEU C 65 -2.30 -14.46 -22.80
C LEU C 65 -0.88 -15.01 -22.79
N LEU C 66 -0.32 -15.28 -21.62
CA LEU C 66 1.09 -15.75 -21.51
C LEU C 66 1.29 -16.97 -22.42
N TYR C 67 0.44 -17.98 -22.33
CA TYR C 67 0.69 -19.24 -23.07
C TYR C 67 -0.01 -19.25 -24.43
N SER C 68 -0.55 -18.12 -24.84
CA SER C 68 -0.91 -17.85 -26.25
C SER C 68 0.28 -17.28 -27.03
N LEU C 69 1.32 -16.79 -26.36
CA LEU C 69 2.56 -16.33 -27.06
C LEU C 69 3.54 -17.49 -27.17
N PRO C 70 4.24 -17.66 -28.31
CA PRO C 70 5.33 -18.64 -28.40
C PRO C 70 6.50 -18.34 -27.46
N ALA C 71 7.08 -19.37 -26.87
CA ALA C 71 8.22 -19.24 -25.92
C ALA C 71 9.29 -18.33 -26.52
N ALA C 72 9.58 -18.45 -27.80
CA ALA C 72 10.62 -17.65 -28.48
C ALA C 72 10.28 -16.16 -28.34
N LEU C 73 9.05 -15.78 -28.60
CA LEU C 73 8.63 -14.36 -28.51
C LEU C 73 8.69 -13.93 -27.05
N ARG C 74 8.21 -14.77 -26.14
CA ARG C 74 8.27 -14.54 -24.68
C ARG C 74 9.71 -14.16 -24.29
N GLU C 75 10.67 -14.99 -24.68
CA GLU C 75 12.10 -14.81 -24.30
C GLU C 75 12.66 -13.54 -24.94
N ALA C 76 12.03 -12.95 -26.00
CA ALA C 76 12.56 -11.72 -26.64
C ALA C 76 11.79 -10.48 -26.19
N LEU C 77 10.82 -10.63 -25.29
CA LEU C 77 10.05 -9.47 -24.74
C LEU C 77 11.00 -8.53 -24.01
N PRO C 78 10.69 -7.21 -23.95
CA PRO C 78 11.48 -6.27 -23.16
C PRO C 78 11.64 -6.69 -21.70
N ALA C 79 12.66 -6.18 -21.03
CA ALA C 79 13.03 -6.61 -19.66
C ALA C 79 11.94 -6.21 -18.67
N GLU C 80 11.30 -5.09 -18.86
CA GLU C 80 10.19 -4.59 -18.00
C GLU C 80 9.07 -5.64 -17.96
N VAL C 81 8.68 -6.13 -19.14
CA VAL C 81 7.55 -7.08 -19.22
C VAL C 81 8.00 -8.39 -18.55
N GLN C 82 9.24 -8.81 -18.78
CA GLN C 82 9.69 -10.10 -18.18
C GLN C 82 9.79 -9.97 -16.66
N ALA C 83 10.12 -8.79 -16.16
CA ALA C 83 10.20 -8.54 -14.70
C ALA C 83 8.79 -8.68 -14.12
N ARG C 84 7.80 -8.15 -14.81
CA ARG C 84 6.40 -8.28 -14.34
C ARG C 84 5.94 -9.73 -14.45
N ILE C 85 6.38 -10.47 -15.45
CA ILE C 85 6.09 -11.92 -15.55
C ILE C 85 6.69 -12.65 -14.34
N ALA C 86 7.91 -12.30 -13.95
CA ALA C 86 8.60 -12.96 -12.81
C ALA C 86 7.88 -12.62 -11.50
N LEU C 87 7.44 -11.36 -11.35
CA LEU C 87 6.64 -10.94 -10.17
C LEU C 87 5.35 -11.75 -10.12
N PHE C 88 4.64 -11.83 -11.25
CA PHE C 88 3.38 -12.64 -11.39
C PHE C 88 3.64 -14.07 -10.92
N GLU C 89 4.67 -14.71 -11.46
CA GLU C 89 4.93 -16.15 -11.17
C GLU C 89 5.31 -16.31 -9.69
N ALA C 90 6.10 -15.40 -9.14
CA ALA C 90 6.52 -15.49 -7.73
C ALA C 90 5.28 -15.38 -6.84
N PHE C 91 4.43 -14.41 -7.14
CA PHE C 91 3.21 -14.14 -6.33
C PHE C 91 2.34 -15.39 -6.33
N LEU C 92 2.06 -15.95 -7.50
CA LEU C 92 1.20 -17.15 -7.60
C LEU C 92 1.85 -18.31 -6.87
N ALA C 93 3.15 -18.49 -6.98
CA ALA C 93 3.81 -19.63 -6.33
C ALA C 93 3.59 -19.51 -4.82
N ARG C 94 3.71 -18.32 -4.30
CA ARG C 94 3.62 -18.08 -2.84
C ARG C 94 2.18 -18.29 -2.33
N TYR C 95 1.19 -17.87 -3.12
CA TYR C 95 -0.20 -17.84 -2.59
C TYR C 95 -1.07 -18.91 -3.23
N ALA C 96 -0.47 -19.97 -3.75
CA ALA C 96 -1.23 -21.02 -4.46
C ALA C 96 -2.28 -21.64 -3.52
N ASP C 97 -2.01 -21.68 -2.21
CA ASP C 97 -2.89 -22.35 -1.22
C ASP C 97 -3.84 -21.35 -0.55
N HIS C 98 -3.73 -20.06 -0.84
CA HIS C 98 -4.69 -19.04 -0.34
C HIS C 98 -6.08 -19.39 -0.84
N PRO C 99 -7.11 -19.38 0.03
CA PRO C 99 -8.47 -19.72 -0.39
C PRO C 99 -8.93 -18.94 -1.63
N ASN C 100 -8.54 -17.68 -1.74
CA ASN C 100 -8.95 -16.81 -2.88
C ASN C 100 -8.31 -17.32 -4.19
N LEU C 101 -7.08 -17.80 -4.12
CA LEU C 101 -6.26 -18.09 -5.31
C LEU C 101 -6.10 -19.59 -5.54
N ALA C 102 -6.73 -20.43 -4.73
CA ALA C 102 -6.47 -21.89 -4.75
C ALA C 102 -6.70 -22.46 -6.15
N LEU C 103 -7.77 -22.07 -6.83
CA LEU C 103 -8.09 -22.60 -8.17
C LEU C 103 -6.97 -22.20 -9.16
N VAL C 104 -6.60 -20.92 -9.16
CA VAL C 104 -5.57 -20.44 -10.13
C VAL C 104 -4.22 -21.06 -9.76
N GLY C 105 -3.94 -21.24 -8.48
CA GLY C 105 -2.68 -21.86 -8.02
C GLY C 105 -2.57 -23.28 -8.52
N ARG C 106 -3.66 -24.08 -8.40
CA ARG C 106 -3.67 -25.46 -8.97
C ARG C 106 -3.33 -25.36 -10.46
N VAL C 107 -3.97 -24.44 -11.19
CA VAL C 107 -3.74 -24.29 -12.65
C VAL C 107 -2.25 -23.99 -12.88
N PHE C 108 -1.70 -23.04 -12.13
CA PHE C 108 -0.29 -22.60 -12.29
C PHE C 108 0.63 -23.82 -12.07
N ARG C 109 0.34 -24.63 -11.07
CA ARG C 109 1.23 -25.78 -10.73
C ARG C 109 1.12 -26.83 -11.83
N GLU C 110 -0.07 -27.06 -12.37
CA GLU C 110 -0.26 -27.98 -13.51
C GLU C 110 0.57 -27.47 -14.70
N ILE C 111 0.57 -26.18 -15.00
CA ILE C 111 1.30 -25.66 -16.18
C ILE C 111 2.81 -25.81 -15.94
N GLN C 112 3.28 -25.52 -14.73
CA GLN C 112 4.73 -25.67 -14.42
C GLN C 112 5.10 -27.15 -14.56
N ALA C 113 4.27 -28.05 -14.12
CA ALA C 113 4.53 -29.52 -14.21
C ALA C 113 4.58 -29.97 -15.67
N ILE C 114 3.61 -29.54 -16.47
CA ILE C 114 3.56 -29.83 -17.93
C ILE C 114 4.88 -29.34 -18.55
N ARG C 115 5.35 -28.16 -18.17
CA ARG C 115 6.61 -27.62 -18.74
C ARG C 115 7.78 -28.50 -18.27
N ALA C 116 7.79 -28.93 -17.00
CA ALA C 116 8.87 -29.81 -16.50
C ALA C 116 8.91 -31.09 -17.34
N LYS C 117 7.79 -31.78 -17.49
CA LYS C 117 7.75 -33.06 -18.28
C LYS C 117 8.20 -32.79 -19.72
N TYR C 118 7.52 -31.91 -20.45
CA TYR C 118 7.59 -31.88 -21.92
C TYR C 118 8.53 -30.79 -22.42
N SER C 119 9.04 -29.91 -21.56
CA SER C 119 9.91 -28.82 -22.04
C SER C 119 11.13 -29.42 -22.75
N GLY C 120 11.43 -28.94 -23.95
CA GLY C 120 12.59 -29.39 -24.74
C GLY C 120 12.32 -30.67 -25.49
N LYS C 121 11.74 -31.69 -24.84
CA LYS C 121 11.34 -32.95 -25.51
C LYS C 121 10.35 -32.63 -26.66
N LEU C 122 9.15 -32.09 -26.38
CA LEU C 122 8.11 -31.82 -27.42
C LEU C 122 8.09 -30.35 -27.83
N PRO C 123 7.48 -30.01 -28.98
CA PRO C 123 7.49 -28.63 -29.46
C PRO C 123 6.71 -27.65 -28.57
N ASP C 124 7.23 -26.45 -28.45
CA ASP C 124 6.72 -25.40 -27.53
C ASP C 124 5.25 -25.10 -27.81
N GLU C 125 4.85 -25.22 -29.07
CA GLU C 125 3.47 -24.90 -29.50
C GLU C 125 2.51 -25.99 -29.00
N TYR C 126 3.02 -27.17 -28.71
CA TYR C 126 2.23 -28.25 -28.07
C TYR C 126 2.09 -27.93 -26.58
N ILE C 127 3.18 -27.53 -25.93
CA ILE C 127 3.18 -27.23 -24.47
C ILE C 127 2.20 -26.09 -24.20
N ASN C 128 2.28 -25.03 -25.00
CA ASN C 128 1.34 -23.90 -24.86
C ASN C 128 -0.10 -24.40 -25.03
N THR C 129 -0.33 -25.39 -25.87
CA THR C 129 -1.72 -25.86 -26.07
C THR C 129 -2.18 -26.62 -24.82
N LEU C 130 -1.34 -27.46 -24.24
CA LEU C 130 -1.70 -28.14 -22.98
C LEU C 130 -1.97 -27.10 -21.90
N ALA C 131 -1.16 -26.05 -21.87
CA ALA C 131 -1.31 -24.99 -20.85
C ALA C 131 -2.65 -24.27 -21.06
N LEU C 132 -3.00 -23.90 -22.29
CA LEU C 132 -4.30 -23.22 -22.54
C LEU C 132 -5.43 -24.13 -22.09
N ILE C 133 -5.31 -25.42 -22.32
CA ILE C 133 -6.40 -26.38 -21.96
C ILE C 133 -6.58 -26.31 -20.45
N ARG C 134 -5.48 -26.31 -19.69
CA ARG C 134 -5.57 -26.28 -18.20
C ARG C 134 -6.25 -24.99 -17.77
N VAL C 135 -5.92 -23.85 -18.37
CA VAL C 135 -6.56 -22.57 -17.98
C VAL C 135 -8.05 -22.67 -18.28
N ASP C 136 -8.41 -23.18 -19.45
CA ASP C 136 -9.83 -23.18 -19.89
C ASP C 136 -10.63 -24.12 -18.96
N ARG C 137 -9.98 -25.12 -18.36
CA ARG C 137 -10.64 -26.11 -17.50
C ARG C 137 -11.08 -25.44 -16.21
N ALA C 138 -10.37 -24.39 -15.77
CA ALA C 138 -10.72 -23.65 -14.55
C ALA C 138 -11.97 -22.80 -14.79
N ARG C 139 -12.18 -22.33 -16.02
CA ARG C 139 -13.35 -21.48 -16.36
C ARG C 139 -14.59 -22.32 -16.62
N LEU C 140 -14.49 -23.64 -16.73
CA LEU C 140 -15.61 -24.50 -17.22
C LEU C 140 -16.76 -24.46 -16.20
N VAL C 141 -16.45 -24.44 -14.92
CA VAL C 141 -17.53 -24.45 -13.90
C VAL C 141 -18.29 -23.12 -13.97
N ARG C 142 -17.62 -22.01 -14.20
CA ARG C 142 -18.30 -20.68 -14.30
C ARG C 142 -19.23 -20.68 -15.51
N ASP C 143 -18.74 -21.14 -16.68
CA ASP C 143 -19.59 -21.16 -17.90
C ASP C 143 -20.75 -22.13 -17.69
N MET C 144 -20.52 -23.21 -16.97
CA MET C 144 -21.58 -24.23 -16.79
C MET C 144 -22.62 -23.68 -15.81
N ARG C 145 -22.24 -22.86 -14.83
CA ARG C 145 -23.23 -22.21 -13.95
C ARG C 145 -24.08 -21.25 -14.75
N LEU C 146 -23.43 -20.42 -15.57
CA LEU C 146 -24.14 -19.50 -16.48
C LEU C 146 -25.15 -20.28 -17.32
N VAL C 147 -24.72 -21.40 -17.89
CA VAL C 147 -25.60 -22.20 -18.77
C VAL C 147 -26.76 -22.81 -17.97
N GLU C 148 -26.46 -23.39 -16.80
CA GLU C 148 -27.49 -24.06 -15.96
C GLU C 148 -28.58 -23.02 -15.65
N GLU C 149 -28.17 -21.84 -15.21
CA GLU C 149 -29.16 -20.84 -14.75
C GLU C 149 -29.92 -20.31 -15.94
N THR C 150 -29.23 -19.99 -17.04
CA THR C 150 -29.89 -19.42 -18.23
C THR C 150 -30.93 -20.39 -18.81
N ALA C 151 -30.70 -21.70 -18.72
CA ALA C 151 -31.66 -22.69 -19.24
C ALA C 151 -32.97 -22.60 -18.47
N VAL C 152 -32.94 -22.18 -17.21
CA VAL C 152 -34.18 -22.11 -16.39
C VAL C 152 -35.02 -20.93 -16.88
N ILE C 153 -34.38 -19.82 -17.24
CA ILE C 153 -35.10 -18.65 -17.83
C ILE C 153 -35.68 -19.05 -19.19
N VAL C 154 -34.93 -19.79 -19.99
CA VAL C 154 -35.41 -20.25 -21.32
C VAL C 154 -36.65 -21.11 -21.11
N ALA C 155 -36.62 -22.04 -20.15
CA ALA C 155 -37.75 -22.97 -19.91
C ALA C 155 -38.95 -22.20 -19.38
N ALA C 156 -38.71 -21.22 -18.51
CA ALA C 156 -39.77 -20.38 -17.91
C ALA C 156 -40.54 -19.66 -19.02
N TYR C 157 -39.85 -18.90 -19.86
CA TYR C 157 -40.54 -18.12 -20.91
C TYR C 157 -41.18 -19.09 -21.92
N ALA C 158 -40.61 -20.28 -22.10
CA ALA C 158 -41.20 -21.30 -22.99
C ALA C 158 -42.54 -21.74 -22.42
N LEU C 159 -42.54 -22.34 -21.22
CA LEU C 159 -43.79 -22.84 -20.60
C LEU C 159 -44.79 -21.69 -20.52
N ALA C 160 -44.35 -20.46 -20.25
CA ALA C 160 -45.26 -19.33 -19.95
C ALA C 160 -46.02 -18.90 -21.21
N PHE C 161 -45.33 -18.66 -22.32
CA PHE C 161 -46.02 -18.01 -23.48
C PHE C 161 -46.16 -18.99 -24.64
N ASP C 162 -45.58 -20.17 -24.56
CA ASP C 162 -45.59 -21.06 -25.73
C ASP C 162 -46.90 -21.85 -25.71
N PRO C 163 -47.43 -22.28 -26.88
CA PRO C 163 -48.69 -23.04 -26.92
C PRO C 163 -48.58 -24.29 -26.04
N PRO C 164 -49.63 -24.64 -25.26
CA PRO C 164 -49.54 -25.73 -24.27
C PRO C 164 -49.16 -27.09 -24.85
N GLU C 165 -49.07 -27.21 -26.16
CA GLU C 165 -48.72 -28.46 -26.87
C GLU C 165 -47.21 -28.60 -26.90
N ARG C 166 -46.47 -27.49 -26.98
CA ARG C 166 -44.99 -27.53 -27.09
C ARG C 166 -44.35 -27.51 -25.70
N HIS C 167 -45.16 -27.50 -24.64
CA HIS C 167 -44.64 -27.41 -23.25
C HIS C 167 -43.69 -28.57 -22.94
N PRO C 168 -44.02 -29.83 -23.31
CA PRO C 168 -43.21 -30.99 -22.90
C PRO C 168 -41.84 -31.05 -23.59
N GLU C 169 -41.78 -30.77 -24.89
CA GLU C 169 -40.50 -30.69 -25.63
C GLU C 169 -39.59 -29.68 -24.91
N ALA C 170 -40.14 -28.56 -24.45
CA ALA C 170 -39.37 -27.52 -23.73
C ALA C 170 -38.77 -28.13 -22.47
N GLU C 171 -39.50 -29.00 -21.79
CA GLU C 171 -39.06 -29.62 -20.52
C GLU C 171 -37.91 -30.58 -20.81
N ALA C 172 -38.03 -31.37 -21.86
CA ALA C 172 -36.96 -32.30 -22.30
C ALA C 172 -35.68 -31.51 -22.59
N ARG C 173 -35.84 -30.33 -23.23
CA ARG C 173 -34.72 -29.43 -23.63
C ARG C 173 -33.96 -28.99 -22.38
N MET C 174 -34.66 -28.51 -21.37
CA MET C 174 -34.04 -27.97 -20.14
C MET C 174 -33.35 -29.12 -19.43
N ARG C 175 -33.98 -30.28 -19.37
CA ARG C 175 -33.37 -31.47 -18.74
C ARG C 175 -32.08 -31.79 -19.49
N ALA C 176 -32.15 -31.83 -20.82
CA ALA C 176 -30.99 -32.15 -21.69
C ALA C 176 -29.86 -31.14 -21.43
N THR C 177 -30.19 -29.86 -21.35
CA THR C 177 -29.20 -28.79 -21.17
C THR C 177 -28.42 -29.06 -19.88
N ILE C 178 -29.15 -29.36 -18.80
CA ILE C 178 -28.55 -29.54 -17.46
C ILE C 178 -27.74 -30.83 -17.49
N GLU C 179 -28.19 -31.80 -18.27
CA GLU C 179 -27.50 -33.11 -18.36
C GLU C 179 -26.20 -32.92 -19.14
N ARG C 180 -26.26 -32.24 -20.28
CA ARG C 180 -25.06 -32.00 -21.12
C ARG C 180 -24.05 -31.19 -20.30
N ALA C 181 -24.51 -30.26 -19.48
CA ALA C 181 -23.63 -29.40 -18.65
C ALA C 181 -22.97 -30.26 -17.57
N ASN C 182 -23.76 -31.10 -16.90
CA ASN C 182 -23.23 -31.92 -15.78
C ASN C 182 -22.29 -32.99 -16.36
N ALA C 183 -22.53 -33.47 -17.58
CA ALA C 183 -21.63 -34.41 -18.25
C ALA C 183 -20.28 -33.74 -18.50
N LEU C 184 -20.30 -32.48 -18.96
CA LEU C 184 -19.06 -31.70 -19.16
C LEU C 184 -18.35 -31.59 -17.81
N ARG C 185 -19.09 -31.22 -16.77
CA ARG C 185 -18.48 -30.97 -15.43
C ARG C 185 -17.80 -32.26 -14.96
N ARG C 186 -18.46 -33.41 -15.17
CA ARG C 186 -17.94 -34.70 -14.66
C ARG C 186 -16.63 -35.02 -15.36
N ALA C 187 -16.60 -34.96 -16.68
CA ALA C 187 -15.41 -35.33 -17.48
C ALA C 187 -14.26 -34.41 -17.09
N ALA C 188 -14.59 -33.23 -16.55
CA ALA C 188 -13.59 -32.23 -16.14
C ALA C 188 -13.21 -32.46 -14.68
N GLY C 189 -13.79 -33.47 -14.04
CA GLY C 189 -13.52 -33.81 -12.62
C GLY C 189 -14.10 -32.78 -11.68
N PHE C 190 -15.15 -32.08 -12.11
CA PHE C 190 -15.89 -31.13 -11.24
C PHE C 190 -17.15 -31.82 -10.76
N PRO C 191 -17.65 -31.47 -9.55
CA PRO C 191 -18.87 -32.05 -9.01
C PRO C 191 -20.13 -31.59 -9.75
N PRO C 192 -21.18 -32.44 -9.87
CA PRO C 192 -22.45 -32.00 -10.43
C PRO C 192 -22.97 -30.77 -9.69
N SER C 193 -24.03 -30.15 -10.20
CA SER C 193 -24.53 -28.86 -9.64
C SER C 193 -26.03 -28.89 -9.42
N LEU C 194 -26.81 -28.87 -10.50
CA LEU C 194 -28.27 -28.71 -10.43
C LEU C 194 -28.91 -30.04 -10.79
N ALA C 195 -30.12 -30.28 -10.28
CA ALA C 195 -30.92 -31.47 -10.61
C ALA C 195 -31.94 -31.08 -11.67
N PRO C 196 -32.02 -31.82 -12.80
CA PRO C 196 -33.03 -31.57 -13.83
C PRO C 196 -34.45 -31.34 -13.29
N GLU C 197 -34.77 -31.87 -12.11
CA GLU C 197 -36.10 -31.73 -11.49
C GLU C 197 -36.13 -30.51 -10.57
N GLU C 198 -35.00 -30.18 -9.94
CA GLU C 198 -34.90 -29.04 -9.00
C GLU C 198 -35.12 -27.75 -9.80
N GLY C 199 -34.81 -27.77 -11.09
CA GLY C 199 -34.81 -26.57 -11.93
C GLY C 199 -36.16 -26.39 -12.59
N LEU C 200 -36.62 -27.43 -13.28
CA LEU C 200 -37.93 -27.38 -13.98
C LEU C 200 -38.95 -26.74 -13.04
N ALA C 201 -38.83 -27.01 -11.74
CA ALA C 201 -39.76 -26.49 -10.72
C ALA C 201 -39.69 -24.96 -10.71
N ARG C 202 -38.53 -24.39 -10.40
CA ARG C 202 -38.38 -22.91 -10.39
C ARG C 202 -38.88 -22.34 -11.73
N ALA C 203 -38.57 -23.05 -12.82
CA ALA C 203 -39.04 -22.63 -14.15
C ALA C 203 -40.59 -22.59 -14.13
N ARG C 204 -41.20 -23.66 -13.62
CA ARG C 204 -42.67 -23.78 -13.57
C ARG C 204 -43.26 -22.64 -12.73
N ARG C 205 -42.61 -22.30 -11.63
CA ARG C 205 -43.06 -21.20 -10.76
C ARG C 205 -43.08 -19.89 -11.57
N LEU C 206 -41.92 -19.47 -12.09
CA LEU C 206 -41.77 -18.15 -12.77
C LEU C 206 -42.74 -18.08 -13.95
N ALA C 207 -42.90 -19.17 -14.70
CA ALA C 207 -43.78 -19.22 -15.87
C ALA C 207 -45.21 -18.88 -15.44
N ALA C 208 -45.61 -19.41 -14.29
CA ALA C 208 -46.96 -19.22 -13.74
C ALA C 208 -47.16 -17.72 -13.51
N ARG C 209 -46.22 -17.07 -12.85
CA ARG C 209 -46.38 -15.64 -12.54
C ARG C 209 -46.41 -14.82 -13.84
N LEU C 210 -45.68 -15.26 -14.86
CA LEU C 210 -45.60 -14.52 -16.15
C LEU C 210 -46.92 -14.66 -16.90
N ARG C 211 -47.49 -15.86 -16.94
CA ARG C 211 -48.83 -16.10 -17.55
C ARG C 211 -49.85 -15.18 -16.89
N ALA C 212 -49.73 -14.97 -15.58
CA ALA C 212 -50.66 -14.12 -14.81
C ALA C 212 -50.51 -12.68 -15.25
N LEU C 213 -49.30 -12.15 -15.17
CA LEU C 213 -49.02 -10.75 -15.56
C LEU C 213 -49.54 -10.54 -16.99
N ARG C 214 -49.40 -11.55 -17.86
CA ARG C 214 -49.79 -11.38 -19.27
C ARG C 214 -51.29 -11.13 -19.33
N ALA C 215 -52.10 -12.04 -18.80
CA ALA C 215 -53.57 -11.98 -18.90
C ALA C 215 -54.05 -10.70 -18.24
N ALA C 216 -53.59 -10.40 -17.03
CA ALA C 216 -54.09 -9.23 -16.26
C ALA C 216 -53.84 -7.96 -17.08
N VAL C 217 -52.60 -7.80 -17.58
CA VAL C 217 -52.26 -6.63 -18.41
C VAL C 217 -53.17 -6.66 -19.64
N ARG C 218 -53.39 -7.85 -20.21
CA ARG C 218 -54.34 -7.92 -21.35
C ARG C 218 -55.67 -7.34 -20.88
N ALA C 219 -55.98 -7.53 -19.61
CA ALA C 219 -57.21 -6.94 -19.01
C ALA C 219 -56.95 -5.54 -18.46
N ARG C 220 -56.04 -4.76 -19.10
CA ARG C 220 -55.73 -3.36 -18.73
C ARG C 220 -55.65 -3.24 -17.20
N ARG C 221 -55.14 -4.30 -16.51
CA ARG C 221 -55.02 -4.28 -15.04
C ARG C 221 -53.82 -5.10 -14.60
N LEU C 222 -53.23 -4.80 -13.46
CA LEU C 222 -52.17 -5.67 -12.88
C LEU C 222 -52.84 -6.74 -12.03
N PRO C 223 -52.16 -7.86 -11.73
CA PRO C 223 -52.78 -8.91 -10.91
C PRO C 223 -53.20 -8.35 -9.55
N THR C 224 -52.40 -7.41 -9.05
CA THR C 224 -52.70 -6.73 -7.76
C THR C 224 -54.04 -6.00 -7.87
N GLY C 225 -54.51 -5.78 -9.09
CA GLY C 225 -55.80 -5.14 -9.37
C GLY C 225 -55.61 -3.72 -9.88
N VAL C 226 -54.40 -3.16 -9.79
CA VAL C 226 -54.12 -1.76 -10.23
C VAL C 226 -54.53 -1.64 -11.70
N PRO C 227 -55.23 -0.55 -12.07
CA PRO C 227 -55.65 -0.33 -13.46
C PRO C 227 -54.50 0.21 -14.33
N LEU C 228 -54.60 0.05 -15.65
CA LEU C 228 -53.54 0.52 -16.59
C LEU C 228 -54.19 1.39 -17.64
N THR C 229 -53.52 2.48 -18.05
CA THR C 229 -53.95 3.28 -19.22
C THR C 229 -53.73 2.41 -20.45
N PRO C 230 -54.58 2.48 -21.49
CA PRO C 230 -54.46 1.59 -22.65
C PRO C 230 -53.03 1.50 -23.21
N GLU C 231 -52.30 2.66 -23.21
CA GLU C 231 -50.90 2.76 -23.69
C GLU C 231 -49.99 1.87 -22.84
N GLN C 232 -50.10 1.94 -21.50
CA GLN C 232 -49.25 1.17 -20.56
C GLN C 232 -49.43 -0.33 -20.86
N ALA C 233 -50.62 -0.74 -21.28
CA ALA C 233 -50.92 -2.16 -21.56
C ALA C 233 -50.04 -2.61 -22.72
N ALA C 234 -50.17 -1.99 -23.89
CA ALA C 234 -49.41 -2.42 -25.09
C ALA C 234 -47.92 -2.30 -24.80
N ALA C 235 -47.51 -1.31 -24.00
CA ALA C 235 -46.10 -1.14 -23.60
C ALA C 235 -45.63 -2.41 -22.87
N ILE C 236 -46.35 -2.80 -21.82
CA ILE C 236 -45.96 -3.95 -20.97
C ILE C 236 -45.97 -5.20 -21.84
N LEU C 237 -46.99 -5.37 -22.67
CA LEU C 237 -47.14 -6.60 -23.49
C LEU C 237 -46.03 -6.66 -24.53
N ALA C 238 -45.58 -5.51 -25.02
CA ALA C 238 -44.46 -5.42 -25.99
C ALA C 238 -43.19 -5.95 -25.33
N THR C 239 -42.77 -5.33 -24.23
CA THR C 239 -41.59 -5.77 -23.47
C THR C 239 -41.67 -7.29 -23.26
N LEU C 240 -42.85 -7.78 -22.89
CA LEU C 240 -43.04 -9.22 -22.58
C LEU C 240 -42.81 -10.04 -23.85
N GLU C 241 -43.31 -9.54 -24.98
CA GLU C 241 -43.20 -10.32 -26.25
C GLU C 241 -41.76 -10.24 -26.72
N ARG C 242 -41.09 -9.12 -26.46
CA ARG C 242 -39.65 -9.02 -26.75
C ARG C 242 -38.93 -10.01 -25.84
N LEU C 243 -39.19 -9.98 -24.52
CA LEU C 243 -38.48 -10.88 -23.56
C LEU C 243 -38.64 -12.33 -24.04
N TYR C 244 -39.82 -12.68 -24.51
CA TYR C 244 -40.09 -14.05 -24.99
C TYR C 244 -39.23 -14.33 -26.21
N GLU C 245 -39.12 -13.36 -27.11
CA GLU C 245 -38.30 -13.51 -28.34
C GLU C 245 -36.82 -13.74 -27.96
N VAL C 246 -36.26 -12.83 -27.15
CA VAL C 246 -34.84 -12.91 -26.73
C VAL C 246 -34.62 -14.25 -26.03
N ALA C 247 -35.58 -14.73 -25.24
CA ALA C 247 -35.41 -15.98 -24.49
C ALA C 247 -35.35 -17.16 -25.46
N LEU C 248 -36.11 -17.12 -26.56
CA LEU C 248 -36.02 -18.23 -27.54
C LEU C 248 -34.66 -18.15 -28.23
N GLU C 249 -34.23 -16.95 -28.63
CA GLU C 249 -32.94 -16.80 -29.32
C GLU C 249 -31.85 -17.31 -28.36
N ILE C 250 -31.97 -17.02 -27.06
CA ILE C 250 -30.95 -17.42 -26.06
C ILE C 250 -30.95 -18.95 -25.90
N GLY C 251 -32.12 -19.57 -25.87
CA GLY C 251 -32.18 -21.04 -25.92
C GLY C 251 -31.37 -21.59 -27.08
N ARG C 252 -31.35 -20.87 -28.22
CA ARG C 252 -30.60 -21.30 -29.42
C ARG C 252 -29.10 -21.09 -29.20
N ALA C 253 -28.73 -19.94 -28.66
CA ALA C 253 -27.32 -19.64 -28.31
C ALA C 253 -26.79 -20.72 -27.36
N ILE C 254 -27.61 -21.18 -26.42
CA ILE C 254 -27.14 -22.19 -25.41
C ILE C 254 -26.79 -23.47 -26.16
N ASP C 255 -27.59 -23.89 -27.13
CA ASP C 255 -27.32 -25.15 -27.86
C ASP C 255 -26.05 -24.98 -28.68
N ALA C 256 -25.88 -23.82 -29.33
CA ALA C 256 -24.64 -23.52 -30.09
C ALA C 256 -23.44 -23.68 -29.14
N TYR C 257 -23.51 -23.05 -27.97
CA TYR C 257 -22.39 -23.02 -27.00
C TYR C 257 -22.08 -24.45 -26.54
N LEU C 258 -23.10 -25.22 -26.16
CA LEU C 258 -22.89 -26.59 -25.65
C LEU C 258 -22.28 -27.44 -26.76
N ALA C 259 -22.66 -27.22 -28.01
CA ALA C 259 -22.11 -28.01 -29.14
C ALA C 259 -20.62 -27.70 -29.23
N ALA C 260 -20.26 -26.41 -29.25
CA ALA C 260 -18.85 -25.97 -29.27
C ALA C 260 -18.10 -26.63 -28.12
N ALA C 261 -18.58 -26.44 -26.89
CA ALA C 261 -17.91 -26.91 -25.66
C ALA C 261 -17.65 -28.41 -25.76
N GLU C 262 -18.61 -29.17 -26.27
CA GLU C 262 -18.43 -30.64 -26.38
C GLU C 262 -17.36 -30.92 -27.45
N ALA C 263 -17.34 -30.16 -28.55
CA ALA C 263 -16.28 -30.33 -29.58
C ALA C 263 -14.92 -30.03 -28.94
N TYR C 264 -14.81 -28.92 -28.23
CA TYR C 264 -13.52 -28.51 -27.61
C TYR C 264 -13.09 -29.62 -26.65
N ALA C 265 -14.01 -30.14 -25.84
CA ALA C 265 -13.68 -31.12 -24.77
C ALA C 265 -13.19 -32.41 -25.42
N ALA C 266 -13.86 -32.84 -26.48
CA ALA C 266 -13.47 -34.07 -27.21
C ALA C 266 -12.04 -33.90 -27.76
N THR C 267 -11.80 -32.87 -28.57
CA THR C 267 -10.49 -32.75 -29.25
C THR C 267 -9.40 -32.55 -28.19
N ALA C 268 -9.68 -31.75 -27.15
CA ALA C 268 -8.69 -31.48 -26.08
C ALA C 268 -8.34 -32.77 -25.36
N ALA C 269 -9.34 -33.59 -25.02
CA ALA C 269 -9.11 -34.87 -24.30
C ALA C 269 -8.22 -35.74 -25.18
N GLU C 270 -8.43 -35.73 -26.48
CA GLU C 270 -7.56 -36.53 -27.38
C GLU C 270 -6.13 -35.96 -27.34
N LEU C 271 -5.98 -34.64 -27.41
CA LEU C 271 -4.62 -34.04 -27.40
C LEU C 271 -3.89 -34.47 -26.14
N GLU C 272 -4.54 -34.37 -24.98
CA GLU C 272 -3.91 -34.82 -23.71
C GLU C 272 -3.67 -36.33 -23.74
N ALA C 273 -4.55 -37.10 -24.39
CA ALA C 273 -4.51 -38.59 -24.33
C ALA C 273 -3.35 -39.11 -25.18
N ASN C 274 -3.20 -38.57 -26.38
CA ASN C 274 -2.43 -39.22 -27.48
C ASN C 274 -1.29 -38.31 -27.95
N GLY C 275 -1.42 -36.98 -27.86
CA GLY C 275 -0.52 -36.01 -28.55
C GLY C 275 0.96 -36.37 -28.46
N ALA C 276 1.42 -36.77 -27.29
CA ALA C 276 2.85 -37.05 -27.02
C ALA C 276 3.36 -38.19 -27.91
N SER C 277 2.53 -39.17 -28.26
CA SER C 277 2.94 -40.39 -29.01
C SER C 277 2.62 -40.27 -30.50
N LEU C 278 1.78 -39.32 -30.93
CA LEU C 278 1.41 -39.19 -32.36
C LEU C 278 2.64 -38.88 -33.20
N ASP C 279 2.52 -38.94 -34.53
CA ASP C 279 3.58 -38.41 -35.41
C ASP C 279 3.39 -36.91 -35.52
N PRO C 280 4.45 -36.15 -35.79
CA PRO C 280 4.35 -34.68 -35.89
C PRO C 280 3.19 -34.15 -36.77
N ALA C 281 2.84 -34.83 -37.86
CA ALA C 281 1.78 -34.35 -38.78
C ALA C 281 0.43 -34.45 -38.08
N ALA C 282 0.15 -35.60 -37.48
CA ALA C 282 -1.14 -35.88 -36.82
C ALA C 282 -1.24 -35.04 -35.54
N ARG C 283 -0.12 -34.78 -34.87
CA ARG C 283 -0.11 -33.92 -33.66
C ARG C 283 -0.40 -32.47 -34.07
N ALA C 284 0.19 -32.00 -35.16
CA ALA C 284 -0.05 -30.63 -35.67
C ALA C 284 -1.53 -30.52 -36.07
N ALA C 285 -2.09 -31.56 -36.66
CA ALA C 285 -3.50 -31.52 -37.11
C ALA C 285 -4.39 -31.47 -35.87
N LEU C 286 -4.04 -32.19 -34.81
CA LEU C 286 -4.89 -32.27 -33.60
C LEU C 286 -4.88 -30.93 -32.87
N MET C 287 -3.76 -30.20 -32.90
CA MET C 287 -3.62 -28.90 -32.21
C MET C 287 -4.43 -27.85 -32.97
N GLU C 288 -4.39 -27.91 -34.29
CA GLU C 288 -5.13 -26.92 -35.11
C GLU C 288 -6.63 -27.13 -34.87
N ALA C 289 -7.03 -28.40 -34.78
CA ALA C 289 -8.42 -28.77 -34.49
C ALA C 289 -8.79 -28.24 -33.10
N THR C 290 -7.92 -28.42 -32.12
CA THR C 290 -8.21 -28.04 -30.71
C THR C 290 -8.33 -26.53 -30.62
N LEU C 291 -7.42 -25.80 -31.25
CA LEU C 291 -7.43 -24.31 -31.16
C LEU C 291 -8.63 -23.77 -31.92
N ARG C 292 -9.06 -24.44 -32.98
CA ARG C 292 -10.23 -23.98 -33.77
C ARG C 292 -11.50 -24.21 -32.94
N ALA C 293 -11.62 -25.36 -32.29
CA ALA C 293 -12.79 -25.64 -31.41
C ALA C 293 -12.82 -24.61 -30.28
N ARG C 294 -11.65 -24.27 -29.71
CA ARG C 294 -11.55 -23.29 -28.61
C ARG C 294 -12.07 -21.94 -29.10
N GLY C 295 -11.79 -21.58 -30.35
CA GLY C 295 -12.26 -20.32 -30.93
C GLY C 295 -13.78 -20.30 -31.02
N ALA C 296 -14.37 -21.44 -31.36
CA ALA C 296 -15.84 -21.60 -31.44
C ALA C 296 -16.46 -21.30 -30.08
N VAL C 297 -15.87 -21.84 -29.01
CA VAL C 297 -16.42 -21.66 -27.64
C VAL C 297 -16.37 -20.16 -27.32
N ILE C 298 -15.29 -19.49 -27.68
CA ILE C 298 -15.15 -18.04 -27.38
C ILE C 298 -16.21 -17.27 -28.16
N ARG C 299 -16.41 -17.62 -29.42
CA ARG C 299 -17.40 -16.92 -30.28
C ARG C 299 -18.82 -17.16 -29.78
N GLU C 300 -19.15 -18.39 -29.41
CA GLU C 300 -20.53 -18.73 -28.99
C GLU C 300 -20.81 -18.11 -27.62
N ARG C 301 -19.83 -18.10 -26.71
CA ARG C 301 -20.03 -17.49 -25.37
C ARG C 301 -20.26 -16.00 -25.53
N ALA C 302 -19.54 -15.34 -26.42
CA ALA C 302 -19.71 -13.87 -26.63
C ALA C 302 -21.14 -13.61 -27.09
N ALA C 303 -21.64 -14.38 -28.05
CA ALA C 303 -23.01 -14.24 -28.58
C ALA C 303 -24.02 -14.33 -27.43
N LEU C 304 -23.93 -15.39 -26.63
CA LEU C 304 -24.84 -15.64 -25.49
C LEU C 304 -24.77 -14.45 -24.52
N LEU C 305 -23.59 -13.87 -24.31
CA LEU C 305 -23.47 -12.86 -23.22
C LEU C 305 -24.08 -11.52 -23.66
N ARG C 306 -24.04 -11.20 -24.94
CA ARG C 306 -24.65 -9.94 -25.45
C ARG C 306 -26.16 -10.13 -25.48
N LEU C 307 -26.65 -11.34 -25.84
CA LEU C 307 -28.09 -11.68 -25.81
C LEU C 307 -28.61 -11.57 -24.36
N LEU C 308 -27.80 -11.95 -23.38
CA LEU C 308 -28.20 -11.92 -21.95
C LEU C 308 -28.20 -10.47 -21.45
N ARG C 309 -27.37 -9.59 -22.01
CA ARG C 309 -27.42 -8.15 -21.60
C ARG C 309 -28.68 -7.51 -22.22
N ARG C 310 -29.10 -7.98 -23.39
CA ARG C 310 -30.36 -7.50 -24.02
C ARG C 310 -31.53 -7.99 -23.17
N PHE C 311 -31.47 -9.24 -22.69
CA PHE C 311 -32.53 -9.82 -21.82
C PHE C 311 -32.64 -8.97 -20.56
N TYR C 312 -31.50 -8.58 -19.98
CA TYR C 312 -31.47 -7.81 -18.71
C TYR C 312 -32.10 -6.45 -18.93
N ALA C 313 -31.73 -5.77 -20.01
CA ALA C 313 -32.23 -4.41 -20.33
C ALA C 313 -33.76 -4.44 -20.39
N LEU C 314 -34.30 -5.49 -20.99
CA LEU C 314 -35.76 -5.68 -21.09
C LEU C 314 -36.33 -5.98 -19.70
N VAL C 315 -35.63 -6.78 -18.89
CA VAL C 315 -36.08 -7.09 -17.51
C VAL C 315 -36.23 -5.77 -16.75
N LEU C 316 -35.23 -4.90 -16.79
CA LEU C 316 -35.31 -3.64 -16.02
C LEU C 316 -36.44 -2.76 -16.59
N GLU C 317 -36.69 -2.78 -17.89
CA GLU C 317 -37.76 -1.94 -18.45
C GLU C 317 -39.12 -2.45 -17.95
N LEU C 318 -39.33 -3.77 -17.96
CA LEU C 318 -40.58 -4.36 -17.45
C LEU C 318 -40.79 -3.91 -16.01
N ASP C 319 -39.74 -3.97 -15.21
CA ASP C 319 -39.80 -3.60 -13.78
C ASP C 319 -40.29 -2.15 -13.67
N PHE C 320 -39.70 -1.25 -14.44
CA PHE C 320 -40.08 0.18 -14.41
C PHE C 320 -41.59 0.32 -14.70
N LEU C 321 -42.08 -0.35 -15.73
CA LEU C 321 -43.50 -0.22 -16.13
C LEU C 321 -44.39 -0.65 -14.96
N LEU C 322 -44.07 -1.76 -14.31
CA LEU C 322 -44.90 -2.25 -13.17
C LEU C 322 -44.88 -1.21 -12.05
N LEU C 323 -43.72 -0.61 -11.81
CA LEU C 323 -43.60 0.38 -10.70
C LEU C 323 -44.38 1.65 -11.04
N ARG C 324 -44.36 2.07 -12.31
CA ARG C 324 -45.02 3.36 -12.69
C ARG C 324 -46.53 3.22 -12.62
N ALA C 325 -47.07 2.28 -13.38
CA ALA C 325 -48.53 2.07 -13.40
C ALA C 325 -49.10 2.35 -12.01
N TYR C 326 -48.51 1.76 -10.97
CA TYR C 326 -48.96 1.98 -9.57
C TYR C 326 -49.08 3.45 -9.17
N ALA C 327 -47.99 4.21 -9.28
CA ALA C 327 -47.99 5.63 -8.87
C ALA C 327 -48.77 6.35 -9.98
N GLU C 328 -48.61 5.89 -11.22
CA GLU C 328 -49.37 6.49 -12.36
C GLU C 328 -50.86 6.37 -12.05
N ALA C 329 -51.27 5.27 -11.40
CA ALA C 329 -52.70 5.09 -11.03
C ALA C 329 -52.93 5.57 -9.60
N GLY C 330 -51.89 6.11 -8.95
CA GLY C 330 -52.04 6.67 -7.59
C GLY C 330 -51.61 5.70 -6.50
N HIS C 331 -51.44 4.44 -6.85
CA HIS C 331 -51.00 3.42 -5.86
C HIS C 331 -49.53 3.67 -5.51
N ASP C 332 -49.18 3.46 -4.23
CA ASP C 332 -47.77 3.68 -3.81
C ASP C 332 -46.80 2.93 -4.72
N PRO C 333 -45.58 3.42 -4.94
CA PRO C 333 -44.59 2.71 -5.73
C PRO C 333 -43.89 1.64 -4.88
N ASP C 334 -43.93 1.77 -3.55
CA ASP C 334 -43.22 0.83 -2.66
C ASP C 334 -44.19 -0.21 -2.11
N ASP C 335 -45.45 -0.19 -2.55
CA ASP C 335 -46.44 -1.13 -1.98
C ASP C 335 -45.79 -2.50 -1.87
N PRO C 336 -45.76 -3.12 -0.68
CA PRO C 336 -45.09 -4.41 -0.50
C PRO C 336 -45.48 -5.45 -1.57
N ALA C 337 -46.76 -5.50 -1.96
CA ALA C 337 -47.20 -6.52 -2.93
C ALA C 337 -46.39 -6.35 -4.21
N LEU C 338 -46.29 -5.11 -4.70
CA LEU C 338 -45.48 -4.83 -5.91
C LEU C 338 -44.11 -5.47 -5.72
N LEU C 339 -43.41 -5.09 -4.65
CA LEU C 339 -42.04 -5.60 -4.47
C LEU C 339 -42.10 -7.13 -4.50
N ALA C 340 -43.22 -7.69 -4.03
CA ALA C 340 -43.37 -9.16 -3.97
C ALA C 340 -43.48 -9.74 -5.37
N LEU C 341 -44.32 -9.13 -6.20
CA LEU C 341 -44.47 -9.60 -7.61
C LEU C 341 -43.11 -9.50 -8.28
N LEU C 342 -42.45 -8.36 -8.10
CA LEU C 342 -41.15 -8.15 -8.77
C LEU C 342 -40.20 -9.30 -8.41
N ARG C 343 -40.13 -9.63 -7.15
CA ARG C 343 -39.20 -10.70 -6.70
C ARG C 343 -39.68 -12.03 -7.28
N GLU C 344 -40.97 -12.25 -7.33
CA GLU C 344 -41.53 -13.50 -7.90
C GLU C 344 -41.05 -13.59 -9.34
N LEU C 345 -40.86 -12.45 -9.98
CA LEU C 345 -40.40 -12.43 -11.40
C LEU C 345 -38.88 -12.43 -11.43
N ASP C 346 -38.23 -12.35 -10.27
CA ASP C 346 -36.76 -12.42 -10.23
C ASP C 346 -36.31 -13.54 -11.15
N PRO C 347 -35.63 -13.23 -12.27
CA PRO C 347 -35.12 -14.26 -13.14
C PRO C 347 -33.81 -14.75 -12.50
N PHE C 348 -33.56 -14.37 -11.25
CA PHE C 348 -32.27 -14.71 -10.60
C PHE C 348 -32.48 -15.16 -9.15
N ASN C 349 -33.43 -16.06 -8.90
CA ASN C 349 -33.65 -16.56 -7.52
C ASN C 349 -32.95 -17.92 -7.36
N GLY C 350 -32.11 -18.05 -6.33
CA GLY C 350 -31.34 -19.29 -6.15
C GLY C 350 -30.31 -19.39 -7.25
N MET C 351 -30.39 -18.48 -8.23
CA MET C 351 -29.40 -18.43 -9.34
C MET C 351 -28.16 -17.70 -8.80
N THR C 352 -27.62 -18.19 -7.68
CA THR C 352 -26.49 -17.50 -7.03
C THR C 352 -25.20 -18.20 -7.47
N THR C 353 -25.35 -19.41 -8.00
CA THR C 353 -24.14 -20.10 -8.51
C THR C 353 -23.39 -19.11 -9.40
N SER C 354 -24.09 -18.24 -10.14
CA SER C 354 -23.40 -17.35 -11.11
C SER C 354 -23.16 -15.96 -10.52
N GLU C 355 -21.98 -15.41 -10.74
CA GLU C 355 -21.63 -14.07 -10.22
C GLU C 355 -22.25 -13.01 -11.11
N LEU C 356 -22.36 -13.30 -12.40
CA LEU C 356 -23.02 -12.37 -13.34
C LEU C 356 -24.44 -12.14 -12.85
N HIS C 357 -25.16 -13.22 -12.56
CA HIS C 357 -26.59 -13.11 -12.15
C HIS C 357 -26.68 -12.59 -10.73
N ARG C 358 -25.71 -12.97 -9.90
CA ARG C 358 -25.71 -12.50 -8.50
C ARG C 358 -25.57 -10.99 -8.48
N ARG C 359 -24.73 -10.44 -9.35
CA ARG C 359 -24.51 -8.97 -9.37
C ARG C 359 -25.73 -8.29 -10.01
N ARG C 360 -26.23 -8.86 -11.09
CA ARG C 360 -27.38 -8.26 -11.80
C ARG C 360 -28.60 -8.32 -10.89
N ARG C 361 -28.76 -9.36 -10.07
CA ARG C 361 -29.85 -9.39 -9.09
C ARG C 361 -29.65 -8.24 -8.09
N ARG C 362 -28.45 -8.06 -7.55
CA ARG C 362 -28.19 -6.98 -6.57
C ARG C 362 -28.50 -5.63 -7.24
N LEU C 363 -28.00 -5.42 -8.46
CA LEU C 363 -28.18 -4.12 -9.15
C LEU C 363 -29.66 -3.88 -9.44
N ARG C 364 -30.40 -4.94 -9.74
CA ARG C 364 -31.85 -4.82 -10.01
C ARG C 364 -32.55 -4.34 -8.74
N ASP C 365 -32.20 -4.93 -7.58
CA ASP C 365 -32.72 -4.46 -6.28
C ASP C 365 -32.48 -2.95 -6.16
N LEU C 366 -31.24 -2.50 -6.40
CA LEU C 366 -30.89 -1.07 -6.25
C LEU C 366 -31.76 -0.25 -7.19
N TYR C 367 -31.92 -0.72 -8.42
CA TYR C 367 -32.66 0.00 -9.49
C TYR C 367 -34.11 0.18 -9.08
N ILE C 368 -34.77 -0.90 -8.65
CA ILE C 368 -36.16 -0.82 -8.15
C ILE C 368 -36.23 0.22 -7.02
N ASP C 369 -35.31 0.18 -6.06
CA ASP C 369 -35.35 1.10 -4.91
C ASP C 369 -35.25 2.56 -5.41
N LEU C 370 -34.40 2.82 -6.40
CA LEU C 370 -34.18 4.22 -6.89
C LEU C 370 -35.40 4.69 -7.69
N VAL C 371 -35.96 3.83 -8.55
CA VAL C 371 -37.18 4.21 -9.32
C VAL C 371 -38.32 4.49 -8.33
N ALA C 372 -38.54 3.59 -7.39
CA ALA C 372 -39.54 3.75 -6.31
C ALA C 372 -39.38 5.13 -5.66
N ALA C 373 -38.15 5.52 -5.29
CA ALA C 373 -37.90 6.83 -4.66
C ALA C 373 -38.43 7.93 -5.58
N MET C 374 -38.07 7.87 -6.87
CA MET C 374 -38.51 8.82 -7.92
C MET C 374 -40.06 8.87 -7.99
N LEU C 375 -40.72 7.73 -7.86
CA LEU C 375 -42.20 7.67 -7.98
C LEU C 375 -42.86 8.29 -6.75
N ARG C 376 -42.46 7.90 -5.55
CA ARG C 376 -43.01 8.54 -4.34
C ARG C 376 -42.95 10.03 -4.66
N GLY C 377 -41.93 10.43 -5.39
CA GLY C 377 -41.78 11.85 -5.76
C GLY C 377 -42.63 12.49 -6.84
N VAL C 378 -42.98 11.72 -7.87
CA VAL C 378 -43.88 12.25 -8.93
C VAL C 378 -45.24 12.43 -8.28
N LYS C 379 -45.58 11.54 -7.35
CA LYS C 379 -46.86 11.64 -6.61
C LYS C 379 -46.86 12.93 -5.81
N ASN C 380 -45.71 13.27 -5.24
CA ASN C 380 -45.61 14.51 -4.42
C ASN C 380 -45.41 15.69 -5.36
N GLY C 381 -45.82 15.53 -6.62
CA GLY C 381 -45.71 16.64 -7.57
C GLY C 381 -44.32 17.25 -7.51
N GLU C 382 -43.33 16.47 -7.08
CA GLU C 382 -41.92 16.96 -7.03
C GLU C 382 -41.31 16.87 -8.42
N LEU C 383 -41.96 16.15 -9.33
CA LEU C 383 -41.37 15.93 -10.68
C LEU C 383 -42.47 15.87 -11.73
N THR C 384 -42.09 15.73 -13.01
CA THR C 384 -43.05 15.61 -14.14
C THR C 384 -42.82 14.30 -14.90
N TRP C 385 -43.85 13.86 -15.63
CA TRP C 385 -43.80 12.60 -16.41
C TRP C 385 -42.70 12.71 -17.47
N GLU C 386 -42.67 13.81 -18.24
CA GLU C 386 -41.61 14.02 -19.27
C GLU C 386 -40.26 13.98 -18.56
N GLU C 387 -40.18 14.58 -17.36
CA GLU C 387 -38.92 14.49 -16.57
C GLU C 387 -38.59 13.01 -16.37
N VAL C 388 -39.50 12.26 -15.74
CA VAL C 388 -39.30 10.80 -15.49
C VAL C 388 -39.09 10.09 -16.83
N VAL C 389 -39.86 10.45 -17.85
CA VAL C 389 -39.82 9.73 -19.16
C VAL C 389 -38.39 9.81 -19.70
N ALA C 390 -37.79 11.00 -19.70
CA ALA C 390 -36.46 11.19 -20.34
C ALA C 390 -35.40 10.50 -19.48
N ILE C 391 -35.40 10.77 -18.17
CA ILE C 391 -34.41 10.14 -17.25
C ILE C 391 -34.35 8.65 -17.61
N MET C 392 -35.51 7.99 -17.61
CA MET C 392 -35.58 6.54 -17.84
C MET C 392 -35.16 6.24 -19.28
N ASP C 393 -35.40 7.15 -20.22
CA ASP C 393 -35.04 6.90 -21.64
C ASP C 393 -33.52 6.80 -21.76
N GLY C 394 -32.80 7.61 -21.00
CA GLY C 394 -31.33 7.56 -20.95
C GLY C 394 -30.86 6.25 -20.36
N LEU C 395 -31.40 5.88 -19.20
CA LEU C 395 -30.93 4.69 -18.44
C LEU C 395 -31.16 3.44 -19.29
N LEU C 396 -32.34 3.30 -19.89
CA LEU C 396 -32.69 2.12 -20.71
C LEU C 396 -31.80 2.09 -21.96
N ALA C 397 -31.46 3.26 -22.48
CA ALA C 397 -30.52 3.34 -23.63
C ALA C 397 -29.12 3.07 -23.11
N ARG C 398 -28.73 3.75 -22.05
CA ARG C 398 -27.34 3.62 -21.52
C ARG C 398 -27.14 2.18 -21.01
N LEU C 399 -28.21 1.44 -20.71
CA LEU C 399 -28.12 -0.02 -20.36
C LEU C 399 -28.01 -0.88 -21.61
N ALA C 400 -28.71 -0.55 -22.70
CA ALA C 400 -28.62 -1.35 -23.95
C ALA C 400 -27.18 -1.32 -24.48
N ASP C 401 -26.58 -0.10 -24.48
CA ASP C 401 -25.17 0.24 -24.80
C ASP C 401 -24.23 -0.74 -24.11
N PRO C 402 -23.39 -1.48 -24.87
CA PRO C 402 -22.52 -2.50 -24.28
C PRO C 402 -21.25 -1.94 -23.60
N GLU C 403 -20.97 -0.63 -23.71
CA GLU C 403 -19.73 -0.08 -23.12
C GLU C 403 -20.02 0.58 -21.78
N VAL C 404 -21.23 1.10 -21.57
CA VAL C 404 -21.53 1.65 -20.22
C VAL C 404 -21.86 0.46 -19.31
N SER C 405 -21.23 0.41 -18.16
CA SER C 405 -21.55 -0.63 -17.17
C SER C 405 -22.88 -0.26 -16.53
N GLU C 406 -23.60 -1.32 -16.17
CA GLU C 406 -24.89 -1.13 -15.47
C GLU C 406 -24.65 -0.39 -14.17
N GLU C 407 -23.45 -0.49 -13.57
CA GLU C 407 -23.22 0.31 -12.34
C GLU C 407 -23.20 1.82 -12.66
N GLU C 408 -22.47 2.20 -13.71
CA GLU C 408 -22.36 3.63 -14.08
C GLU C 408 -23.73 4.13 -14.53
N ALA C 409 -24.51 3.29 -15.18
CA ALA C 409 -25.88 3.65 -15.62
C ALA C 409 -26.72 4.01 -14.39
N LEU C 410 -26.69 3.16 -13.36
CA LEU C 410 -27.50 3.39 -12.13
C LEU C 410 -27.01 4.64 -11.40
N VAL C 411 -25.71 4.88 -11.37
CA VAL C 411 -25.22 6.13 -10.73
C VAL C 411 -25.74 7.34 -11.50
N GLY C 412 -25.86 7.24 -12.82
CA GLY C 412 -26.54 8.25 -13.65
C GLY C 412 -27.96 8.52 -13.15
N LEU C 413 -28.72 7.49 -12.80
CA LEU C 413 -30.08 7.74 -12.26
C LEU C 413 -29.98 8.63 -11.02
N LEU C 414 -29.15 8.24 -10.06
CA LEU C 414 -29.03 8.99 -8.78
C LEU C 414 -28.77 10.46 -9.10
N GLU C 415 -27.86 10.74 -10.03
CA GLU C 415 -27.48 12.15 -10.29
C GLU C 415 -28.74 12.94 -10.66
N GLU C 416 -29.57 12.38 -11.53
CA GLU C 416 -30.78 13.08 -12.00
C GLU C 416 -31.75 13.31 -10.86
N ILE C 417 -31.83 12.37 -9.93
CA ILE C 417 -32.84 12.47 -8.85
C ILE C 417 -32.40 13.52 -7.83
N VAL C 418 -31.09 13.64 -7.60
CA VAL C 418 -30.55 14.64 -6.63
C VAL C 418 -30.36 15.96 -7.37
N LYS C 419 -30.42 15.93 -8.71
CA LYS C 419 -30.25 17.16 -9.52
C LYS C 419 -31.26 18.22 -9.06
N ASP C 420 -32.50 17.81 -8.81
CA ASP C 420 -33.55 18.75 -8.36
C ASP C 420 -33.30 19.14 -6.91
N LYS C 421 -32.51 18.34 -6.17
CA LYS C 421 -32.18 18.64 -4.75
C LYS C 421 -33.48 18.68 -3.93
N LYS C 422 -34.53 18.00 -4.40
CA LYS C 422 -35.81 17.94 -3.68
C LYS C 422 -35.64 17.06 -2.44
N PRO C 423 -36.68 16.84 -1.58
CA PRO C 423 -36.54 15.93 -0.46
C PRO C 423 -36.09 14.58 -1.00
N ILE C 424 -36.75 14.12 -2.06
CA ILE C 424 -36.43 12.80 -2.68
C ILE C 424 -34.92 12.57 -2.64
N ALA C 425 -34.13 13.57 -3.01
CA ALA C 425 -32.67 13.41 -3.07
C ALA C 425 -32.18 12.77 -1.77
N GLU C 426 -32.53 13.35 -0.62
CA GLU C 426 -32.04 12.85 0.69
C GLU C 426 -32.50 11.40 0.83
N LYS C 427 -33.66 11.08 0.29
CA LYS C 427 -34.25 9.73 0.42
C LYS C 427 -33.59 8.79 -0.59
N ALA C 428 -33.15 9.28 -1.74
CA ALA C 428 -32.42 8.49 -2.75
C ALA C 428 -30.98 8.23 -2.28
N LEU C 429 -30.27 9.28 -1.87
CA LEU C 429 -28.85 9.14 -1.44
C LEU C 429 -28.76 8.04 -0.39
N LYS C 430 -29.61 8.10 0.63
CA LYS C 430 -29.57 7.12 1.74
C LYS C 430 -29.72 5.70 1.18
N ILE C 431 -30.51 5.51 0.12
CA ILE C 431 -30.67 4.17 -0.50
C ILE C 431 -29.29 3.73 -1.01
N ALA C 432 -28.69 4.53 -1.87
CA ALA C 432 -27.39 4.21 -2.51
C ALA C 432 -26.32 3.99 -1.44
N VAL C 433 -26.18 4.95 -0.53
CA VAL C 433 -25.14 4.90 0.54
C VAL C 433 -25.27 3.57 1.30
N ASP C 434 -26.49 3.11 1.58
CA ASP C 434 -26.69 1.82 2.31
C ASP C 434 -26.11 0.68 1.45
N PHE C 435 -26.54 0.63 0.19
CA PHE C 435 -26.22 -0.44 -0.80
C PHE C 435 -24.70 -0.61 -0.91
N VAL C 436 -23.97 0.49 -1.05
CA VAL C 436 -22.50 0.47 -1.26
C VAL C 436 -21.82 -0.11 -0.02
N GLU C 437 -22.33 0.16 1.18
CA GLU C 437 -21.79 -0.45 2.42
C GLU C 437 -22.09 -1.95 2.40
N ALA C 438 -23.27 -2.34 1.96
CA ALA C 438 -23.64 -3.77 1.90
C ALA C 438 -22.94 -4.46 0.73
N ASN C 439 -22.54 -3.71 -0.30
CA ASN C 439 -22.06 -4.31 -1.58
C ASN C 439 -20.84 -3.57 -2.09
N PRO C 440 -19.64 -3.78 -1.50
CA PRO C 440 -18.46 -2.99 -1.86
C PRO C 440 -17.77 -3.36 -3.19
N GLU C 441 -18.04 -4.53 -3.77
CA GLU C 441 -17.60 -4.81 -5.17
C GLU C 441 -18.19 -3.72 -6.09
N PHE C 442 -19.30 -3.06 -5.75
CA PHE C 442 -19.77 -1.89 -6.54
C PHE C 442 -18.59 -0.97 -6.88
N LEU C 443 -17.63 -0.82 -5.97
CA LEU C 443 -16.60 0.24 -6.07
C LEU C 443 -15.35 -0.18 -6.86
N ARG C 444 -15.37 -1.26 -7.64
CA ARG C 444 -14.18 -1.49 -8.50
C ARG C 444 -14.57 -1.22 -9.96
N ASP C 445 -15.83 -0.84 -10.23
CA ASP C 445 -16.17 0.03 -11.38
C ASP C 445 -15.67 1.42 -11.03
N GLY C 446 -14.59 1.88 -11.67
CA GLY C 446 -13.94 3.14 -11.29
C GLY C 446 -14.79 4.35 -11.55
N ARG C 447 -15.28 4.45 -12.77
CA ARG C 447 -16.03 5.66 -13.18
C ARG C 447 -17.26 5.80 -12.29
N ALA C 448 -17.96 4.69 -12.04
CA ALA C 448 -19.18 4.68 -11.20
C ALA C 448 -18.86 5.23 -9.81
N GLY C 449 -17.82 4.69 -9.16
CA GLY C 449 -17.41 5.15 -7.83
C GLY C 449 -17.19 6.66 -7.83
N LEU C 450 -16.37 7.20 -8.72
CA LEU C 450 -16.08 8.64 -8.63
C LEU C 450 -17.36 9.45 -8.81
N ALA C 451 -18.31 8.97 -9.62
CA ALA C 451 -19.54 9.72 -9.91
C ALA C 451 -20.38 9.89 -8.65
N LEU C 452 -20.46 8.84 -7.83
CA LEU C 452 -21.28 8.89 -6.60
C LEU C 452 -20.65 9.89 -5.63
N ILE C 453 -19.33 9.93 -5.62
CA ILE C 453 -18.61 10.83 -4.67
C ILE C 453 -18.85 12.28 -5.10
N ARG C 454 -18.83 12.56 -6.40
CA ARG C 454 -19.14 13.93 -6.85
C ARG C 454 -20.56 14.27 -6.41
N VAL C 455 -21.49 13.33 -6.59
CA VAL C 455 -22.90 13.59 -6.25
C VAL C 455 -22.96 13.91 -4.76
N VAL C 456 -22.37 13.05 -3.95
CA VAL C 456 -22.50 13.22 -2.48
C VAL C 456 -21.95 14.60 -2.11
N LEU C 457 -20.84 14.98 -2.72
CA LEU C 457 -20.21 16.27 -2.32
C LEU C 457 -21.01 17.43 -2.94
N GLU C 458 -21.37 17.31 -4.22
CA GLU C 458 -22.18 18.38 -4.86
C GLU C 458 -23.44 18.60 -4.03
N TYR C 459 -24.04 17.50 -3.56
CA TYR C 459 -25.23 17.57 -2.68
C TYR C 459 -24.86 18.28 -1.38
N ALA C 460 -23.80 17.85 -0.71
CA ALA C 460 -23.41 18.36 0.62
C ALA C 460 -22.78 19.75 0.51
N LEU C 461 -22.47 20.24 -0.69
CA LEU C 461 -21.78 21.55 -0.85
C LEU C 461 -22.61 22.65 -0.19
N ASP C 462 -23.93 22.65 -0.41
CA ASP C 462 -24.85 23.69 0.12
C ASP C 462 -24.55 23.95 1.60
N ASP C 463 -24.52 22.90 2.42
CA ASP C 463 -24.32 23.04 3.89
C ASP C 463 -23.45 21.90 4.42
N PRO C 464 -22.11 22.01 4.28
CA PRO C 464 -21.23 20.87 4.52
C PRO C 464 -21.47 20.20 5.87
N ASP C 465 -21.74 20.99 6.91
CA ASP C 465 -21.64 20.49 8.29
C ASP C 465 -22.93 19.74 8.67
N ALA C 466 -24.04 20.10 8.07
CA ALA C 466 -25.32 19.42 8.35
C ALA C 466 -25.27 18.01 7.75
N HIS C 467 -24.24 17.74 6.94
CA HIS C 467 -24.16 16.43 6.24
C HIS C 467 -22.76 15.86 6.40
N LYS C 468 -22.17 15.97 7.60
CA LYS C 468 -20.76 15.53 7.77
C LYS C 468 -20.68 14.00 7.78
N GLU C 469 -21.79 13.30 7.98
CA GLU C 469 -21.73 11.81 7.89
C GLU C 469 -21.60 11.37 6.43
N LEU C 470 -22.26 12.08 5.53
CA LEU C 470 -22.17 11.75 4.08
C LEU C 470 -20.76 12.10 3.62
N VAL C 471 -20.22 13.22 4.08
CA VAL C 471 -18.82 13.60 3.72
C VAL C 471 -17.91 12.48 4.24
N ALA C 472 -18.25 11.92 5.39
CA ALA C 472 -17.46 10.83 5.97
C ALA C 472 -17.50 9.62 5.04
N PHE C 473 -18.68 9.20 4.63
CA PHE C 473 -18.81 8.08 3.67
C PHE C 473 -17.95 8.37 2.44
N ALA C 474 -17.99 9.62 1.97
CA ALA C 474 -17.25 9.98 0.75
C ALA C 474 -15.75 9.79 0.97
N ALA C 475 -15.21 10.33 2.05
CA ALA C 475 -13.75 10.22 2.30
C ALA C 475 -13.40 8.75 2.50
N ALA C 476 -14.32 7.96 3.03
CA ALA C 476 -14.09 6.52 3.27
C ALA C 476 -13.98 5.77 1.95
N HIS C 477 -14.83 6.10 0.99
CA HIS C 477 -14.79 5.29 -0.27
C HIS C 477 -13.95 5.95 -1.37
N LEU C 478 -13.42 7.16 -1.15
CA LEU C 478 -12.70 7.80 -2.28
C LEU C 478 -11.46 7.00 -2.68
N PRO C 479 -10.61 6.52 -1.74
CA PRO C 479 -9.40 5.80 -2.14
C PRO C 479 -9.66 4.58 -3.03
N ARG C 480 -10.65 3.75 -2.67
CA ARG C 480 -11.01 2.57 -3.49
C ARG C 480 -11.48 3.04 -4.87
N ALA C 481 -12.34 4.06 -4.92
CA ALA C 481 -12.87 4.63 -6.19
C ALA C 481 -11.71 5.10 -7.07
N LEU C 482 -10.75 5.82 -6.49
CA LEU C 482 -9.59 6.35 -7.28
C LEU C 482 -8.76 5.19 -7.79
N ASP C 483 -8.53 4.17 -6.97
CA ASP C 483 -7.78 2.96 -7.41
C ASP C 483 -8.45 2.42 -8.67
N ALA C 484 -9.76 2.19 -8.60
CA ALA C 484 -10.51 1.58 -9.72
C ALA C 484 -10.47 2.51 -10.94
N ALA C 485 -10.45 3.82 -10.74
CA ALA C 485 -10.43 4.80 -11.86
C ALA C 485 -9.05 4.77 -12.54
N VAL C 486 -7.98 4.76 -11.77
CA VAL C 486 -6.61 4.63 -12.34
C VAL C 486 -6.54 3.33 -13.16
N ASP C 487 -7.03 2.23 -12.57
CA ASP C 487 -7.15 0.93 -13.27
C ASP C 487 -7.93 1.09 -14.59
N GLU C 488 -9.07 1.75 -14.59
CA GLU C 488 -9.86 1.84 -15.85
C GLU C 488 -9.10 2.72 -16.86
N ILE C 489 -8.36 3.73 -16.42
CA ILE C 489 -7.59 4.54 -17.39
C ILE C 489 -6.48 3.67 -17.98
N ARG C 490 -5.89 2.78 -17.20
CA ARG C 490 -4.87 1.84 -17.75
C ARG C 490 -5.54 0.91 -18.77
N ASP C 491 -6.67 0.29 -18.42
CA ASP C 491 -7.42 -0.54 -19.39
C ASP C 491 -7.59 0.26 -20.69
N LEU C 492 -8.13 1.48 -20.59
CA LEU C 492 -8.50 2.27 -21.78
C LEU C 492 -7.26 2.60 -22.62
N LEU C 493 -6.19 3.04 -21.98
CA LEU C 493 -4.98 3.47 -22.72
C LEU C 493 -4.29 2.25 -23.33
N ASN C 494 -4.27 1.12 -22.64
CA ASN C 494 -3.72 -0.13 -23.20
C ASN C 494 -4.57 -0.52 -24.40
N ASP C 495 -5.89 -0.37 -24.32
CA ASP C 495 -6.79 -0.66 -25.46
C ASP C 495 -6.42 0.22 -26.64
N VAL C 496 -6.09 1.48 -26.39
CA VAL C 496 -5.64 2.41 -27.45
C VAL C 496 -4.35 1.86 -28.07
N ARG C 497 -3.38 1.51 -27.24
CA ARG C 497 -2.11 0.90 -27.71
C ARG C 497 -2.42 -0.33 -28.56
N ILE C 498 -3.36 -1.16 -28.15
CA ILE C 498 -3.72 -2.40 -28.89
C ILE C 498 -4.37 -2.04 -30.23
N LEU C 499 -5.22 -1.02 -30.27
CA LEU C 499 -5.89 -0.61 -31.54
C LEU C 499 -4.85 0.05 -32.47
N PHE C 500 -3.70 0.45 -31.95
CA PHE C 500 -2.57 0.98 -32.76
C PHE C 500 -1.87 -0.17 -33.50
N HIS C 501 -1.49 -1.21 -32.77
CA HIS C 501 -0.69 -2.38 -33.22
C HIS C 501 -1.53 -3.31 -34.08
N SER C 502 -2.85 -3.14 -34.10
CA SER C 502 -3.77 -4.09 -34.76
C SER C 502 -4.02 -3.64 -36.20
N LYS C 503 -4.08 -4.60 -37.09
CA LYS C 503 -4.50 -4.39 -38.50
C LYS C 503 -6.00 -4.59 -38.55
N PRO C 504 -6.69 -3.93 -39.51
CA PRO C 504 -8.13 -4.04 -39.60
C PRO C 504 -8.53 -5.51 -39.76
N SER C 505 -9.59 -5.91 -39.08
CA SER C 505 -10.13 -7.29 -39.14
C SER C 505 -11.50 -7.25 -39.81
N PRO C 506 -12.05 -8.39 -40.28
CA PRO C 506 -13.39 -8.39 -40.84
C PRO C 506 -14.45 -7.93 -39.82
N PHE C 507 -14.05 -7.74 -38.56
CA PHE C 507 -14.99 -7.33 -37.50
C PHE C 507 -14.80 -5.85 -37.16
N LEU C 508 -13.60 -5.32 -37.41
CA LEU C 508 -13.26 -3.92 -37.02
C LEU C 508 -12.62 -3.22 -38.21
N SER C 509 -13.39 -2.36 -38.88
CA SER C 509 -12.88 -1.46 -39.93
C SER C 509 -11.81 -0.52 -39.35
N ALA C 510 -10.90 -0.07 -40.18
CA ALA C 510 -9.80 0.83 -39.77
C ALA C 510 -10.40 2.14 -39.22
N GLU C 511 -11.45 2.64 -39.86
CA GLU C 511 -12.08 3.90 -39.41
C GLU C 511 -12.83 3.60 -38.11
N GLU C 512 -13.32 2.39 -37.93
CA GLU C 512 -13.99 2.00 -36.66
C GLU C 512 -12.94 1.79 -35.56
N GLN C 513 -11.75 1.31 -35.92
CA GLN C 513 -10.63 1.15 -34.97
C GLN C 513 -10.25 2.52 -34.41
N LYS C 514 -9.97 3.48 -35.28
CA LYS C 514 -9.61 4.87 -34.88
C LYS C 514 -10.78 5.51 -34.09
N ALA C 515 -12.03 5.24 -34.50
CA ALA C 515 -13.24 5.77 -33.84
C ALA C 515 -13.31 5.26 -32.40
N LEU C 516 -13.18 3.95 -32.22
CA LEU C 516 -13.23 3.32 -30.88
C LEU C 516 -12.08 3.88 -30.03
N ALA C 517 -10.91 4.12 -30.64
CA ALA C 517 -9.76 4.67 -29.91
C ALA C 517 -10.13 6.05 -29.37
N LYS C 518 -10.71 6.90 -30.21
CA LYS C 518 -11.05 8.28 -29.80
C LYS C 518 -12.12 8.22 -28.71
N LYS C 519 -13.07 7.30 -28.81
CA LYS C 519 -14.12 7.09 -27.76
C LYS C 519 -13.45 6.75 -26.42
N LYS C 520 -12.48 5.84 -26.42
CA LYS C 520 -11.78 5.43 -25.16
C LYS C 520 -11.04 6.66 -24.61
N LEU C 521 -10.36 7.43 -25.47
CA LEU C 521 -9.55 8.58 -24.98
C LEU C 521 -10.50 9.65 -24.43
N LYS C 522 -11.70 9.75 -24.99
CA LYS C 522 -12.77 10.63 -24.44
C LYS C 522 -13.10 10.18 -23.03
N GLN C 523 -13.36 8.89 -22.85
CA GLN C 523 -13.67 8.34 -21.50
C GLN C 523 -12.54 8.68 -20.55
N VAL C 524 -11.29 8.57 -20.99
CA VAL C 524 -10.12 8.85 -20.10
C VAL C 524 -10.20 10.33 -19.66
N LYS C 525 -10.48 11.24 -20.57
CA LYS C 525 -10.61 12.66 -20.19
C LYS C 525 -11.79 12.82 -19.23
N GLU C 526 -12.95 12.20 -19.49
CA GLU C 526 -14.12 12.28 -18.57
C GLU C 526 -13.67 11.88 -17.15
N ILE C 527 -12.87 10.83 -17.01
CA ILE C 527 -12.46 10.33 -15.65
C ILE C 527 -11.52 11.38 -15.02
N LEU C 528 -10.54 11.86 -15.77
CA LEU C 528 -9.63 12.92 -15.25
C LEU C 528 -10.43 14.15 -14.82
N ASP C 529 -11.50 14.46 -15.53
CA ASP C 529 -12.37 15.64 -15.24
C ASP C 529 -13.16 15.38 -13.95
N LEU C 530 -13.74 14.19 -13.78
CA LEU C 530 -14.33 13.80 -12.48
C LEU C 530 -13.32 14.07 -11.36
N MET C 531 -12.07 13.66 -11.54
CA MET C 531 -11.07 13.79 -10.46
C MET C 531 -10.89 15.29 -10.17
N LYS C 532 -10.69 16.08 -11.22
CA LYS C 532 -10.54 17.55 -11.08
C LYS C 532 -11.76 18.12 -10.37
N GLU C 533 -12.97 17.88 -10.89
CA GLU C 533 -14.25 18.43 -10.36
C GLU C 533 -14.40 18.05 -8.89
N ILE C 534 -14.09 16.81 -8.51
CA ILE C 534 -14.23 16.36 -7.09
C ILE C 534 -13.25 17.17 -6.25
N ALA C 535 -12.03 17.41 -6.75
CA ALA C 535 -11.06 18.28 -6.04
C ALA C 535 -11.63 19.69 -5.91
N GLU C 536 -12.21 20.21 -7.00
CA GLU C 536 -12.79 21.59 -7.07
C GLU C 536 -13.74 21.69 -5.87
N LEU C 537 -14.62 20.69 -5.76
CA LEU C 537 -15.70 20.68 -4.74
C LEU C 537 -15.09 20.48 -3.35
N ALA C 538 -14.10 19.61 -3.17
CA ALA C 538 -13.53 19.38 -1.82
C ALA C 538 -12.85 20.66 -1.33
N LYS C 539 -12.22 21.42 -2.22
CA LYS C 539 -11.60 22.73 -1.90
C LYS C 539 -12.69 23.72 -1.43
N LYS C 540 -13.75 23.93 -2.25
CA LYS C 540 -14.89 24.81 -1.88
C LYS C 540 -15.46 24.35 -0.53
N ILE C 541 -15.72 23.05 -0.38
CA ILE C 541 -16.28 22.49 0.89
C ILE C 541 -15.36 22.88 2.04
N LYS C 542 -14.06 22.81 1.84
CA LYS C 542 -13.09 23.11 2.92
C LYS C 542 -13.14 24.58 3.28
N ALA C 543 -13.24 25.47 2.29
CA ALA C 543 -13.33 26.94 2.51
C ALA C 543 -14.58 27.24 3.32
N LYS C 544 -15.74 27.03 2.69
CA LYS C 544 -17.08 27.30 3.25
C LYS C 544 -17.22 26.70 4.65
N SER C 545 -16.79 25.46 4.86
CA SER C 545 -16.93 24.76 6.17
C SER C 545 -16.02 25.41 7.21
N LYS C 546 -16.33 25.29 8.49
CA LYS C 546 -15.36 25.70 9.54
C LYS C 546 -15.11 24.58 10.52
N ASP C 547 -15.90 23.50 10.49
CA ASP C 547 -15.52 22.32 11.30
C ASP C 547 -14.07 22.00 10.93
N PRO C 548 -13.18 21.75 11.93
CA PRO C 548 -11.78 21.45 11.63
C PRO C 548 -11.56 20.07 10.99
N GLU C 549 -12.37 19.12 11.41
CA GLU C 549 -12.20 17.70 11.02
C GLU C 549 -12.70 17.51 9.58
N VAL C 550 -13.83 18.09 9.21
CA VAL C 550 -14.25 18.19 7.79
C VAL C 550 -13.02 18.63 6.98
N LYS C 551 -12.34 19.68 7.39
CA LYS C 551 -11.19 20.25 6.64
C LYS C 551 -10.09 19.19 6.55
N ALA C 552 -9.87 18.44 7.62
CA ALA C 552 -8.87 17.35 7.63
C ALA C 552 -9.24 16.36 6.50
N LEU C 553 -10.47 15.86 6.48
CA LEU C 553 -10.92 14.88 5.44
C LEU C 553 -10.72 15.48 4.06
N MET C 554 -11.03 16.75 3.85
CA MET C 554 -10.87 17.35 2.50
C MET C 554 -9.39 17.31 2.07
N ASP C 555 -8.46 17.53 3.00
CA ASP C 555 -7.01 17.47 2.65
C ASP C 555 -6.60 16.02 2.41
N ALA C 556 -7.15 15.07 3.18
CA ALA C 556 -6.97 13.62 2.93
C ALA C 556 -7.37 13.32 1.47
N MET C 557 -8.57 13.72 1.09
CA MET C 557 -9.12 13.45 -0.27
C MET C 557 -8.23 14.12 -1.31
N LEU C 558 -7.82 15.37 -1.08
CA LEU C 558 -6.97 16.09 -2.05
C LEU C 558 -5.61 15.39 -2.18
N ALA C 559 -5.13 14.77 -1.11
CA ALA C 559 -3.81 14.07 -1.14
C ALA C 559 -3.94 12.78 -1.96
N ASP C 560 -4.98 11.99 -1.71
CA ASP C 560 -5.24 10.75 -2.49
C ASP C 560 -5.40 11.11 -3.97
N ILE C 561 -5.95 12.29 -4.27
CA ILE C 561 -6.15 12.73 -5.68
C ILE C 561 -4.81 13.10 -6.28
N GLN C 562 -3.89 13.52 -5.43
CA GLN C 562 -2.52 13.76 -5.91
C GLN C 562 -1.91 12.40 -6.25
N ALA C 563 -2.07 11.44 -5.35
CA ALA C 563 -1.48 10.11 -5.54
C ALA C 563 -2.03 9.49 -6.82
N ALA C 564 -3.36 9.46 -6.95
CA ALA C 564 -3.98 8.83 -8.13
C ALA C 564 -3.47 9.55 -9.38
N ALA C 565 -3.50 10.88 -9.40
CA ALA C 565 -3.10 11.61 -10.61
C ALA C 565 -1.63 11.30 -10.88
N LYS C 566 -0.85 11.10 -9.82
CA LYS C 566 0.59 10.81 -9.97
C LYS C 566 0.74 9.50 -10.74
N GLU C 567 0.03 8.44 -10.31
CA GLU C 567 0.12 7.12 -10.98
C GLU C 567 -0.31 7.30 -12.42
N ILE C 568 -1.26 8.23 -12.69
CA ILE C 568 -1.81 8.36 -14.07
C ILE C 568 -0.75 8.97 -14.99
N ALA C 569 0.07 9.88 -14.46
CA ALA C 569 1.15 10.45 -15.28
C ALA C 569 2.15 9.36 -15.61
N LYS C 570 2.41 8.46 -14.66
CA LYS C 570 3.41 7.39 -14.87
C LYS C 570 2.96 6.48 -16.01
N HIS C 571 1.73 5.97 -15.94
CA HIS C 571 1.28 5.02 -16.97
C HIS C 571 1.36 5.71 -18.33
N LEU C 572 0.87 6.96 -18.42
CA LEU C 572 0.92 7.73 -19.70
C LEU C 572 2.38 7.98 -20.07
N GLU C 573 3.19 8.41 -19.10
CA GLU C 573 4.61 8.73 -19.38
C GLU C 573 5.36 7.50 -19.89
N GLU C 574 4.95 6.31 -19.46
CA GLU C 574 5.63 5.07 -19.89
C GLU C 574 5.31 4.81 -21.37
N LEU C 575 4.08 5.06 -21.79
CA LEU C 575 3.68 4.74 -23.18
C LEU C 575 3.77 6.00 -24.05
N LEU C 576 3.40 7.15 -23.51
CA LEU C 576 3.44 8.43 -24.29
C LEU C 576 4.82 8.53 -24.88
N LYS C 577 5.81 7.88 -24.24
CA LYS C 577 7.22 7.95 -24.71
C LYS C 577 7.65 6.59 -25.26
N ASP C 578 8.33 5.75 -24.42
CA ASP C 578 8.81 4.40 -24.84
C ASP C 578 8.54 4.19 -26.34
N LYS C 579 7.38 3.61 -26.67
CA LYS C 579 7.05 3.31 -28.09
C LYS C 579 6.94 4.62 -28.88
N GLU C 580 6.19 5.60 -28.36
CA GLU C 580 6.05 6.92 -29.04
C GLU C 580 5.18 6.75 -30.29
N LEU C 581 5.54 5.80 -31.16
CA LEU C 581 4.73 5.54 -32.38
C LEU C 581 3.31 5.18 -31.94
N ALA C 582 3.17 4.24 -30.99
CA ALA C 582 1.84 3.88 -30.46
C ALA C 582 1.28 5.07 -29.68
N ALA C 583 2.16 5.98 -29.23
CA ALA C 583 1.73 7.18 -28.48
C ALA C 583 1.43 8.31 -29.48
N ALA C 584 1.37 8.00 -30.79
CA ALA C 584 1.11 9.03 -31.83
C ALA C 584 -0.15 9.83 -31.46
N PHE C 585 -1.15 9.15 -30.87
CA PHE C 585 -2.38 9.85 -30.43
C PHE C 585 -1.96 11.13 -29.69
N PRO C 586 -2.24 12.33 -30.24
CA PRO C 586 -1.81 13.58 -29.63
C PRO C 586 -2.51 13.79 -28.29
N GLU C 587 -3.73 13.29 -28.14
CA GLU C 587 -4.51 13.52 -26.91
C GLU C 587 -3.76 13.03 -25.67
N LEU C 588 -2.79 12.13 -25.84
CA LEU C 588 -2.09 11.52 -24.67
C LEU C 588 -1.27 12.59 -23.94
N LYS C 589 -0.55 13.41 -24.69
CA LYS C 589 0.25 14.50 -24.08
C LYS C 589 -0.72 15.48 -23.40
N THR C 590 -1.87 15.69 -24.04
CA THR C 590 -2.90 16.58 -23.46
C THR C 590 -3.29 16.04 -22.08
N LEU C 591 -3.51 14.74 -21.99
CA LEU C 591 -3.93 14.11 -20.73
C LEU C 591 -2.80 14.17 -19.71
N LEU C 592 -1.56 14.02 -20.14
CA LEU C 592 -0.42 14.16 -19.19
C LEU C 592 -0.44 15.57 -18.60
N LYS C 593 -0.66 16.57 -19.47
CA LYS C 593 -0.74 17.97 -19.00
C LYS C 593 -1.87 18.09 -17.99
N LEU C 594 -3.03 17.51 -18.30
CA LEU C 594 -4.19 17.65 -17.39
C LEU C 594 -3.82 17.06 -16.04
N ALA C 595 -3.19 15.89 -16.05
CA ALA C 595 -2.85 15.21 -14.79
C ALA C 595 -1.90 16.08 -13.97
N LYS C 596 -0.88 16.66 -14.61
CA LYS C 596 0.08 17.54 -13.89
C LYS C 596 -0.65 18.76 -13.30
N GLU C 597 -1.57 19.38 -14.10
CA GLU C 597 -2.30 20.57 -13.62
C GLU C 597 -3.11 20.16 -12.38
N ILE C 598 -3.67 18.96 -12.43
CA ILE C 598 -4.52 18.48 -11.29
C ILE C 598 -3.62 18.28 -10.07
N VAL C 599 -2.43 17.71 -10.25
CA VAL C 599 -1.48 17.51 -9.12
C VAL C 599 -1.11 18.87 -8.54
N LYS C 600 -0.99 19.90 -9.35
CA LYS C 600 -0.76 21.27 -8.78
C LYS C 600 -1.85 21.58 -7.74
N MET C 601 -3.15 21.72 -8.11
CA MET C 601 -4.33 21.94 -7.24
C MET C 601 -4.26 21.05 -5.99
#